data_4AXY
# 
_entry.id   4AXY 
# 
_audit_conform.dict_name       mmcif_pdbx.dic 
_audit_conform.dict_version    5.398 
_audit_conform.dict_location   http://mmcif.pdb.org/dictionaries/ascii/mmcif_pdbx.dic 
# 
loop_
_database_2.database_id 
_database_2.database_code 
_database_2.pdbx_database_accession 
_database_2.pdbx_DOI 
PDB   4AXY         pdb_00004axy 10.2210/pdb4axy/pdb 
PDBE  EBI-52731    ?            ?                   
WWPDB D_1290052731 ?            ?                   
# 
loop_
_pdbx_audit_revision_history.ordinal 
_pdbx_audit_revision_history.data_content_type 
_pdbx_audit_revision_history.major_revision 
_pdbx_audit_revision_history.minor_revision 
_pdbx_audit_revision_history.revision_date 
1 'Structure model' 1 0 2012-08-15 
2 'Structure model' 1 1 2012-08-29 
3 'Structure model' 1 2 2015-10-28 
4 'Structure model' 1 3 2024-11-13 
# 
_pdbx_audit_revision_details.ordinal             1 
_pdbx_audit_revision_details.revision_ordinal    1 
_pdbx_audit_revision_details.data_content_type   'Structure model' 
_pdbx_audit_revision_details.provider            repository 
_pdbx_audit_revision_details.type                'Initial release' 
_pdbx_audit_revision_details.description         ? 
_pdbx_audit_revision_details.details             ? 
# 
loop_
_pdbx_audit_revision_group.ordinal 
_pdbx_audit_revision_group.revision_ordinal 
_pdbx_audit_revision_group.data_content_type 
_pdbx_audit_revision_group.group 
1 2 'Structure model' 'Database references'    
2 3 'Structure model' 'Refinement description' 
3 3 'Structure model' 'Source and taxonomy'    
4 4 'Structure model' 'Data collection'        
5 4 'Structure model' 'Database references'    
6 4 'Structure model' 'Derived calculations'   
7 4 'Structure model' Other                    
8 4 'Structure model' 'Structure summary'      
# 
loop_
_pdbx_audit_revision_category.ordinal 
_pdbx_audit_revision_category.revision_ordinal 
_pdbx_audit_revision_category.data_content_type 
_pdbx_audit_revision_category.category 
1 4 'Structure model' chem_comp_atom            
2 4 'Structure model' chem_comp_bond            
3 4 'Structure model' database_2                
4 4 'Structure model' pdbx_database_status      
5 4 'Structure model' pdbx_entry_details        
6 4 'Structure model' pdbx_modification_feature 
7 4 'Structure model' struct_conn               
# 
loop_
_pdbx_audit_revision_item.ordinal 
_pdbx_audit_revision_item.revision_ordinal 
_pdbx_audit_revision_item.data_content_type 
_pdbx_audit_revision_item.item 
1  4 'Structure model' '_database_2.pdbx_DOI'                         
2  4 'Structure model' '_database_2.pdbx_database_accession'          
3  4 'Structure model' '_pdbx_database_status.status_code_sf'         
4  4 'Structure model' '_pdbx_entry_details.has_protein_modification' 
5  4 'Structure model' '_struct_conn.pdbx_leaving_atom_flag'          
6  4 'Structure model' '_struct_conn.ptnr1_auth_comp_id'              
7  4 'Structure model' '_struct_conn.ptnr1_auth_seq_id'               
8  4 'Structure model' '_struct_conn.ptnr1_label_atom_id'             
9  4 'Structure model' '_struct_conn.ptnr1_label_comp_id'             
10 4 'Structure model' '_struct_conn.ptnr1_label_seq_id'              
11 4 'Structure model' '_struct_conn.ptnr2_auth_comp_id'              
12 4 'Structure model' '_struct_conn.ptnr2_auth_seq_id'               
13 4 'Structure model' '_struct_conn.ptnr2_label_atom_id'             
14 4 'Structure model' '_struct_conn.ptnr2_label_comp_id'             
15 4 'Structure model' '_struct_conn.ptnr2_label_seq_id'              
# 
_pdbx_database_status.status_code                     REL 
_pdbx_database_status.entry_id                        4AXY 
_pdbx_database_status.deposit_site                    PDBE 
_pdbx_database_status.process_site                    PDBE 
_pdbx_database_status.SG_entry                        . 
_pdbx_database_status.recvd_initial_deposition_date   2012-06-15 
_pdbx_database_status.pdb_format_compatible           Y 
_pdbx_database_status.status_code_sf                  REL 
_pdbx_database_status.status_code_mr                  ? 
_pdbx_database_status.status_code_cs                  ? 
_pdbx_database_status.methods_development_category    ? 
_pdbx_database_status.status_code_nmr_data            ? 
# 
loop_
_audit_author.name 
_audit_author.pdbx_ordinal 
'Widmer, C.'       1 
'Gebauer, J.M.'    2 
'Brunstein, E.'    3 
'Rosenbaum, S.'    4 
'Zaucke, F.'       5 
'Droegmueller, C.' 6 
'Leeb, T.'         7 
'Baumann, U.'      8 
# 
_citation.id                        primary 
_citation.title                     
'Molecular Basis for the Action of the Collagen-Specific Chaperone Hsp47/Serpinh1 and its Structure-Specific Client Recognition.' 
_citation.journal_abbrev            Proc.Natl.Acad.Sci.USA 
_citation.journal_volume            109 
_citation.page_first                13243 
_citation.page_last                 ? 
_citation.year                      2012 
_citation.journal_id_ASTM           PNASA6 
_citation.country                   US 
_citation.journal_id_ISSN           0027-8424 
_citation.journal_id_CSD            0040 
_citation.book_publisher            ? 
_citation.pdbx_database_id_PubMed   22847422 
_citation.pdbx_database_id_DOI      10.1073/PNAS.1208072109 
# 
loop_
_citation_author.citation_id 
_citation_author.name 
_citation_author.ordinal 
_citation_author.identifier_ORCID 
primary 'Widmer, C.'      1 ? 
primary 'Gebauer, J.M.'   2 ? 
primary 'Brunstein, E.'   3 ? 
primary 'Rosenbaum, S.'   4 ? 
primary 'Zaucke, F.'      5 ? 
primary 'Drogemuller, C.' 6 ? 
primary 'Leeb, T.'        7 ? 
primary 'Baumann, U.'     8 ? 
# 
loop_
_entity.id 
_entity.type 
_entity.src_method 
_entity.pdbx_description 
_entity.formula_weight 
_entity.pdbx_number_of_molecules 
_entity.pdbx_ec 
_entity.pdbx_mutation 
_entity.pdbx_fragment 
_entity.details 
1 polymer syn 'COLLAGEN-LIKE PEPTIDE' 1613.817 3  ? ? ? ? 
2 water   nat water                   18.015   68 ? ? ? ? 
# 
_entity_name_com.entity_id   1 
_entity_name_com.name        'HSP47 BINDING COLLAGEN-LIKE PEPTIDE' 
# 
_entity_poly.entity_id                      1 
_entity_poly.type                           'polypeptide(L)' 
_entity_poly.nstd_linkage                   no 
_entity_poly.nstd_monomer                   yes 
_entity_poly.pdbx_seq_one_letter_code       '(ACE)PPGPPGPTGPRGPPGPPG(NH2)' 
_entity_poly.pdbx_seq_one_letter_code_can   XPPGPPGPTGPRGPPGPPGX 
_entity_poly.pdbx_strand_id                 A,B,C 
_entity_poly.pdbx_target_identifier         ? 
# 
_pdbx_entity_nonpoly.entity_id   2 
_pdbx_entity_nonpoly.name        water 
_pdbx_entity_nonpoly.comp_id     HOH 
# 
loop_
_entity_poly_seq.entity_id 
_entity_poly_seq.num 
_entity_poly_seq.mon_id 
_entity_poly_seq.hetero 
1 1  ACE n 
1 2  PRO n 
1 3  PRO n 
1 4  GLY n 
1 5  PRO n 
1 6  PRO n 
1 7  GLY n 
1 8  PRO n 
1 9  THR n 
1 10 GLY n 
1 11 PRO n 
1 12 ARG n 
1 13 GLY n 
1 14 PRO n 
1 15 PRO n 
1 16 GLY n 
1 17 PRO n 
1 18 PRO n 
1 19 GLY n 
1 20 NH2 n 
# 
_pdbx_entity_src_syn.entity_id              1 
_pdbx_entity_src_syn.pdbx_src_id            1 
_pdbx_entity_src_syn.pdbx_alt_source_flag   sample 
_pdbx_entity_src_syn.pdbx_beg_seq_num       ? 
_pdbx_entity_src_syn.pdbx_end_seq_num       ? 
_pdbx_entity_src_syn.organism_scientific    'SYNTHETIC CONSTRUCT' 
_pdbx_entity_src_syn.organism_common_name   ? 
_pdbx_entity_src_syn.ncbi_taxonomy_id       32630 
_pdbx_entity_src_syn.details                ? 
# 
loop_
_chem_comp.id 
_chem_comp.type 
_chem_comp.mon_nstd_flag 
_chem_comp.name 
_chem_comp.pdbx_synonyms 
_chem_comp.formula 
_chem_comp.formula_weight 
ACE non-polymer         . 'ACETYL GROUP' ? 'C2 H4 O'        44.053  
ARG 'L-peptide linking' y ARGININE       ? 'C6 H15 N4 O2 1' 175.209 
GLY 'peptide linking'   y GLYCINE        ? 'C2 H5 N O2'     75.067  
HOH non-polymer         . WATER          ? 'H2 O'           18.015  
NH2 non-polymer         . 'AMINO GROUP'  ? 'H2 N'           16.023  
PRO 'L-peptide linking' y PROLINE        ? 'C5 H9 N O2'     115.130 
THR 'L-peptide linking' y THREONINE      ? 'C4 H9 N O3'     119.119 
# 
loop_
_pdbx_poly_seq_scheme.asym_id 
_pdbx_poly_seq_scheme.entity_id 
_pdbx_poly_seq_scheme.seq_id 
_pdbx_poly_seq_scheme.mon_id 
_pdbx_poly_seq_scheme.ndb_seq_num 
_pdbx_poly_seq_scheme.pdb_seq_num 
_pdbx_poly_seq_scheme.auth_seq_num 
_pdbx_poly_seq_scheme.pdb_mon_id 
_pdbx_poly_seq_scheme.auth_mon_id 
_pdbx_poly_seq_scheme.pdb_strand_id 
_pdbx_poly_seq_scheme.pdb_ins_code 
_pdbx_poly_seq_scheme.hetero 
A 1 1  ACE 1  0  0  ACE ACE A . n 
A 1 2  PRO 2  1  1  PRO PRO A . n 
A 1 3  PRO 3  2  2  PRO PRO A . n 
A 1 4  GLY 4  3  3  GLY GLY A . n 
A 1 5  PRO 5  4  4  PRO PRO A . n 
A 1 6  PRO 6  5  5  PRO PRO A . n 
A 1 7  GLY 7  6  6  GLY GLY A . n 
A 1 8  PRO 8  7  7  PRO PRO A . n 
A 1 9  THR 9  8  8  THR THR A . n 
A 1 10 GLY 10 9  9  GLY GLY A . n 
A 1 11 PRO 11 10 10 PRO PRO A . n 
A 1 12 ARG 12 11 11 ARG ARG A . n 
A 1 13 GLY 13 12 12 GLY GLY A . n 
A 1 14 PRO 14 13 13 PRO PRO A . n 
A 1 15 PRO 15 14 14 PRO PRO A . n 
A 1 16 GLY 16 15 15 GLY GLY A . n 
A 1 17 PRO 17 16 16 PRO PRO A . n 
A 1 18 PRO 18 17 17 PRO PRO A . n 
A 1 19 GLY 19 18 18 GLY GLY A . n 
A 1 20 NH2 20 19 19 NH2 NH2 A . n 
B 1 1  ACE 1  0  0  ACE ACE B . n 
B 1 2  PRO 2  1  1  PRO PRO B . n 
B 1 3  PRO 3  2  2  PRO PRO B . n 
B 1 4  GLY 4  3  3  GLY GLY B . n 
B 1 5  PRO 5  4  4  PRO PRO B . n 
B 1 6  PRO 6  5  5  PRO PRO B . n 
B 1 7  GLY 7  6  6  GLY GLY B . n 
B 1 8  PRO 8  7  7  PRO PRO B . n 
B 1 9  THR 9  8  8  THR THR B . n 
B 1 10 GLY 10 9  9  GLY GLY B . n 
B 1 11 PRO 11 10 10 PRO PRO B . n 
B 1 12 ARG 12 11 11 ARG ARG B . n 
B 1 13 GLY 13 12 12 GLY GLY B . n 
B 1 14 PRO 14 13 13 PRO PRO B . n 
B 1 15 PRO 15 14 14 PRO PRO B . n 
B 1 16 GLY 16 15 15 GLY GLY B . n 
B 1 17 PRO 17 16 16 PRO PRO B . n 
B 1 18 PRO 18 17 17 PRO PRO B . n 
B 1 19 GLY 19 18 18 GLY GLY B . n 
B 1 20 NH2 20 19 19 NH2 NH2 B . n 
C 1 1  ACE 1  0  0  ACE ACE C . n 
C 1 2  PRO 2  1  1  PRO PRO C . n 
C 1 3  PRO 3  2  2  PRO PRO C . n 
C 1 4  GLY 4  3  3  GLY GLY C . n 
C 1 5  PRO 5  4  4  PRO PRO C . n 
C 1 6  PRO 6  5  5  PRO PRO C . n 
C 1 7  GLY 7  6  6  GLY GLY C . n 
C 1 8  PRO 8  7  7  PRO PRO C . n 
C 1 9  THR 9  8  8  THR THR C . n 
C 1 10 GLY 10 9  9  GLY GLY C . n 
C 1 11 PRO 11 10 10 PRO PRO C . n 
C 1 12 ARG 12 11 11 ARG ARG C . n 
C 1 13 GLY 13 12 12 GLY GLY C . n 
C 1 14 PRO 14 13 13 PRO PRO C . n 
C 1 15 PRO 15 14 14 PRO PRO C . n 
C 1 16 GLY 16 15 15 GLY GLY C . n 
C 1 17 PRO 17 16 16 PRO PRO C . n 
C 1 18 PRO 18 17 17 PRO PRO C . n 
C 1 19 GLY 19 18 18 GLY GLY C . n 
C 1 20 NH2 20 19 19 NH2 NH2 C . n 
# 
loop_
_pdbx_nonpoly_scheme.asym_id 
_pdbx_nonpoly_scheme.entity_id 
_pdbx_nonpoly_scheme.mon_id 
_pdbx_nonpoly_scheme.ndb_seq_num 
_pdbx_nonpoly_scheme.pdb_seq_num 
_pdbx_nonpoly_scheme.auth_seq_num 
_pdbx_nonpoly_scheme.pdb_mon_id 
_pdbx_nonpoly_scheme.auth_mon_id 
_pdbx_nonpoly_scheme.pdb_strand_id 
_pdbx_nonpoly_scheme.pdb_ins_code 
D 2 HOH 1  2001 2001 HOH HOH A . 
D 2 HOH 2  2002 2002 HOH HOH A . 
D 2 HOH 3  2003 2003 HOH HOH A . 
D 2 HOH 4  2004 2004 HOH HOH A . 
D 2 HOH 5  2005 2005 HOH HOH A . 
D 2 HOH 6  2006 2006 HOH HOH A . 
D 2 HOH 7  2007 2007 HOH HOH A . 
D 2 HOH 8  2008 2008 HOH HOH A . 
D 2 HOH 9  2009 2009 HOH HOH A . 
D 2 HOH 10 2010 2010 HOH HOH A . 
D 2 HOH 11 2011 2011 HOH HOH A . 
D 2 HOH 12 2012 2012 HOH HOH A . 
D 2 HOH 13 2013 2013 HOH HOH A . 
D 2 HOH 14 2014 2014 HOH HOH A . 
D 2 HOH 15 2015 2015 HOH HOH A . 
D 2 HOH 16 2016 2016 HOH HOH A . 
D 2 HOH 17 2017 2017 HOH HOH A . 
D 2 HOH 18 2018 2018 HOH HOH A . 
D 2 HOH 19 2019 2019 HOH HOH A . 
D 2 HOH 20 2020 2020 HOH HOH A . 
D 2 HOH 21 2021 2021 HOH HOH A . 
D 2 HOH 22 2022 2022 HOH HOH A . 
D 2 HOH 23 2023 2023 HOH HOH A . 
D 2 HOH 24 2024 2024 HOH HOH A . 
D 2 HOH 25 2025 2025 HOH HOH A . 
D 2 HOH 26 2026 2026 HOH HOH A . 
D 2 HOH 27 2027 2027 HOH HOH A . 
D 2 HOH 28 2028 2028 HOH HOH A . 
E 2 HOH 1  2001 2001 HOH HOH B . 
E 2 HOH 2  2002 2002 HOH HOH B . 
E 2 HOH 3  2003 2003 HOH HOH B . 
E 2 HOH 4  2004 2004 HOH HOH B . 
E 2 HOH 5  2005 2005 HOH HOH B . 
E 2 HOH 6  2006 2006 HOH HOH B . 
E 2 HOH 7  2007 2007 HOH HOH B . 
E 2 HOH 8  2008 2008 HOH HOH B . 
E 2 HOH 9  2009 2009 HOH HOH B . 
E 2 HOH 10 2010 2010 HOH HOH B . 
E 2 HOH 11 2011 2011 HOH HOH B . 
E 2 HOH 12 2012 2012 HOH HOH B . 
E 2 HOH 13 2013 2013 HOH HOH B . 
E 2 HOH 14 2014 2014 HOH HOH B . 
E 2 HOH 15 2015 2015 HOH HOH B . 
E 2 HOH 16 2016 2016 HOH HOH B . 
E 2 HOH 17 2017 2017 HOH HOH B . 
E 2 HOH 18 2018 2018 HOH HOH B . 
E 2 HOH 19 2019 2019 HOH HOH B . 
E 2 HOH 20 2020 2020 HOH HOH B . 
E 2 HOH 21 2021 2021 HOH HOH B . 
F 2 HOH 1  2001 2001 HOH HOH C . 
F 2 HOH 2  2002 2002 HOH HOH C . 
F 2 HOH 3  2003 2003 HOH HOH C . 
F 2 HOH 4  2004 2004 HOH HOH C . 
F 2 HOH 5  2005 2005 HOH HOH C . 
F 2 HOH 6  2006 2006 HOH HOH C . 
F 2 HOH 7  2007 2007 HOH HOH C . 
F 2 HOH 8  2008 2008 HOH HOH C . 
F 2 HOH 9  2009 2009 HOH HOH C . 
F 2 HOH 10 2010 2010 HOH HOH C . 
F 2 HOH 11 2011 2011 HOH HOH C . 
F 2 HOH 12 2012 2012 HOH HOH C . 
F 2 HOH 13 2013 2013 HOH HOH C . 
F 2 HOH 14 2014 2014 HOH HOH C . 
F 2 HOH 15 2015 2015 HOH HOH C . 
F 2 HOH 16 2016 2016 HOH HOH C . 
F 2 HOH 17 2017 2017 HOH HOH C . 
F 2 HOH 18 2018 2018 HOH HOH C . 
F 2 HOH 19 2019 2019 HOH HOH C . 
# 
loop_
_software.name 
_software.classification 
_software.version 
_software.citation_id 
_software.pdbx_ordinal 
PHENIX refinement       '(PHENIX.REFINE: DEV_1051)' ? 1 
MOSFLM 'data reduction' .                           ? 2 
SCALA  'data scaling'   .                           ? 3 
PHASER phasing          .                           ? 4 
# 
_cell.entry_id           4AXY 
_cell.length_a           45.670 
_cell.length_b           45.670 
_cell.length_c           34.380 
_cell.angle_alpha        90.00 
_cell.angle_beta         90.00 
_cell.angle_gamma        90.00 
_cell.Z_PDB              24 
_cell.pdbx_unique_axis   ? 
# 
_symmetry.entry_id                         4AXY 
_symmetry.space_group_name_H-M             'P 43 21 2' 
_symmetry.pdbx_full_space_group_name_H-M   ? 
_symmetry.cell_setting                     ? 
_symmetry.Int_Tables_number                96 
# 
_exptl.entry_id          4AXY 
_exptl.method            'X-RAY DIFFRACTION' 
_exptl.crystals_number   1 
# 
_exptl_crystal.id                    1 
_exptl_crystal.density_meas          ? 
_exptl_crystal.density_Matthews      1.48 
_exptl_crystal.density_percent_sol   16.7 
_exptl_crystal.description           'MR WAS DONE WITH PARTS OF THE STRUCTURE PUBLISHED IN THE SAME ARTICLE AS THIS ENTRY.' 
# 
_exptl_crystal_grow.crystal_id      1 
_exptl_crystal_grow.method          ? 
_exptl_crystal_grow.temp            ? 
_exptl_crystal_grow.temp_details    ? 
_exptl_crystal_grow.pH              5.75 
_exptl_crystal_grow.pdbx_pH_range   ? 
_exptl_crystal_grow.pdbx_details    '3.15 M AMMONIUM SULFATE, 0.05 M CITRIC ACID PH 5.75' 
# 
_diffrn.id                     1 
_diffrn.ambient_temp           100 
_diffrn.ambient_temp_details   ? 
_diffrn.crystal_id             1 
# 
_diffrn_detector.diffrn_id              1 
_diffrn_detector.detector               CCD 
_diffrn_detector.type                   'MARMOSAIC 225 mm CCD' 
_diffrn_detector.pdbx_collection_date   2011-11-06 
_diffrn_detector.details                ? 
# 
_diffrn_radiation.diffrn_id                        1 
_diffrn_radiation.wavelength_id                    1 
_diffrn_radiation.pdbx_monochromatic_or_laue_m_l   M 
_diffrn_radiation.monochromator                    ? 
_diffrn_radiation.pdbx_diffrn_protocol             'SINGLE WAVELENGTH' 
_diffrn_radiation.pdbx_scattering_type             x-ray 
# 
_diffrn_radiation_wavelength.id           1 
_diffrn_radiation_wavelength.wavelength   1 
_diffrn_radiation_wavelength.wt           1.0 
# 
_diffrn_source.diffrn_id                   1 
_diffrn_source.source                      SYNCHROTRON 
_diffrn_source.type                        'SLS BEAMLINE X06DA' 
_diffrn_source.pdbx_synchrotron_site       SLS 
_diffrn_source.pdbx_synchrotron_beamline   X06DA 
_diffrn_source.pdbx_wavelength             1 
_diffrn_source.pdbx_wavelength_list        ? 
# 
_reflns.pdbx_diffrn_id               1 
_reflns.pdbx_ordinal                 1 
_reflns.entry_id                     4AXY 
_reflns.observed_criterion_sigma_I   3.0 
_reflns.observed_criterion_sigma_F   ? 
_reflns.d_resolution_low             100.00 
_reflns.d_resolution_high            1.24 
_reflns.number_obs                   10802 
_reflns.number_all                   ? 
_reflns.percent_possible_obs         100.0 
_reflns.pdbx_Rmerge_I_obs            0.06 
_reflns.pdbx_Rsym_value              ? 
_reflns.pdbx_netI_over_sigmaI        20.60 
_reflns.B_iso_Wilson_estimate        ? 
_reflns.pdbx_redundancy              12.6 
# 
_reflns_shell.pdbx_diffrn_id         1 
_reflns_shell.pdbx_ordinal           1 
_reflns_shell.d_res_high             1.24 
_reflns_shell.d_res_low              1.31 
_reflns_shell.percent_possible_all   99.9 
_reflns_shell.Rmerge_I_obs           0.49 
_reflns_shell.pdbx_Rsym_value        ? 
_reflns_shell.meanI_over_sigI_obs    3.60 
_reflns_shell.pdbx_redundancy        6.9 
# 
_refine.pdbx_refine_id                           'X-RAY DIFFRACTION' 
_refine.entry_id                                 4AXY 
_refine.pdbx_diffrn_id                           1 
_refine.pdbx_TLS_residual_ADP_flag               ? 
_refine.ls_number_reflns_obs                     10764 
_refine.ls_number_reflns_all                     ? 
_refine.pdbx_ls_sigma_I                          ? 
_refine.pdbx_ls_sigma_F                          1.18 
_refine.pdbx_data_cutoff_high_absF               ? 
_refine.pdbx_data_cutoff_low_absF                ? 
_refine.pdbx_data_cutoff_high_rms_absF           ? 
_refine.ls_d_res_low                             32.294 
_refine.ls_d_res_high                            1.24 
_refine.ls_percent_reflns_obs                    99.92 
_refine.ls_R_factor_obs                          0.1511 
_refine.ls_R_factor_all                          ? 
_refine.ls_R_factor_R_work                       0.1499 
_refine.ls_R_factor_R_free                       0.1728 
_refine.ls_R_factor_R_free_error                 ? 
_refine.ls_R_factor_R_free_error_details         ? 
_refine.ls_percent_reflns_R_free                 5.0 
_refine.ls_number_reflns_R_free                  539 
_refine.ls_number_parameters                     ? 
_refine.ls_number_restraints                     ? 
_refine.occupancy_min                            ? 
_refine.occupancy_max                            ? 
_refine.correlation_coeff_Fo_to_Fc               ? 
_refine.correlation_coeff_Fo_to_Fc_free          ? 
_refine.B_iso_mean                               ? 
_refine.aniso_B[1][1]                            ? 
_refine.aniso_B[2][2]                            ? 
_refine.aniso_B[3][3]                            ? 
_refine.aniso_B[1][2]                            ? 
_refine.aniso_B[1][3]                            ? 
_refine.aniso_B[2][3]                            ? 
_refine.solvent_model_details                    'FLAT BULK SOLVENT MODEL' 
_refine.solvent_model_param_ksol                 ? 
_refine.solvent_model_param_bsol                 ? 
_refine.pdbx_solvent_vdw_probe_radii             1.11 
_refine.pdbx_solvent_ion_probe_radii             ? 
_refine.pdbx_solvent_shrinkage_radii             0.90 
_refine.pdbx_ls_cross_valid_method               ? 
_refine.details                                  ? 
_refine.pdbx_starting_model                      ? 
_refine.pdbx_method_to_determine_struct          'MOLECULAR REPLACEMENT' 
_refine.pdbx_isotropic_thermal_model             ? 
_refine.pdbx_stereochemistry_target_values       ML 
_refine.pdbx_stereochem_target_val_spec_case     ? 
_refine.pdbx_R_Free_selection_details            ? 
_refine.pdbx_overall_ESU_R                       ? 
_refine.pdbx_overall_ESU_R_Free                  ? 
_refine.overall_SU_ML                            0.12 
_refine.pdbx_overall_phase_error                 20.18 
_refine.overall_SU_B                             ? 
_refine.overall_SU_R_Cruickshank_DPI             ? 
_refine.pdbx_overall_SU_R_free_Cruickshank_DPI   ? 
_refine.pdbx_overall_SU_R_Blow_DPI               ? 
_refine.pdbx_overall_SU_R_free_Blow_DPI          ? 
# 
_refine_hist.pdbx_refine_id                   'X-RAY DIFFRACTION' 
_refine_hist.cycle_id                         LAST 
_refine_hist.pdbx_number_atoms_protein        348 
_refine_hist.pdbx_number_atoms_nucleic_acid   0 
_refine_hist.pdbx_number_atoms_ligand         0 
_refine_hist.number_atoms_solvent             68 
_refine_hist.number_atoms_total               416 
_refine_hist.d_res_high                       1.24 
_refine_hist.d_res_low                        32.294 
# 
loop_
_refine_ls_restr.type 
_refine_ls_restr.dev_ideal 
_refine_ls_restr.dev_ideal_target 
_refine_ls_restr.weight 
_refine_ls_restr.number 
_refine_ls_restr.pdbx_refine_id 
_refine_ls_restr.pdbx_restraint_function 
f_bond_d           0.011 ? ? 396 'X-RAY DIFFRACTION' ? 
f_angle_d          1.444 ? ? 549 'X-RAY DIFFRACTION' ? 
f_dihedral_angle_d 7.786 ? ? 176 'X-RAY DIFFRACTION' ? 
f_chiral_restr     0.039 ? ? 41  'X-RAY DIFFRACTION' ? 
f_plane_restr      0.008 ? ? 89  'X-RAY DIFFRACTION' ? 
# 
loop_
_refine_ls_shell.pdbx_refine_id 
_refine_ls_shell.pdbx_total_number_of_bins_used 
_refine_ls_shell.d_res_high 
_refine_ls_shell.d_res_low 
_refine_ls_shell.number_reflns_R_work 
_refine_ls_shell.R_factor_R_work 
_refine_ls_shell.percent_reflns_obs 
_refine_ls_shell.R_factor_R_free 
_refine_ls_shell.R_factor_R_free_error 
_refine_ls_shell.percent_reflns_R_free 
_refine_ls_shell.number_reflns_R_free 
_refine_ls_shell.number_reflns_all 
_refine_ls_shell.R_factor_all 
'X-RAY DIFFRACTION' . 1.2400 1.3648  2479 0.1724 100.00 0.2111 . . 130 . . 
'X-RAY DIFFRACTION' . 1.3648 1.5623  2517 0.1435 100.00 0.1871 . . 133 . . 
'X-RAY DIFFRACTION' . 1.5623 1.9683  2547 0.1336 100.00 0.1501 . . 134 . . 
'X-RAY DIFFRACTION' . 1.9683 32.3045 2682 0.1539 100.00 0.1734 . . 142 . . 
# 
_struct.entry_id                  4AXY 
_struct.title                     
'A molecular basis for the action of the collagen-specific chaperone Hsp47-SERPINH1 and its structure-specific client recognition.' 
_struct.pdbx_model_details        ? 
_struct.pdbx_CASP_flag            ? 
_struct.pdbx_model_type_details   ? 
# 
_struct_keywords.entry_id        4AXY 
_struct_keywords.pdbx_keywords   'STRUCTURAL PROTEIN' 
_struct_keywords.text            'STRUCTURAL PROTEIN, CMP' 
# 
loop_
_struct_asym.id 
_struct_asym.pdbx_blank_PDB_chainid_flag 
_struct_asym.pdbx_modified 
_struct_asym.entity_id 
_struct_asym.details 
A N N 1 ? 
B N N 1 ? 
C N N 1 ? 
D N N 2 ? 
E N N 2 ? 
F N N 2 ? 
# 
_struct_ref.id                         1 
_struct_ref.db_name                    PDB 
_struct_ref.db_code                    4AXY 
_struct_ref.entity_id                  1 
_struct_ref.pdbx_seq_one_letter_code   ? 
_struct_ref.pdbx_align_begin           ? 
_struct_ref.pdbx_db_accession          4AXY 
_struct_ref.pdbx_db_isoform            ? 
# 
loop_
_struct_ref_seq.align_id 
_struct_ref_seq.ref_id 
_struct_ref_seq.pdbx_PDB_id_code 
_struct_ref_seq.pdbx_strand_id 
_struct_ref_seq.seq_align_beg 
_struct_ref_seq.pdbx_seq_align_beg_ins_code 
_struct_ref_seq.seq_align_end 
_struct_ref_seq.pdbx_seq_align_end_ins_code 
_struct_ref_seq.pdbx_db_accession 
_struct_ref_seq.db_align_beg 
_struct_ref_seq.pdbx_db_align_beg_ins_code 
_struct_ref_seq.db_align_end 
_struct_ref_seq.pdbx_db_align_end_ins_code 
_struct_ref_seq.pdbx_auth_seq_align_beg 
_struct_ref_seq.pdbx_auth_seq_align_end 
1 1 4AXY A 1 ? 20 ? 4AXY 0 ? 19 ? 0 19 
2 1 4AXY B 1 ? 20 ? 4AXY 0 ? 19 ? 0 19 
3 1 4AXY C 1 ? 20 ? 4AXY 0 ? 19 ? 0 19 
# 
_pdbx_struct_assembly.id                   1 
_pdbx_struct_assembly.details              author_and_software_defined_assembly 
_pdbx_struct_assembly.method_details       PISA 
_pdbx_struct_assembly.oligomeric_details   trimeric 
_pdbx_struct_assembly.oligomeric_count     3 
# 
loop_
_pdbx_struct_assembly_prop.biol_id 
_pdbx_struct_assembly_prop.type 
_pdbx_struct_assembly_prop.value 
_pdbx_struct_assembly_prop.details 
1 'ABSA (A^2)' 3610  ? 
1 MORE         -23.4 ? 
1 'SSA (A^2)'  3280  ? 
# 
_pdbx_struct_assembly_gen.assembly_id       1 
_pdbx_struct_assembly_gen.oper_expression   1 
_pdbx_struct_assembly_gen.asym_id_list      A,B,C,D,E,F 
# 
_pdbx_struct_oper_list.id                   1 
_pdbx_struct_oper_list.type                 'identity operation' 
_pdbx_struct_oper_list.name                 1_555 
_pdbx_struct_oper_list.symmetry_operation   x,y,z 
_pdbx_struct_oper_list.matrix[1][1]         1.0000000000 
_pdbx_struct_oper_list.matrix[1][2]         0.0000000000 
_pdbx_struct_oper_list.matrix[1][3]         0.0000000000 
_pdbx_struct_oper_list.vector[1]            0.0000000000 
_pdbx_struct_oper_list.matrix[2][1]         0.0000000000 
_pdbx_struct_oper_list.matrix[2][2]         1.0000000000 
_pdbx_struct_oper_list.matrix[2][3]         0.0000000000 
_pdbx_struct_oper_list.vector[2]            0.0000000000 
_pdbx_struct_oper_list.matrix[3][1]         0.0000000000 
_pdbx_struct_oper_list.matrix[3][2]         0.0000000000 
_pdbx_struct_oper_list.matrix[3][3]         1.0000000000 
_pdbx_struct_oper_list.vector[3]            0.0000000000 
# 
_struct_biol.id   1 
# 
loop_
_struct_conn.id 
_struct_conn.conn_type_id 
_struct_conn.pdbx_leaving_atom_flag 
_struct_conn.pdbx_PDB_id 
_struct_conn.ptnr1_label_asym_id 
_struct_conn.ptnr1_label_comp_id 
_struct_conn.ptnr1_label_seq_id 
_struct_conn.ptnr1_label_atom_id 
_struct_conn.pdbx_ptnr1_label_alt_id 
_struct_conn.pdbx_ptnr1_PDB_ins_code 
_struct_conn.pdbx_ptnr1_standard_comp_id 
_struct_conn.ptnr1_symmetry 
_struct_conn.ptnr2_label_asym_id 
_struct_conn.ptnr2_label_comp_id 
_struct_conn.ptnr2_label_seq_id 
_struct_conn.ptnr2_label_atom_id 
_struct_conn.pdbx_ptnr2_label_alt_id 
_struct_conn.pdbx_ptnr2_PDB_ins_code 
_struct_conn.ptnr1_auth_asym_id 
_struct_conn.ptnr1_auth_comp_id 
_struct_conn.ptnr1_auth_seq_id 
_struct_conn.ptnr2_auth_asym_id 
_struct_conn.ptnr2_auth_comp_id 
_struct_conn.ptnr2_auth_seq_id 
_struct_conn.ptnr2_symmetry 
_struct_conn.pdbx_ptnr3_label_atom_id 
_struct_conn.pdbx_ptnr3_label_seq_id 
_struct_conn.pdbx_ptnr3_label_comp_id 
_struct_conn.pdbx_ptnr3_label_asym_id 
_struct_conn.pdbx_ptnr3_label_alt_id 
_struct_conn.pdbx_ptnr3_PDB_ins_code 
_struct_conn.details 
_struct_conn.pdbx_dist_value 
_struct_conn.pdbx_value_order 
_struct_conn.pdbx_role 
covale1 covale both ? A ACE 1  C ? ? ? 1_555 A PRO 2  N ? ? A ACE 0  A PRO 1  1_555 ? ? ? ? ? ? ? 1.334 ? ? 
covale2 covale both ? A GLY 19 C ? ? ? 1_555 A NH2 20 N ? ? A GLY 18 A NH2 19 1_555 ? ? ? ? ? ? ? 1.326 ? ? 
covale3 covale both ? B ACE 1  C ? ? ? 1_555 B PRO 2  N ? ? B ACE 0  B PRO 1  1_555 ? ? ? ? ? ? ? 1.327 ? ? 
covale4 covale both ? B GLY 19 C ? ? ? 1_555 B NH2 20 N ? ? B GLY 18 B NH2 19 1_555 ? ? ? ? ? ? ? 1.299 ? ? 
covale5 covale both ? C ACE 1  C ? ? ? 1_555 C PRO 2  N ? ? C ACE 0  C PRO 1  1_555 ? ? ? ? ? ? ? 1.328 ? ? 
covale6 covale both ? C GLY 19 C ? ? ? 1_555 C NH2 20 N ? ? C GLY 18 C NH2 19 1_555 ? ? ? ? ? ? ? 1.328 ? ? 
# 
_struct_conn_type.id          covale 
_struct_conn_type.criteria    ? 
_struct_conn_type.reference   ? 
# 
loop_
_pdbx_modification_feature.ordinal 
_pdbx_modification_feature.label_comp_id 
_pdbx_modification_feature.label_asym_id 
_pdbx_modification_feature.label_seq_id 
_pdbx_modification_feature.label_alt_id 
_pdbx_modification_feature.modified_residue_label_comp_id 
_pdbx_modification_feature.modified_residue_label_asym_id 
_pdbx_modification_feature.modified_residue_label_seq_id 
_pdbx_modification_feature.modified_residue_label_alt_id 
_pdbx_modification_feature.auth_comp_id 
_pdbx_modification_feature.auth_asym_id 
_pdbx_modification_feature.auth_seq_id 
_pdbx_modification_feature.PDB_ins_code 
_pdbx_modification_feature.symmetry 
_pdbx_modification_feature.modified_residue_auth_comp_id 
_pdbx_modification_feature.modified_residue_auth_asym_id 
_pdbx_modification_feature.modified_residue_auth_seq_id 
_pdbx_modification_feature.modified_residue_PDB_ins_code 
_pdbx_modification_feature.modified_residue_symmetry 
_pdbx_modification_feature.comp_id_linking_atom 
_pdbx_modification_feature.modified_residue_id_linking_atom 
_pdbx_modification_feature.modified_residue_id 
_pdbx_modification_feature.ref_pcm_id 
_pdbx_modification_feature.ref_comp_id 
_pdbx_modification_feature.type 
_pdbx_modification_feature.category 
1 ACE A 1  ? PRO A 2  ? ACE A 0  ? 1_555 PRO A 1  ? 1_555 . . PRO 13 ACE None 'Terminal acetylation' 
2 ACE B 1  ? PRO B 2  ? ACE B 0  ? 1_555 PRO B 1  ? 1_555 . . PRO 13 ACE None 'Terminal acetylation' 
3 ACE C 1  ? PRO C 2  ? ACE C 0  ? 1_555 PRO C 1  ? 1_555 . . PRO 13 ACE None 'Terminal acetylation' 
4 NH2 A 20 ? GLY A 19 ? NH2 A 19 ? 1_555 GLY A 18 ? 1_555 . . GLY 12 NH2 None 'Terminal amidation'   
5 NH2 B 20 ? GLY B 19 ? NH2 B 19 ? 1_555 GLY B 18 ? 1_555 . . GLY 12 NH2 None 'Terminal amidation'   
6 NH2 C 20 ? GLY C 19 ? NH2 C 19 ? 1_555 GLY C 18 ? 1_555 . . GLY 12 NH2 None 'Terminal amidation'   
# 
_pdbx_entry_details.entry_id                   4AXY 
_pdbx_entry_details.compound_details           ? 
_pdbx_entry_details.source_details             ? 
_pdbx_entry_details.nonpolymer_details         
;ACETYL GROUP (ACE): THE N-TERMINUS WAS ACETYLATED TO
 PREVENT CHARGES.
AMINO GROUP (NH2): THE C-TERMINUS WAS AM AMIDATED TO
 PREVENT CHARGES.
;
_pdbx_entry_details.sequence_details           ? 
_pdbx_entry_details.has_ligand_of_interest     ? 
_pdbx_entry_details.has_protein_modification   Y 
# 
loop_
_pdbx_validate_close_contact.id 
_pdbx_validate_close_contact.PDB_model_num 
_pdbx_validate_close_contact.auth_atom_id_1 
_pdbx_validate_close_contact.auth_asym_id_1 
_pdbx_validate_close_contact.auth_comp_id_1 
_pdbx_validate_close_contact.auth_seq_id_1 
_pdbx_validate_close_contact.PDB_ins_code_1 
_pdbx_validate_close_contact.label_alt_id_1 
_pdbx_validate_close_contact.auth_atom_id_2 
_pdbx_validate_close_contact.auth_asym_id_2 
_pdbx_validate_close_contact.auth_comp_id_2 
_pdbx_validate_close_contact.auth_seq_id_2 
_pdbx_validate_close_contact.PDB_ins_code_2 
_pdbx_validate_close_contact.label_alt_id_2 
_pdbx_validate_close_contact.dist 
1 1 O A HOH 2019 ? ? O A HOH 2022 ? ? 1.70 
2 1 O A HOH 2011 ? ? O A HOH 2012 ? ? 2.02 
# 
loop_
_pdbx_validate_symm_contact.id 
_pdbx_validate_symm_contact.PDB_model_num 
_pdbx_validate_symm_contact.auth_atom_id_1 
_pdbx_validate_symm_contact.auth_asym_id_1 
_pdbx_validate_symm_contact.auth_comp_id_1 
_pdbx_validate_symm_contact.auth_seq_id_1 
_pdbx_validate_symm_contact.PDB_ins_code_1 
_pdbx_validate_symm_contact.label_alt_id_1 
_pdbx_validate_symm_contact.site_symmetry_1 
_pdbx_validate_symm_contact.auth_atom_id_2 
_pdbx_validate_symm_contact.auth_asym_id_2 
_pdbx_validate_symm_contact.auth_comp_id_2 
_pdbx_validate_symm_contact.auth_seq_id_2 
_pdbx_validate_symm_contact.PDB_ins_code_2 
_pdbx_validate_symm_contact.label_alt_id_2 
_pdbx_validate_symm_contact.site_symmetry_2 
_pdbx_validate_symm_contact.dist 
1 1 O A HOH 2001 ? ? 1_555 O A HOH 2001 ? ? 7_555 1.92 
2 1 O B HOH 2004 ? ? 1_555 O B HOH 2004 ? ? 8_554 1.94 
3 1 O A HOH 2011 ? ? 1_555 O C HOH 2018 ? ? 6_545 2.03 
# 
_pdbx_validate_rmsd_angle.id                         1 
_pdbx_validate_rmsd_angle.PDB_model_num              1 
_pdbx_validate_rmsd_angle.auth_atom_id_1             O 
_pdbx_validate_rmsd_angle.auth_asym_id_1             B 
_pdbx_validate_rmsd_angle.auth_comp_id_1             ACE 
_pdbx_validate_rmsd_angle.auth_seq_id_1              0 
_pdbx_validate_rmsd_angle.PDB_ins_code_1             ? 
_pdbx_validate_rmsd_angle.label_alt_id_1             ? 
_pdbx_validate_rmsd_angle.auth_atom_id_2             C 
_pdbx_validate_rmsd_angle.auth_asym_id_2             B 
_pdbx_validate_rmsd_angle.auth_comp_id_2             ACE 
_pdbx_validate_rmsd_angle.auth_seq_id_2              0 
_pdbx_validate_rmsd_angle.PDB_ins_code_2             ? 
_pdbx_validate_rmsd_angle.label_alt_id_2             ? 
_pdbx_validate_rmsd_angle.auth_atom_id_3             N 
_pdbx_validate_rmsd_angle.auth_asym_id_3             B 
_pdbx_validate_rmsd_angle.auth_comp_id_3             PRO 
_pdbx_validate_rmsd_angle.auth_seq_id_3              1 
_pdbx_validate_rmsd_angle.PDB_ins_code_3             ? 
_pdbx_validate_rmsd_angle.label_alt_id_3             ? 
_pdbx_validate_rmsd_angle.angle_value                106.84 
_pdbx_validate_rmsd_angle.angle_target_value         121.10 
_pdbx_validate_rmsd_angle.angle_deviation            -14.26 
_pdbx_validate_rmsd_angle.angle_standard_deviation   1.90 
_pdbx_validate_rmsd_angle.linker_flag                Y 
# 
loop_
_pdbx_struct_special_symmetry.id 
_pdbx_struct_special_symmetry.PDB_model_num 
_pdbx_struct_special_symmetry.auth_asym_id 
_pdbx_struct_special_symmetry.auth_comp_id 
_pdbx_struct_special_symmetry.auth_seq_id 
_pdbx_struct_special_symmetry.PDB_ins_code 
_pdbx_struct_special_symmetry.label_asym_id 
_pdbx_struct_special_symmetry.label_comp_id 
_pdbx_struct_special_symmetry.label_seq_id 
1 1 A HOH 2008 ? D HOH . 
2 1 A HOH 2013 ? D HOH . 
3 1 B HOH 2008 ? E HOH . 
# 
loop_
_pdbx_distant_solvent_atoms.id 
_pdbx_distant_solvent_atoms.PDB_model_num 
_pdbx_distant_solvent_atoms.auth_atom_id 
_pdbx_distant_solvent_atoms.label_alt_id 
_pdbx_distant_solvent_atoms.auth_asym_id 
_pdbx_distant_solvent_atoms.auth_comp_id 
_pdbx_distant_solvent_atoms.auth_seq_id 
_pdbx_distant_solvent_atoms.PDB_ins_code 
_pdbx_distant_solvent_atoms.neighbor_macromolecule_distance 
_pdbx_distant_solvent_atoms.neighbor_ligand_distance 
1 1 O ? B HOH 2004 ? 6.55 . 
2 1 O ? B HOH 2005 ? 6.74 . 
# 
loop_
_chem_comp_atom.comp_id 
_chem_comp_atom.atom_id 
_chem_comp_atom.type_symbol 
_chem_comp_atom.pdbx_aromatic_flag 
_chem_comp_atom.pdbx_stereo_config 
_chem_comp_atom.pdbx_ordinal 
ACE C    C N N 1  
ACE O    O N N 2  
ACE CH3  C N N 3  
ACE H    H N N 4  
ACE H1   H N N 5  
ACE H2   H N N 6  
ACE H3   H N N 7  
ARG N    N N N 8  
ARG CA   C N S 9  
ARG C    C N N 10 
ARG O    O N N 11 
ARG CB   C N N 12 
ARG CG   C N N 13 
ARG CD   C N N 14 
ARG NE   N N N 15 
ARG CZ   C N N 16 
ARG NH1  N N N 17 
ARG NH2  N N N 18 
ARG OXT  O N N 19 
ARG H    H N N 20 
ARG H2   H N N 21 
ARG HA   H N N 22 
ARG HB2  H N N 23 
ARG HB3  H N N 24 
ARG HG2  H N N 25 
ARG HG3  H N N 26 
ARG HD2  H N N 27 
ARG HD3  H N N 28 
ARG HE   H N N 29 
ARG HH11 H N N 30 
ARG HH12 H N N 31 
ARG HH21 H N N 32 
ARG HH22 H N N 33 
ARG HXT  H N N 34 
GLY N    N N N 35 
GLY CA   C N N 36 
GLY C    C N N 37 
GLY O    O N N 38 
GLY OXT  O N N 39 
GLY H    H N N 40 
GLY H2   H N N 41 
GLY HA2  H N N 42 
GLY HA3  H N N 43 
GLY HXT  H N N 44 
HOH O    O N N 45 
HOH H1   H N N 46 
HOH H2   H N N 47 
NH2 N    N N N 48 
NH2 HN1  H N N 49 
NH2 HN2  H N N 50 
PRO N    N N N 51 
PRO CA   C N S 52 
PRO C    C N N 53 
PRO O    O N N 54 
PRO CB   C N N 55 
PRO CG   C N N 56 
PRO CD   C N N 57 
PRO OXT  O N N 58 
PRO H    H N N 59 
PRO HA   H N N 60 
PRO HB2  H N N 61 
PRO HB3  H N N 62 
PRO HG2  H N N 63 
PRO HG3  H N N 64 
PRO HD2  H N N 65 
PRO HD3  H N N 66 
PRO HXT  H N N 67 
THR N    N N N 68 
THR CA   C N S 69 
THR C    C N N 70 
THR O    O N N 71 
THR CB   C N R 72 
THR OG1  O N N 73 
THR CG2  C N N 74 
THR OXT  O N N 75 
THR H    H N N 76 
THR H2   H N N 77 
THR HA   H N N 78 
THR HB   H N N 79 
THR HG1  H N N 80 
THR HG21 H N N 81 
THR HG22 H N N 82 
THR HG23 H N N 83 
THR HXT  H N N 84 
# 
loop_
_chem_comp_bond.comp_id 
_chem_comp_bond.atom_id_1 
_chem_comp_bond.atom_id_2 
_chem_comp_bond.value_order 
_chem_comp_bond.pdbx_aromatic_flag 
_chem_comp_bond.pdbx_stereo_config 
_chem_comp_bond.pdbx_ordinal 
ACE C   O    doub N N 1  
ACE C   CH3  sing N N 2  
ACE C   H    sing N N 3  
ACE CH3 H1   sing N N 4  
ACE CH3 H2   sing N N 5  
ACE CH3 H3   sing N N 6  
ARG N   CA   sing N N 7  
ARG N   H    sing N N 8  
ARG N   H2   sing N N 9  
ARG CA  C    sing N N 10 
ARG CA  CB   sing N N 11 
ARG CA  HA   sing N N 12 
ARG C   O    doub N N 13 
ARG C   OXT  sing N N 14 
ARG CB  CG   sing N N 15 
ARG CB  HB2  sing N N 16 
ARG CB  HB3  sing N N 17 
ARG CG  CD   sing N N 18 
ARG CG  HG2  sing N N 19 
ARG CG  HG3  sing N N 20 
ARG CD  NE   sing N N 21 
ARG CD  HD2  sing N N 22 
ARG CD  HD3  sing N N 23 
ARG NE  CZ   sing N N 24 
ARG NE  HE   sing N N 25 
ARG CZ  NH1  sing N N 26 
ARG CZ  NH2  doub N N 27 
ARG NH1 HH11 sing N N 28 
ARG NH1 HH12 sing N N 29 
ARG NH2 HH21 sing N N 30 
ARG NH2 HH22 sing N N 31 
ARG OXT HXT  sing N N 32 
GLY N   CA   sing N N 33 
GLY N   H    sing N N 34 
GLY N   H2   sing N N 35 
GLY CA  C    sing N N 36 
GLY CA  HA2  sing N N 37 
GLY CA  HA3  sing N N 38 
GLY C   O    doub N N 39 
GLY C   OXT  sing N N 40 
GLY OXT HXT  sing N N 41 
HOH O   H1   sing N N 42 
HOH O   H2   sing N N 43 
NH2 N   HN1  sing N N 44 
NH2 N   HN2  sing N N 45 
PRO N   CA   sing N N 46 
PRO N   CD   sing N N 47 
PRO N   H    sing N N 48 
PRO CA  C    sing N N 49 
PRO CA  CB   sing N N 50 
PRO CA  HA   sing N N 51 
PRO C   O    doub N N 52 
PRO C   OXT  sing N N 53 
PRO CB  CG   sing N N 54 
PRO CB  HB2  sing N N 55 
PRO CB  HB3  sing N N 56 
PRO CG  CD   sing N N 57 
PRO CG  HG2  sing N N 58 
PRO CG  HG3  sing N N 59 
PRO CD  HD2  sing N N 60 
PRO CD  HD3  sing N N 61 
PRO OXT HXT  sing N N 62 
THR N   CA   sing N N 63 
THR N   H    sing N N 64 
THR N   H2   sing N N 65 
THR CA  C    sing N N 66 
THR CA  CB   sing N N 67 
THR CA  HA   sing N N 68 
THR C   O    doub N N 69 
THR C   OXT  sing N N 70 
THR CB  OG1  sing N N 71 
THR CB  CG2  sing N N 72 
THR CB  HB   sing N N 73 
THR OG1 HG1  sing N N 74 
THR CG2 HG21 sing N N 75 
THR CG2 HG22 sing N N 76 
THR CG2 HG23 sing N N 77 
THR OXT HXT  sing N N 78 
# 
_atom_sites.entry_id                    4AXY 
_atom_sites.fract_transf_matrix[1][1]   -0.01202367 
_atom_sites.fract_transf_matrix[1][2]   0.01687912 
_atom_sites.fract_transf_matrix[1][3]   0.00706836 
_atom_sites.fract_transf_matrix[2][1]   0.01365149 
_atom_sites.fract_transf_matrix[2][2]   0.01390584 
_atom_sites.fract_transf_matrix[2][3]   -0.00998496 
_atom_sites.fract_transf_matrix[3][1]   -0.01618833 
_atom_sites.fract_transf_matrix[3][2]   -0.00142951 
_atom_sites.fract_transf_matrix[3][3]   -0.02412360 
_atom_sites.fract_transf_vector[1]      -0.257413 
_atom_sites.fract_transf_vector[2]      -0.035380 
_atom_sites.fract_transf_vector[3]      0.040139 
# 
loop_
_atom_type.symbol 
C 
H 
N 
O 
# 
loop_
_atom_site.group_PDB 
_atom_site.id 
_atom_site.type_symbol 
_atom_site.label_atom_id 
_atom_site.label_alt_id 
_atom_site.label_comp_id 
_atom_site.label_asym_id 
_atom_site.label_entity_id 
_atom_site.label_seq_id 
_atom_site.pdbx_PDB_ins_code 
_atom_site.Cartn_x 
_atom_site.Cartn_y 
_atom_site.Cartn_z 
_atom_site.occupancy 
_atom_site.B_iso_or_equiv 
_atom_site.pdbx_formal_charge 
_atom_site.auth_seq_id 
_atom_site.auth_comp_id 
_atom_site.auth_asym_id 
_atom_site.auth_atom_id 
_atom_site.pdbx_PDB_model_num 
HETATM 1   C C    . ACE A 1 1  ? 1.115  29.044  1.354  1.00 33.39 ? 0    ACE A C    1 
HETATM 2   O O    . ACE A 1 1  ? 2.260  28.590  1.331  1.00 34.39 ? 0    ACE A O    1 
HETATM 3   C CH3  . ACE A 1 1  ? 0.771  30.355  0.711  1.00 36.61 ? 0    ACE A CH3  1 
ATOM   4   N N    . PRO A 1 2  ? 0.160  28.364  1.989  1.00 31.14 ? 1    PRO A N    1 
ATOM   5   C CA   . PRO A 1 2  ? 0.584  27.233  2.819  1.00 28.47 ? 1    PRO A CA   1 
ATOM   6   C C    . PRO A 1 2  ? 0.679  25.956  2.004  1.00 23.95 ? 1    PRO A C    1 
ATOM   7   O O    . PRO A 1 2  ? 0.165  25.913  0.887  1.00 24.12 ? 1    PRO A O    1 
ATOM   8   C CB   . PRO A 1 2  ? -0.558 27.106  3.814  1.00 32.05 ? 1    PRO A CB   1 
ATOM   9   C CG   . PRO A 1 2  ? -1.754 27.477  3.008  1.00 34.14 ? 1    PRO A CG   1 
ATOM   10  C CD   . PRO A 1 2  ? -1.302 28.533  2.019  1.00 33.90 ? 1    PRO A CD   1 
ATOM   11  H HA   . PRO A 1 2  ? 1.429  27.417  3.280  1.00 34.16 ? 1    PRO A HA   1 
ATOM   12  H HB2  . PRO A 1 2  ? -0.621 26.192  4.132  1.00 38.46 ? 1    PRO A HB2  1 
ATOM   13  H HB3  . PRO A 1 2  ? -0.427 27.725  4.550  1.00 38.46 ? 1    PRO A HB3  1 
ATOM   14  H HG2  . PRO A 1 2  ? -2.084 26.694  2.540  1.00 40.97 ? 1    PRO A HG2  1 
ATOM   15  H HG3  . PRO A 1 2  ? -2.440 27.834  3.594  1.00 40.97 ? 1    PRO A HG3  1 
ATOM   16  H HD2  . PRO A 1 2  ? -1.681 28.360  1.143  1.00 40.68 ? 1    PRO A HD2  1 
ATOM   17  H HD3  . PRO A 1 2  ? -1.535 29.419  2.339  1.00 40.68 ? 1    PRO A HD3  1 
ATOM   18  N N    . PRO A 1 3  ? 1.340  24.929  2.549  1.00 24.55 ? 2    PRO A N    1 
ATOM   19  C CA   . PRO A 1 3  ? 1.488  23.699  1.773  1.00 23.07 ? 2    PRO A CA   1 
ATOM   20  C C    . PRO A 1 3  ? 0.155  23.022  1.473  1.00 20.64 ? 2    PRO A C    1 
ATOM   21  O O    . PRO A 1 3  ? -0.780 23.096  2.270  1.00 18.62 ? 2    PRO A O    1 
ATOM   22  C CB   . PRO A 1 3  ? 2.338  22.812  2.688  1.00 26.74 ? 2    PRO A CB   1 
ATOM   23  C CG   . PRO A 1 3  ? 3.076  23.763  3.544  1.00 29.87 ? 2    PRO A CG   1 
ATOM   24  C CD   . PRO A 1 3  ? 2.108  24.873  3.804  1.00 29.00 ? 2    PRO A CD   1 
ATOM   25  H HA   . PRO A 1 3  ? 1.970  23.871  0.936  1.00 27.68 ? 2    PRO A HA   1 
ATOM   26  H HB2  . PRO A 1 3  ? 1.762  22.243  3.222  1.00 32.09 ? 2    PRO A HB2  1 
ATOM   27  H HB3  . PRO A 1 3  ? 2.951  22.282  2.155  1.00 32.09 ? 2    PRO A HB3  1 
ATOM   28  H HG2  . PRO A 1 3  ? 3.331  23.328  4.373  1.00 35.85 ? 2    PRO A HG2  1 
ATOM   29  H HG3  . PRO A 1 3  ? 3.857  24.091  3.072  1.00 35.85 ? 2    PRO A HG3  1 
ATOM   30  H HD2  . PRO A 1 3  ? 1.527  24.650  4.548  1.00 34.81 ? 2    PRO A HD2  1 
ATOM   31  H HD3  . PRO A 1 3  ? 2.579  25.707  3.953  1.00 34.81 ? 2    PRO A HD3  1 
ATOM   32  N N    . GLY A 1 4  ? 0.086  22.356  0.322  1.00 21.35 ? 3    GLY A N    1 
ATOM   33  C CA   . GLY A 1 4  ? -1.084 21.590  -0.048 1.00 20.75 ? 3    GLY A CA   1 
ATOM   34  C C    . GLY A 1 4  ? -1.303 20.395  0.865  1.00 18.78 ? 3    GLY A C    1 
ATOM   35  O O    . GLY A 1 4  ? -0.456 20.051  1.695  1.00 17.77 ? 3    GLY A O    1 
ATOM   36  H H    . GLY A 1 4  ? 0.716  22.336  -0.263 1.00 25.62 ? 3    GLY A H    1 
ATOM   37  H HA2  . GLY A 1 4  ? -1.869 22.159  -0.006 1.00 24.90 ? 3    GLY A HA2  1 
ATOM   38  H HA3  . GLY A 1 4  ? -0.986 21.268  -0.958 1.00 24.90 ? 3    GLY A HA3  1 
ATOM   39  N N    . PRO A 1 5  ? -2.460 19.744  0.717  1.00 18.91 ? 4    PRO A N    1 
ATOM   40  C CA   . PRO A 1 5  ? -2.814 18.572  1.521  1.00 18.59 ? 4    PRO A CA   1 
ATOM   41  C C    . PRO A 1 5  ? -2.030 17.339  1.086  1.00 15.77 ? 4    PRO A C    1 
ATOM   42  O O    . PRO A 1 5  ? -1.519 17.320  -0.031 1.00 14.95 ? 4    PRO A O    1 
ATOM   43  C CB   . PRO A 1 5  ? -4.283 18.376  1.182  1.00 21.92 ? 4    PRO A CB   1 
ATOM   44  C CG   . PRO A 1 5  ? -4.366 18.805  -0.256 1.00 24.34 ? 4    PRO A CG   1 
ATOM   45  C CD   . PRO A 1 5  ? -3.428 19.978  -0.369 1.00 22.39 ? 4    PRO A CD   1 
ATOM   46  H HA   . PRO A 1 5  ? -2.699 18.741  2.479  1.00 22.31 ? 4    PRO A HA   1 
ATOM   47  H HB2  . PRO A 1 5  ? -4.525 17.442  1.282  1.00 26.30 ? 4    PRO A HB2  1 
ATOM   48  H HB3  . PRO A 1 5  ? -4.833 18.941  1.747  1.00 26.30 ? 4    PRO A HB3  1 
ATOM   49  H HG2  . PRO A 1 5  ? -4.079 18.078  -0.831 1.00 29.20 ? 4    PRO A HG2  1 
ATOM   50  H HG3  . PRO A 1 5  ? -5.275 19.070  -0.466 1.00 29.20 ? 4    PRO A HG3  1 
ATOM   51  H HD2  . PRO A 1 5  ? -2.981 19.971  -1.230 1.00 26.87 ? 4    PRO A HD2  1 
ATOM   52  H HD3  . PRO A 1 5  ? -3.907 20.810  -0.223 1.00 26.87 ? 4    PRO A HD3  1 
ATOM   53  N N    . PRO A 1 6  ? -1.934 16.321  1.955  1.00 15.24 ? 5    PRO A N    1 
ATOM   54  C CA   . PRO A 1 6  ? -1.342 15.048  1.517  1.00 12.83 ? 5    PRO A CA   1 
ATOM   55  C C    . PRO A 1 6  ? -2.091 14.505  0.304  1.00 12.35 ? 5    PRO A C    1 
ATOM   56  O O    . PRO A 1 6  ? -3.282 14.776  0.150  1.00 12.93 ? 5    PRO A O    1 
ATOM   57  C CB   . PRO A 1 6  ? -1.538 14.133  2.732  1.00 15.49 ? 5    PRO A CB   1 
ATOM   58  C CG   . PRO A 1 6  ? -1.671 15.060  3.907  1.00 18.59 ? 5    PRO A CG   1 
ATOM   59  C CD   . PRO A 1 6  ? -2.343 16.295  3.369  1.00 15.92 ? 5    PRO A CD   1 
ATOM   60  H HA   . PRO A 1 6  ? -0.389 15.148  1.315  1.00 15.39 ? 5    PRO A HA   1 
ATOM   61  H HB2  . PRO A 1 6  ? -2.344 13.606  2.618  1.00 18.58 ? 5    PRO A HB2  1 
ATOM   62  H HB3  . PRO A 1 6  ? -0.764 13.558  2.836  1.00 18.58 ? 5    PRO A HB3  1 
ATOM   63  H HG2  . PRO A 1 6  ? -2.218 14.643  4.591  1.00 22.30 ? 5    PRO A HG2  1 
ATOM   64  H HG3  . PRO A 1 6  ? -0.791 15.273  4.256  1.00 22.30 ? 5    PRO A HG3  1 
ATOM   65  H HD2  . PRO A 1 6  ? -3.306 16.214  3.440  1.00 19.10 ? 5    PRO A HD2  1 
ATOM   66  H HD3  . PRO A 1 6  ? -2.018 17.084  3.829  1.00 19.10 ? 5    PRO A HD3  1 
ATOM   67  N N    . GLY A 1 7  ? -1.397 13.776  -0.560 1.00 12.17 ? 6    GLY A N    1 
ATOM   68  C CA   . GLY A 1 7  ? -2.043 13.125  -1.689 1.00 11.04 ? 6    GLY A CA   1 
ATOM   69  C C    . GLY A 1 7  ? -2.970 11.993  -1.267 1.00 8.71  ? 6    GLY A C    1 
ATOM   70  O O    . GLY A 1 7  ? -3.090 11.681  -0.082 1.00 8.88  ? 6    GLY A O    1 
ATOM   71  H H    . GLY A 1 7  ? -0.549 13.642  -0.514 1.00 14.60 ? 6    GLY A H    1 
ATOM   72  H HA2  . GLY A 1 7  ? -2.563 13.778  -2.183 1.00 13.25 ? 6    GLY A HA2  1 
ATOM   73  H HA3  . GLY A 1 7  ? -1.366 12.761  -2.281 1.00 13.25 ? 6    GLY A HA3  1 
ATOM   74  N N    . PRO A 1 8  ? -3.640 11.361  -2.245 1.00 8.77  ? 7    PRO A N    1 
ATOM   75  C CA   . PRO A 1 8  ? -4.475 10.203  -1.931 1.00 9.19  ? 7    PRO A CA   1 
ATOM   76  C C    . PRO A 1 8  ? -3.666 9.055   -1.342 1.00 6.67  ? 7    PRO A C    1 
ATOM   77  O O    . PRO A 1 8  ? -2.480 8.935   -1.611 1.00 6.86  ? 7    PRO A O    1 
ATOM   78  C CB   . PRO A 1 8  ? -5.034 9.782   -3.300 1.00 11.12 ? 7    PRO A CB   1 
ATOM   79  C CG   . PRO A 1 8  ? -4.759 10.878  -4.230 1.00 13.57 ? 7    PRO A CG   1 
ATOM   80  C CD   . PRO A 1 8  ? -3.625 11.679  -3.683 1.00 10.61 ? 7    PRO A CD   1 
ATOM   81  H HA   . PRO A 1 8  ? -5.208 10.446  -1.328 1.00 11.03 ? 7    PRO A HA   1 
ATOM   82  H HB2  . PRO A 1 8  ? -4.589 8.971   -3.593 1.00 13.35 ? 7    PRO A HB2  1 
ATOM   83  H HB3  . PRO A 1 8  ? -5.990 9.634   -3.226 1.00 13.35 ? 7    PRO A HB3  1 
ATOM   84  H HG2  . PRO A 1 8  ? -4.520 10.508  -5.094 1.00 16.29 ? 7    PRO A HG2  1 
ATOM   85  H HG3  . PRO A 1 8  ? -5.551 11.432  -4.311 1.00 16.29 ? 7    PRO A HG3  1 
ATOM   86  H HD2  . PRO A 1 8  ? -2.788 11.397  -4.083 1.00 12.74 ? 7    PRO A HD2  1 
ATOM   87  H HD3  . PRO A 1 8  ? -3.783 12.626  -3.821 1.00 12.74 ? 7    PRO A HD3  1 
ATOM   88  N N    . THR A 1 9  ? -4.316 8.235   -0.528 1.00 6.50  ? 8    THR A N    1 
ATOM   89  C CA   . THR A 1 9  ? -3.733 6.986   -0.069 1.00 5.94  ? 8    THR A CA   1 
ATOM   90  C C    . THR A 1 9  ? -3.346 6.135   -1.280 1.00 6.09  ? 8    THR A C    1 
ATOM   91  O O    . THR A 1 9  ? -4.068 6.093   -2.278 1.00 7.31  ? 8    THR A O    1 
ATOM   92  C CB   . THR A 1 9  ? -4.733 6.225   0.821  1.00 7.32  ? 8    THR A CB   1 
ATOM   93  O OG1  . THR A 1 9  ? -4.992 6.981   2.015  1.00 7.92  ? 8    THR A OG1  1 
ATOM   94  C CG2  . THR A 1 9  ? -4.214 4.864   1.204  1.00 7.98  ? 8    THR A CG2  1 
ATOM   95  H H    . THR A 1 9  ? -5.106 8.382   -0.224 1.00 7.80  ? 8    THR A H    1 
ATOM   96  H HA   . THR A 1 9  ? -2.926 7.172   0.454  1.00 7.13  ? 8    THR A HA   1 
ATOM   97  H HB   . THR A 1 9  ? -5.564 6.105   0.336  1.00 8.78  ? 8    THR A HB   1 
ATOM   98  H HG1  . THR A 1 9  ? -4.294 7.095   2.431  1.00 9.50  ? 8    THR A HG1  1 
ATOM   99  H HG21 . THR A 1 9  ? -3.389 4.952   1.689  1.00 9.58  ? 8    THR A HG21 1 
ATOM   100 H HG22 . THR A 1 9  ? -4.854 4.412   1.758  1.00 9.58  ? 8    THR A HG22 1 
ATOM   101 H HG23 . THR A 1 9  ? -4.057 4.339   0.416  1.00 9.58  ? 8    THR A HG23 1 
ATOM   102 N N    . GLY A 1 10 ? -2.223 5.428   -1.187 1.00 6.34  ? 9    GLY A N    1 
ATOM   103 C CA   . GLY A 1 10 ? -1.745 4.637   -2.302 1.00 6.39  ? 9    GLY A CA   1 
ATOM   104 C C    . GLY A 1 10 ? -2.523 3.353   -2.516 1.00 6.91  ? 9    GLY A C    1 
ATOM   105 O O    . GLY A 1 10 ? -3.363 2.990   -1.703 1.00 6.15  ? 9    GLY A O    1 
ATOM   106 H H    . GLY A 1 10 ? -1.723 5.392   -0.488 1.00 7.60  ? 9    GLY A H    1 
ATOM   107 H HA2  . GLY A 1 10 ? -1.801 5.165   -3.114 1.00 7.67  ? 9    GLY A HA2  1 
ATOM   108 H HA3  . GLY A 1 10 ? -0.814 4.407   -2.153 1.00 7.67  ? 9    GLY A HA3  1 
ATOM   109 N N    . PRO A 1 11 ? -2.232 2.659   -3.619 1.00 6.97  ? 10   PRO A N    1 
ATOM   110 C CA   . PRO A 1 11 ? -2.874 1.368   -3.905 1.00 7.28  ? 10   PRO A CA   1 
ATOM   111 C C    . PRO A 1 11 ? -2.439 0.257   -2.962 1.00 6.19  ? 10   PRO A C    1 
ATOM   112 O O    . PRO A 1 11 ? -1.314 0.264   -2.456 1.00 6.86  ? 10   PRO A O    1 
ATOM   113 C CB   . PRO A 1 11 ? -2.410 1.033   -5.331 1.00 10.30 ? 10   PRO A CB   1 
ATOM   114 C CG   . PRO A 1 11 ? -1.514 2.117   -5.768 1.00 13.93 ? 10   PRO A CG   1 
ATOM   115 C CD   . PRO A 1 11 ? -1.228 3.028   -4.627 1.00 9.01  ? 10   PRO A CD   1 
ATOM   116 H HA   . PRO A 1 11 ? -3.850 1.454   -3.887 1.00 8.73  ? 10   PRO A HA   1 
ATOM   117 H HB2  . PRO A 1 11 ? -1.936 0.188   -5.323 1.00 12.36 ? 10   PRO A HB2  1 
ATOM   118 H HB3  . PRO A 1 11 ? -3.183 0.981   -5.915 1.00 12.36 ? 10   PRO A HB3  1 
ATOM   119 H HG2  . PRO A 1 11 ? -0.687 1.727   -6.091 1.00 16.72 ? 10   PRO A HG2  1 
ATOM   120 H HG3  . PRO A 1 11 ? -1.946 2.610   -6.483 1.00 16.72 ? 10   PRO A HG3  1 
ATOM   121 H HD2  . PRO A 1 11 ? -0.334 2.870   -4.286 1.00 10.81 ? 10   PRO A HD2  1 
ATOM   122 H HD3  . PRO A 1 11 ? -1.346 3.952   -4.897 1.00 10.81 ? 10   PRO A HD3  1 
ATOM   123 N N    A ARG A 1 12 ? -3.328 -0.702  -2.752 0.60 5.88  ? 11   ARG A N    1 
ATOM   124 N N    B ARG A 1 12 ? -3.328 -0.710  -2.744 0.40 7.12  ? 11   ARG A N    1 
ATOM   125 C CA   A ARG A 1 12 ? -3.046 -1.881  -1.962 0.60 5.43  ? 11   ARG A CA   1 
ATOM   126 C CA   B ARG A 1 12 ? -3.017 -1.872  -1.920 0.40 6.26  ? 11   ARG A CA   1 
ATOM   127 C C    A ARG A 1 12 ? -1.863 -2.652  -2.549 0.60 5.76  ? 11   ARG A C    1 
ATOM   128 C C    B ARG A 1 12 ? -1.860 -2.639  -2.537 0.40 6.20  ? 11   ARG A C    1 
ATOM   129 O O    A ARG A 1 12 ? -1.719 -2.757  -3.765 0.60 7.23  ? 11   ARG A O    1 
ATOM   130 O O    B ARG A 1 12 ? -1.732 -2.737  -3.756 0.40 6.33  ? 11   ARG A O    1 
ATOM   131 C CB   A ARG A 1 12 ? -4.307 -2.744  -1.963 0.60 6.41  ? 11   ARG A CB   1 
ATOM   132 C CB   B ARG A 1 12 ? -4.234 -2.800  -1.788 0.40 6.32  ? 11   ARG A CB   1 
ATOM   133 C CG   A ARG A 1 12 ? -4.237 -3.987  -1.126 0.60 7.12  ? 11   ARG A CG   1 
ATOM   134 C CG   B ARG A 1 12 ? -4.014 -3.948  -0.793 0.40 6.58  ? 11   ARG A CG   1 
ATOM   135 C CD   A ARG A 1 12 ? -5.598 -4.678  -1.095 0.60 11.18 ? 11   ARG A CD   1 
ATOM   136 C CD   B ARG A 1 12 ? -5.212 -4.906  -0.712 0.40 9.21  ? 11   ARG A CD   1 
ATOM   137 N NE   A ARG A 1 12 ? -6.613 -3.931  -0.347 0.60 11.59 ? 11   ARG A NE   1 
ATOM   138 N NE   B ARG A 1 12 ? -5.152 -5.736  0.491  0.40 9.39  ? 11   ARG A NE   1 
ATOM   139 C CZ   A ARG A 1 12 ? -7.593 -3.205  -0.886 0.60 15.37 ? 11   ARG A CZ   1 
ATOM   140 C CZ   B ARG A 1 12 ? -5.971 -6.753  0.761  0.40 13.21 ? 11   ARG A CZ   1 
ATOM   141 N NH1  A ARG A 1 12 ? -7.728 -3.091  -2.207 0.60 17.71 1 11   ARG A NH1  1 
ATOM   142 N NH1  B ARG A 1 12 ? -6.930 -7.107  -0.088 0.40 18.11 1 11   ARG A NH1  1 
ATOM   143 N NH2  A ARG A 1 12 ? -8.457 -2.590  -0.094 0.60 17.08 ? 11   ARG A NH2  1 
ATOM   144 N NH2  B ARG A 1 12 ? -5.821 -7.426  1.887  0.40 13.94 ? 11   ARG A NH2  1 
ATOM   145 H H    A ARG A 1 12 ? -4.128 -0.688  -3.068 0.60 7.05  ? 11   ARG A H    1 
ATOM   146 H H    B ARG A 1 12 ? -4.125 -0.715  -3.067 0.40 8.55  ? 11   ARG A H    1 
ATOM   147 H HA   A ARG A 1 12 ? -2.835 -1.625  -1.040 0.60 6.52  ? 11   ARG A HA   1 
ATOM   148 H HA   B ARG A 1 12 ? -2.753 -1.576  -1.024 0.40 7.51  ? 11   ARG A HA   1 
ATOM   149 H HB2  A ARG A 1 12 ? -5.045 -2.209  -1.630 0.60 7.69  ? 11   ARG A HB2  1 
ATOM   150 H HB2  B ARG A 1 12 ? -4.993 -2.281  -1.482 0.40 7.58  ? 11   ARG A HB2  1 
ATOM   151 H HB3  A ARG A 1 12 ? -4.491 -3.017  -2.876 0.60 7.69  ? 11   ARG A HB3  1 
ATOM   152 H HB3  B ARG A 1 12 ? -4.427 -3.190  -2.655 0.40 7.58  ? 11   ARG A HB3  1 
ATOM   153 H HG2  A ARG A 1 12 ? -3.589 -4.600  -1.509 0.60 8.55  ? 11   ARG A HG2  1 
ATOM   154 H HG2  B ARG A 1 12 ? -3.238 -4.460  -1.069 0.40 7.89  ? 11   ARG A HG2  1 
ATOM   155 H HG3  A ARG A 1 12 ? -3.988 -3.754  -0.218 0.60 8.55  ? 11   ARG A HG3  1 
ATOM   156 H HG3  B ARG A 1 12 ? -3.868 -3.576  0.091  0.40 7.89  ? 11   ARG A HG3  1 
ATOM   157 H HD2  A ARG A 1 12 ? -5.917 -4.784  -2.005 0.60 13.41 ? 11   ARG A HD2  1 
ATOM   158 H HD2  B ARG A 1 12 ? -6.033 -4.390  -0.686 0.40 11.05 ? 11   ARG A HD2  1 
ATOM   159 H HD3  A ARG A 1 12 ? -5.500 -5.548  -0.677 0.60 13.41 ? 11   ARG A HD3  1 
ATOM   160 H HD3  B ARG A 1 12 ? -5.207 -5.492  -1.486 0.40 11.05 ? 11   ARG A HD3  1 
ATOM   161 H HE   A ARG A 1 12 ? -6.572 -3.963  0.512  0.60 13.91 ? 11   ARG A HE   1 
ATOM   162 H HE   B ARG A 1 12 ? -4.542 -5.554  1.070  0.40 11.27 ? 11   ARG A HE   1 
ATOM   163 H HH11 A ARG A 1 12 ? -7.176 -3.490  -2.731 0.60 21.25 ? 11   ARG A HH11 1 
ATOM   164 H HH11 B ARG A 1 12 ? -7.035 -6.674  -0.823 0.40 21.74 ? 11   ARG A HH11 1 
ATOM   165 H HH12 A ARG A 1 12 ? -8.367 -2.618  -2.534 0.60 21.25 ? 11   ARG A HH12 1 
ATOM   166 H HH12 B ARG A 1 12 ? -7.448 -7.768  0.100  0.40 21.74 ? 11   ARG A HH12 1 
ATOM   167 H HH21 A ARG A 1 12 ? -8.378 -2.654  0.760  0.60 20.49 ? 11   ARG A HH21 1 
ATOM   168 H HH21 B ARG A 1 12 ? -5.201 -7.206  2.440  0.40 16.73 ? 11   ARG A HH21 1 
ATOM   169 H HH22 A ARG A 1 12 ? -9.089 -2.115  -0.434 0.60 20.49 ? 11   ARG A HH22 1 
ATOM   170 H HH22 B ARG A 1 12 ? -6.343 -8.086  2.066  0.40 16.73 ? 11   ARG A HH22 1 
ATOM   171 N N    . GLY A 1 13 ? -1.025 -3.192  -1.672 1.00 5.70  ? 12   GLY A N    1 
ATOM   172 C CA   . GLY A 1 13 ? 0.111  -3.979  -2.108 1.00 5.17  ? 12   GLY A CA   1 
ATOM   173 C C    . GLY A 1 13 ? -0.281 -5.308  -2.743 1.00 4.12  ? 12   GLY A C    1 
ATOM   174 O O    . GLY A 1 13 ? -1.434 -5.736  -2.679 1.00 4.43  ? 12   GLY A O    1 
ATOM   175 H H    . GLY A 1 13 ? -1.097 -3.121  -0.817 0.40 6.84  ? 12   GLY A H    1 
ATOM   176 H HA2  . GLY A 1 13 ? 0.621  -3.471  -2.758 1.00 6.20  ? 12   GLY A HA2  1 
ATOM   177 H HA3  . GLY A 1 13 ? 0.684  -4.163  -1.347 1.00 6.20  ? 12   GLY A HA3  1 
ATOM   178 N N    . PRO A 1 14 ? 0.697  -5.983  -3.351 1.00 4.60  ? 13   PRO A N    1 
ATOM   179 C CA   . PRO A 1 14 ? 0.454  -7.264  -4.007 1.00 5.19  ? 13   PRO A CA   1 
ATOM   180 C C    . PRO A 1 14 ? 0.273  -8.387  -3.000 1.00 4.51  ? 13   PRO A C    1 
ATOM   181 O O    . PRO A 1 14 ? 0.634  -8.250  -1.827 1.00 4.65  ? 13   PRO A O    1 
ATOM   182 C CB   . PRO A 1 14 ? 1.727  -7.477  -4.831 1.00 7.54  ? 13   PRO A CB   1 
ATOM   183 C CG   . PRO A 1 14 ? 2.783  -6.755  -4.084 1.00 7.84  ? 13   PRO A CG   1 
ATOM   184 C CD   . PRO A 1 14 ? 2.104  -5.556  -3.473 1.00 6.21  ? 13   PRO A CD   1 
ATOM   185 H HA   . PRO A 1 14 ? -0.324 -7.214  -4.599 1.00 6.23  ? 13   PRO A HA   1 
ATOM   186 H HB2  . PRO A 1 14 ? 1.930  -8.424  -4.886 1.00 9.04  ? 13   PRO A HB2  1 
ATOM   187 H HB3  . PRO A 1 14 ? 1.612  -7.097  -5.717 1.00 9.04  ? 13   PRO A HB3  1 
ATOM   188 H HG2  . PRO A 1 14 ? 3.144  -7.333  -3.392 1.00 9.41  ? 13   PRO A HG2  1 
ATOM   189 H HG3  . PRO A 1 14 ? 3.482  -6.477  -4.695 1.00 9.41  ? 13   PRO A HG3  1 
ATOM   190 H HD2  . PRO A 1 14 ? 2.477  -5.367  -2.597 1.00 7.45  ? 13   PRO A HD2  1 
ATOM   191 H HD3  . PRO A 1 14 ? 2.175  -4.790  -4.064 1.00 7.45  ? 13   PRO A HD3  1 
ATOM   192 N N    . PRO A 1 15 ? -0.285 -9.510  -3.456 1.00 5.79  ? 14   PRO A N    1 
ATOM   193 C CA   . PRO A 1 15 ? -0.460 -10.655 -2.570 1.00 6.03  ? 14   PRO A CA   1 
ATOM   194 C C    . PRO A 1 15 ? 0.867  -11.263 -2.121 1.00 4.76  ? 14   PRO A C    1 
ATOM   195 O O    . PRO A 1 15 ? 1.875  -11.193 -2.834 1.00 5.66  ? 14   PRO A O    1 
ATOM   196 C CB   . PRO A 1 15 ? -1.258 -11.657 -3.417 1.00 7.23  ? 14   PRO A CB   1 
ATOM   197 C CG   . PRO A 1 15 ? -1.367 -11.090 -4.752 1.00 11.25 ? 14   PRO A CG   1 
ATOM   198 C CD   . PRO A 1 15 ? -0.740 -9.761  -4.829 1.00 6.96  ? 14   PRO A CD   1 
ATOM   199 H HA   . PRO A 1 15 ? -0.986 -10.402 -1.784 1.00 7.23  ? 14   PRO A HA   1 
ATOM   200 H HB2  . PRO A 1 15 ? -0.784 -12.502 -3.446 1.00 8.68  ? 14   PRO A HB2  1 
ATOM   201 H HB3  . PRO A 1 15 ? -2.139 -11.776 -3.029 1.00 8.68  ? 14   PRO A HB3  1 
ATOM   202 H HG2  . PRO A 1 15 ? -0.929 -11.690 -5.376 1.00 13.50 ? 14   PRO A HG2  1 
ATOM   203 H HG3  . PRO A 1 15 ? -2.307 -11.018 -4.979 1.00 13.50 ? 14   PRO A HG3  1 
ATOM   204 H HD2  . PRO A 1 15 ? 0.016  -9.779  -5.437 1.00 8.35  ? 14   PRO A HD2  1 
ATOM   205 H HD3  . PRO A 1 15 ? -1.393 -9.095  -5.095 1.00 8.35  ? 14   PRO A HD3  1 
ATOM   206 N N    . GLY A 1 16 ? 0.859  -11.872 -0.945 1.00 5.61  ? 15   GLY A N    1 
ATOM   207 C CA   . GLY A 1 16 ? 2.046  -12.531 -0.431 1.00 5.22  ? 15   GLY A CA   1 
ATOM   208 C C    . GLY A 1 16 ? 2.383  -13.809 -1.180 1.00 5.03  ? 15   GLY A C    1 
ATOM   209 O O    . GLY A 1 16 ? 1.638  -14.282 -2.044 1.00 5.00  ? 15   GLY A O    1 
ATOM   210 H H    . GLY A 1 16 ? 0.177  -11.918 -0.424 1.00 6.73  ? 15   GLY A H    1 
ATOM   211 H HA2  . GLY A 1 16 ? 2.803  -11.929 -0.498 1.00 6.27  ? 15   GLY A HA2  1 
ATOM   212 H HA3  . GLY A 1 16 ? 1.912  -12.751 0.505  1.00 6.27  ? 15   GLY A HA3  1 
ATOM   213 N N    . PRO A 1 17 ? 3.510  -14.412 -0.816 1.00 6.16  ? 16   PRO A N    1 
ATOM   214 C CA   . PRO A 1 17 ? 3.924  -15.672 -1.420 1.00 6.06  ? 16   PRO A CA   1 
ATOM   215 C C    . PRO A 1 17 ? 3.117  -16.850 -0.871 1.00 5.34  ? 16   PRO A C    1 
ATOM   216 O O    . PRO A 1 17 ? 2.439  -16.731 0.157  1.00 5.74  ? 16   PRO A O    1 
ATOM   217 C CB   . PRO A 1 17 ? 5.386  -15.774 -1.001 1.00 8.45  ? 16   PRO A CB   1 
ATOM   218 C CG   . PRO A 1 17 ? 5.416  -15.116 0.319  1.00 9.57  ? 16   PRO A CG   1 
ATOM   219 C CD   . PRO A 1 17 ? 4.467  -13.954 0.200  1.00 7.81  ? 16   PRO A CD   1 
ATOM   220 H HA   . PRO A 1 17 ? 3.853  -15.636 -2.397 1.00 7.28  ? 16   PRO A HA   1 
ATOM   221 H HB2  . PRO A 1 17 ? 5.646  -16.707 -0.931 1.00 10.14 ? 16   PRO A HB2  1 
ATOM   222 H HB3  . PRO A 1 17 ? 5.947  -15.302 -1.637 1.00 10.14 ? 16   PRO A HB3  1 
ATOM   223 H HG2  . PRO A 1 17 ? 5.114  -15.737 1.001  1.00 11.49 ? 16   PRO A HG2  1 
ATOM   224 H HG3  . PRO A 1 17 ? 6.315  -14.807 0.510  1.00 11.49 ? 16   PRO A HG3  1 
ATOM   225 H HD2  . PRO A 1 17 ? 4.016  -13.796 1.044  1.00 9.37  ? 16   PRO A HD2  1 
ATOM   226 H HD3  . PRO A 1 17 ? 4.936  -13.163 -0.107 1.00 9.37  ? 16   PRO A HD3  1 
ATOM   227 N N    . PRO A 1 18 ? 3.191  -18.003 -1.552 1.00 6.23  ? 17   PRO A N    1 
ATOM   228 C CA   . PRO A 1 18 ? 2.447  -19.171 -1.069 1.00 6.97  ? 17   PRO A CA   1 
ATOM   229 C C    . PRO A 1 18 ? 2.858  -19.590 0.331  1.00 8.06  ? 17   PRO A C    1 
ATOM   230 O O    . PRO A 1 18 ? 4.027  -19.444 0.724  1.00 8.72  ? 17   PRO A O    1 
ATOM   231 C CB   . PRO A 1 18 ? 2.814  -20.262 -2.087 1.00 7.77  ? 17   PRO A CB   1 
ATOM   232 C CG   . PRO A 1 18 ? 3.141  -19.510 -3.340 1.00 8.16  ? 17   PRO A CG   1 
ATOM   233 C CD   . PRO A 1 18 ? 3.820  -18.241 -2.859 1.00 7.25  ? 17   PRO A CD   1 
ATOM   234 H HA   . PRO A 1 18 ? 1.482  -19.004 -1.097 1.00 8.36  ? 17   PRO A HA   1 
ATOM   235 H HB2  . PRO A 1 18 ? 3.584  -20.760 -1.773 1.00 9.33  ? 17   PRO A HB2  1 
ATOM   236 H HB3  . PRO A 1 18 ? 2.056  -20.851 -2.226 1.00 9.33  ? 17   PRO A HB3  1 
ATOM   237 H HG2  . PRO A 1 18 ? 3.742  -20.035 -3.891 1.00 9.79  ? 17   PRO A HG2  1 
ATOM   238 H HG3  . PRO A 1 18 ? 2.324  -19.303 -3.821 1.00 9.79  ? 17   PRO A HG3  1 
ATOM   239 H HD2  . PRO A 1 18 ? 4.773  -18.385 -2.756 1.00 8.70  ? 17   PRO A HD2  1 
ATOM   240 H HD3  . PRO A 1 18 ? 3.632  -17.506 -3.464 1.00 8.70  ? 17   PRO A HD3  1 
ATOM   241 N N    . GLY A 1 19 ? 1.892  -20.113 1.081  1.00 7.96  ? 18   GLY A N    1 
ATOM   242 C CA   . GLY A 1 19 ? 2.157  -20.669 2.408  1.00 8.54  ? 18   GLY A CA   1 
ATOM   243 C C    . GLY A 1 19 ? 2.789  -22.056 2.281  1.00 10.90 ? 18   GLY A C    1 
ATOM   244 O O    . GLY A 1 19 ? 3.079  -22.540 1.185  1.00 12.50 ? 18   GLY A O    1 
ATOM   245 H H    . GLY A 1 19 ? 1.265  -20.716 0.587  1.00 9.56  ? 18   GLY A H    1 
ATOM   246 H HA2  . GLY A 1 19 ? 2.838  -20.009 2.947  1.00 10.25 ? 18   GLY A HA2  1 
ATOM   247 H HA3  . GLY A 1 19 ? 1.220  -20.748 2.960  1.00 10.25 ? 18   GLY A HA3  1 
HETATM 248 N N    . NH2 A 1 20 ? 2.974  -22.676 3.439  1.00 13.42 ? 19   NH2 A N    1 
HETATM 249 H HN1  . NH2 A 1 20 ? 2.713  -22.227 4.293  1.00 16.11 ? 19   NH2 A HN1  1 
HETATM 250 H HN2  . NH2 A 1 20 ? 3.382  -23.588 3.458  1.00 16.11 ? 19   NH2 A HN2  1 
HETATM 251 C C    . ACE B 1 1  ? 3.083  25.821  -1.741 1.00 32.33 ? 0    ACE B C    1 
HETATM 252 O O    . ACE B 1 1  ? 3.198  25.579  -2.943 1.00 29.20 ? 0    ACE B O    1 
HETATM 253 C CH3  . ACE B 1 1  ? 2.635  27.147  -1.202 1.00 35.95 ? 0    ACE B CH3  1 
ATOM   254 N N    . PRO B 1 2  ? 4.135  25.283  -1.138 1.00 29.14 ? 1    PRO B N    1 
ATOM   255 C CA   . PRO B 1 2  ? 4.749  24.057  -1.654 1.00 26.67 ? 1    PRO B CA   1 
ATOM   256 C C    . PRO B 1 2  ? 3.717  22.948  -1.825 1.00 24.18 ? 1    PRO B C    1 
ATOM   257 O O    . PRO B 1 2  ? 2.616  23.038  -1.293 1.00 25.83 ? 1    PRO B O    1 
ATOM   258 C CB   . PRO B 1 2  ? 5.738  23.683  -0.552 1.00 29.17 ? 1    PRO B CB   1 
ATOM   259 C CG   . PRO B 1 2  ? 5.117  24.223  0.700  1.00 27.47 ? 1    PRO B CG   1 
ATOM   260 C CD   . PRO B 1 2  ? 4.406  25.488  0.297  1.00 27.30 ? 1    PRO B CD   1 
ATOM   261 H HA   . PRO B 1 2  ? 5.222  24.220  -2.497 1.00 32.00 ? 1    PRO B HA   1 
ATOM   262 H HB2  . PRO B 1 2  ? 5.829  22.718  -0.504 1.00 35.00 ? 1    PRO B HB2  1 
ATOM   263 H HB3  . PRO B 1 2  ? 6.595  24.103  -0.721 1.00 35.00 ? 1    PRO B HB3  1 
ATOM   264 H HG2  . PRO B 1 2  ? 4.487  23.577  1.055  1.00 32.97 ? 1    PRO B HG2  1 
ATOM   265 H HG3  . PRO B 1 2  ? 5.811  24.415  1.350  1.00 32.97 ? 1    PRO B HG3  1 
ATOM   266 H HD2  . PRO B 1 2  ? 3.575  25.580  0.789  1.00 32.76 ? 1    PRO B HD2  1 
ATOM   267 H HD3  . PRO B 1 2  ? 4.984  26.257  0.425  1.00 32.76 ? 1    PRO B HD3  1 
ATOM   268 N N    . PRO B 1 3  ? 4.063  21.901  -2.573 1.00 24.31 ? 2    PRO B N    1 
ATOM   269 C CA   . PRO B 1 3  ? 3.099  20.807  -2.738 1.00 23.97 ? 2    PRO B CA   1 
ATOM   270 C C    . PRO B 1 3  ? 3.012  20.009  -1.454 1.00 19.35 ? 2    PRO B C    1 
ATOM   271 O O    . PRO B 1 3  ? 3.973  19.992  -0.677 1.00 20.20 ? 2    PRO B O    1 
ATOM   272 C CB   . PRO B 1 3  ? 3.700  19.970  -3.867 1.00 30.19 ? 2    PRO B CB   1 
ATOM   273 C CG   . PRO B 1 3  ? 5.178  20.237  -3.783 1.00 32.18 ? 2    PRO B CG   1 
ATOM   274 C CD   . PRO B 1 3  ? 5.345  21.640  -3.245 1.00 27.06 ? 2    PRO B CD   1 
ATOM   275 H HA   . PRO B 1 3  ? 2.216  21.144  -2.994 1.00 28.77 ? 2    PRO B HA   1 
ATOM   276 H HB2  . PRO B 1 3  ? 3.510  19.031  -3.717 1.00 36.23 ? 2    PRO B HB2  1 
ATOM   277 H HB3  . PRO B 1 3  ? 3.344  20.264  -4.719 1.00 36.23 ? 2    PRO B HB3  1 
ATOM   278 H HG2  . PRO B 1 3  ? 5.587  19.594  -3.183 1.00 38.61 ? 2    PRO B HG2  1 
ATOM   279 H HG3  . PRO B 1 3  ? 5.568  20.166  -4.669 1.00 38.61 ? 2    PRO B HG3  1 
ATOM   280 H HD2  . PRO B 1 3  ? 6.075  21.673  -2.607 1.00 32.47 ? 2    PRO B HD2  1 
ATOM   281 H HD3  . PRO B 1 3  ? 5.479  22.268  -3.973 1.00 32.47 ? 2    PRO B HD3  1 
ATOM   282 N N    . GLY B 1 4  ? 1.864  19.380  -1.223 1.00 18.16 ? 3    GLY B N    1 
ATOM   283 C CA   . GLY B 1 4  ? 1.680  18.564  -0.048 1.00 16.53 ? 3    GLY B CA   1 
ATOM   284 C C    . GLY B 1 4  ? 2.588  17.346  -0.042 1.00 13.58 ? 3    GLY B C    1 
ATOM   285 O O    . GLY B 1 4  ? 3.268  17.040  -1.021 1.00 14.62 ? 3    GLY B O    1 
ATOM   286 H H    . GLY B 1 4  ? 1.177  19.415  -1.739 1.00 21.80 ? 3    GLY B H    1 
ATOM   287 H HA2  . GLY B 1 4  ? 1.868  19.090  0.745  1.00 19.83 ? 3    GLY B HA2  1 
ATOM   288 H HA3  . GLY B 1 4  ? 0.759  18.261  -0.005 1.00 19.83 ? 3    GLY B HA3  1 
ATOM   289 N N    . PRO B 1 5  ? 2.604  16.636  1.079  1.00 13.34 ? 4    PRO B N    1 
ATOM   290 C CA   . PRO B 1 5  ? 3.423  15.431  1.187  1.00 12.38 ? 4    PRO B CA   1 
ATOM   291 C C    . PRO B 1 5  ? 2.801  14.297  0.383  1.00 10.17 ? 4    PRO B C    1 
ATOM   292 O O    . PRO B 1 5  ? 1.624  14.366  0.039  1.00 9.81  ? 4    PRO B O    1 
ATOM   293 C CB   . PRO B 1 5  ? 3.356  15.112  2.681  1.00 12.89 ? 4    PRO B CB   1 
ATOM   294 C CG   . PRO B 1 5  ? 2.049  15.674  3.127  1.00 15.65 ? 4    PRO B CG   1 
ATOM   295 C CD   . PRO B 1 5  ? 1.826  16.902  2.300  1.00 13.76 ? 4    PRO B CD   1 
ATOM   296 H HA   . PRO B 1 5  ? 4.348  15.593  0.908  1.00 14.85 ? 4    PRO B HA   1 
ATOM   297 H HB2  . PRO B 1 5  ? 3.381  14.151  2.813  1.00 15.47 ? 4    PRO B HB2  1 
ATOM   298 H HB3  . PRO B 1 5  ? 4.092  15.543  3.143  1.00 15.47 ? 4    PRO B HB3  1 
ATOM   299 H HG2  . PRO B 1 5  ? 1.345  15.025  2.969  1.00 18.78 ? 4    PRO B HG2  1 
ATOM   300 H HG3  . PRO B 1 5  ? 2.098  15.902  4.068  1.00 18.78 ? 4    PRO B HG3  1 
ATOM   301 H HD2  . PRO B 1 5  ? 0.885  17.001  2.087  1.00 16.52 ? 4    PRO B HD2  1 
ATOM   302 H HD3  . PRO B 1 5  ? 2.172  17.685  2.758  1.00 16.52 ? 4    PRO B HD3  1 
ATOM   303 N N    . PRO B 1 6  ? 3.584  13.254  0.099  1.00 10.44 ? 5    PRO B N    1 
ATOM   304 C CA   . PRO B 1 6  ? 2.980  12.042  -0.465 1.00 9.71  ? 5    PRO B CA   1 
ATOM   305 C C    . PRO B 1 6  ? 1.822  11.584  0.411  1.00 8.97  ? 5    PRO B C    1 
ATOM   306 O O    . PRO B 1 6  ? 1.866  11.740  1.632  1.00 10.10 ? 5    PRO B O    1 
ATOM   307 C CB   . PRO B 1 6  ? 4.124  11.023  -0.428 1.00 11.28 ? 5    PRO B CB   1 
ATOM   308 C CG   . PRO B 1 6  ? 5.376  11.850  -0.414 1.00 14.09 ? 5    PRO B CG   1 
ATOM   309 C CD   . PRO B 1 6  ? 5.033  13.116  0.317  1.00 13.11 ? 5    PRO B CD   1 
ATOM   310 H HA   . PRO B 1 6  ? 2.680  12.186  -1.386 1.00 11.65 ? 5    PRO B HA   1 
ATOM   311 H HB2  . PRO B 1 6  ? 4.058  10.486  0.377  1.00 13.53 ? 5    PRO B HB2  1 
ATOM   312 H HB3  . PRO B 1 6  ? 4.089  10.464  -1.219 1.00 13.53 ? 5    PRO B HB3  1 
ATOM   313 H HG2  . PRO B 1 6  ? 6.078  11.369  0.052  1.00 16.90 ? 5    PRO B HG2  1 
ATOM   314 H HG3  . PRO B 1 6  ? 5.645  12.046  -1.326 1.00 16.90 ? 5    PRO B HG3  1 
ATOM   315 H HD2  . PRO B 1 6  ? 5.225  13.022  1.263  1.00 15.73 ? 5    PRO B HD2  1 
ATOM   316 H HD3  . PRO B 1 6  ? 5.506  13.869  -0.070 1.00 15.73 ? 5    PRO B HD3  1 
ATOM   317 N N    . GLY B 1 7  ? 0.789  11.017  -0.195 1.00 8.11  ? 6    GLY B N    1 
ATOM   318 C CA   . GLY B 1 7  ? -0.294 10.449  0.585  1.00 7.83  ? 6    GLY B CA   1 
ATOM   319 C C    . GLY B 1 7  ? 0.175  9.268   1.412  1.00 6.37  ? 6    GLY B C    1 
ATOM   320 O O    . GLY B 1 7  ? 1.300  8.773   1.243  1.00 6.92  ? 6    GLY B O    1 
ATOM   321 H H    . GLY B 1 7  ? 0.693  10.948  -1.047 1.00 9.73  ? 6    GLY B H    1 
ATOM   322 H HA2  . GLY B 1 7  ? -0.654 11.123  1.183  1.00 9.40  ? 6    GLY B HA2  1 
ATOM   323 H HA3  . GLY B 1 7  ? -1.001 10.151  -0.008 1.00 9.40  ? 6    GLY B HA3  1 
ATOM   324 N N    . PRO B 1 8  ? -0.694 8.783   2.310  1.00 6.71  ? 7    PRO B N    1 
ATOM   325 C CA   . PRO B 1 8  ? -0.385 7.575   3.074  1.00 6.86  ? 7    PRO B CA   1 
ATOM   326 C C    . PRO B 1 8  ? -0.033 6.429   2.133  1.00 5.22  ? 7    PRO B C    1 
ATOM   327 O O    . PRO B 1 8  ? -0.595 6.272   1.051  1.00 5.45  ? 7    PRO B O    1 
ATOM   328 C CB   . PRO B 1 8  ? -1.699 7.269   3.819  1.00 7.97  ? 7    PRO B CB   1 
ATOM   329 C CG   . PRO B 1 8  ? -2.449 8.550   3.835  1.00 9.94  ? 7    PRO B CG   1 
ATOM   330 C CD   . PRO B 1 8  ? -2.050 9.291   2.590  1.00 7.72  ? 7    PRO B CD   1 
ATOM   331 H HA   . PRO B 1 8  ? 0.341  7.731   3.713  1.00 8.23  ? 7    PRO B HA   1 
ATOM   332 H HB2  . PRO B 1 8  ? -2.195 6.588   3.338  1.00 9.56  ? 7    PRO B HB2  1 
ATOM   333 H HB3  . PRO B 1 8  ? -1.500 6.976   4.722  1.00 9.56  ? 7    PRO B HB3  1 
ATOM   334 H HG2  . PRO B 1 8  ? -3.402 8.367   3.831  1.00 11.93 ? 7    PRO B HG2  1 
ATOM   335 H HG3  . PRO B 1 8  ? -2.205 9.057   4.625  1.00 11.93 ? 7    PRO B HG3  1 
ATOM   336 H HD2  . PRO B 1 8  ? -2.650 9.075   1.860  1.00 9.26  ? 7    PRO B HD2  1 
ATOM   337 H HD3  . PRO B 1 8  ? -2.025 10.246  2.759  1.00 9.26  ? 7    PRO B HD3  1 
ATOM   338 N N    . THR B 1 9  ? 0.899  5.611   2.568  1.00 4.11  ? 8    THR B N    1 
ATOM   339 C CA   . THR B 1 9  ? 1.217  4.391   1.839  1.00 4.24  ? 8    THR B CA   1 
ATOM   340 C C    . THR B 1 9  ? -0.019 3.503   1.790  1.00 4.29  ? 8    THR B C    1 
ATOM   341 O O    . THR B 1 9  ? -0.801 3.476   2.729  1.00 4.66  ? 8    THR B O    1 
ATOM   342 C CB   . THR B 1 9  ? 2.382  3.699   2.524  1.00 4.34  ? 8    THR B CB   1 
ATOM   343 O OG1  . THR B 1 9  ? 3.494  4.592   2.457  1.00 4.96  ? 8    THR B OG1  1 
ATOM   344 C CG2  . THR B 1 9  ? 2.721  2.371   1.865  1.00 5.25  ? 8    THR B CG2  1 
ATOM   345 H H    . THR B 1 9  ? 1.366  5.732   3.280  1.00 4.93  ? 8    THR B H    1 
ATOM   346 H HA   . THR B 1 9  ? 1.481  4.614   0.922  1.00 5.08  ? 8    THR B HA   1 
ATOM   347 H HB   . THR B 1 9  ? 2.157  3.532   3.453  1.00 5.20  ? 8    THR B HB   1 
ATOM   348 H HG1  . THR B 1 9  ? 3.676  4.754   1.674  1.00 5.96  ? 8    THR B HG1  1 
ATOM   349 H HG21 . THR B 1 9  ? 2.961  2.512   0.946  1.00 6.30  ? 8    THR B HG21 1 
ATOM   350 H HG22 . THR B 1 9  ? 3.460  1.958   2.320  1.00 6.30  ? 8    THR B HG22 1 
ATOM   351 H HG23 . THR B 1 9  ? 1.964  1.783   1.903  1.00 6.30  ? 8    THR B HG23 1 
ATOM   352 N N    . GLY B 1 10 ? -0.196 2.796   0.682  1.00 4.76  ? 9    GLY B N    1 
ATOM   353 C CA   . GLY B 1 10 ? -1.334 1.913   0.512  1.00 4.73  ? 9    GLY B CA   1 
ATOM   354 C C    . GLY B 1 10 ? -1.335 0.762   1.504  1.00 4.43  ? 9    GLY B C    1 
ATOM   355 O O    . GLY B 1 10 ? -0.293 0.408   2.071  1.00 3.95  ? 9    GLY B O    1 
ATOM   356 H H    . GLY B 1 10 ? 0.337  2.812   0.007  1.00 5.71  ? 9    GLY B H    1 
ATOM   357 H HA2  . GLY B 1 10 ? -2.154 2.418   0.627  1.00 5.67  ? 9    GLY B HA2  1 
ATOM   358 H HA3  . GLY B 1 10 ? -1.324 1.544   -0.386 1.00 5.67  ? 9    GLY B HA3  1 
ATOM   359 N N    . PRO B 1 11 ? -2.510 0.166   1.729  1.00 4.94  ? 10   PRO B N    1 
ATOM   360 C CA   . PRO B 1 11 ? -2.611 -0.939  2.688  1.00 4.97  ? 10   PRO B CA   1 
ATOM   361 C C    . PRO B 1 11 ? -1.765 -2.135  2.255  1.00 3.96  ? 10   PRO B C    1 
ATOM   362 O O    . PRO B 1 11 ? -1.470 -2.335  1.069  1.00 4.50  ? 10   PRO B O    1 
ATOM   363 C CB   . PRO B 1 11 ? -4.105 -1.290  2.678  1.00 7.37  ? 10   PRO B CB   1 
ATOM   364 C CG   . PRO B 1 11 ? -4.635 -0.720  1.425  1.00 7.92  ? 10   PRO B CG   1 
ATOM   365 C CD   . PRO B 1 11 ? -3.790 0.472   1.081  1.00 6.31  ? 10   PRO B CD   1 
ATOM   366 H HA   . PRO B 1 11 ? -2.343 -0.648  3.585  1.00 5.96  ? 10   PRO B HA   1 
ATOM   367 H HB2  . PRO B 1 11 ? -4.214 -2.254  2.688  1.00 8.84  ? 10   PRO B HB2  1 
ATOM   368 H HB3  . PRO B 1 11 ? -4.539 -0.889  3.447  1.00 8.84  ? 10   PRO B HB3  1 
ATOM   369 H HG2  . PRO B 1 11 ? -4.579 -1.386  0.722  1.00 9.51  ? 10   PRO B HG2  1 
ATOM   370 H HG3  . PRO B 1 11 ? -5.557 -0.451  1.561  1.00 9.51  ? 10   PRO B HG3  1 
ATOM   371 H HD2  . PRO B 1 11 ? -3.676 0.542   0.121  1.00 7.57  ? 10   PRO B HD2  1 
ATOM   372 H HD3  . PRO B 1 11 ? -4.174 1.280   1.456  1.00 7.57  ? 10   PRO B HD3  1 
ATOM   373 N N    . ARG B 1 12 ? -1.379 -2.942  3.224  1.00 4.25  ? 11   ARG B N    1 
ATOM   374 C CA   A ARG B 1 12 ? -0.683 -4.180  2.935  0.55 4.02  ? 11   ARG B CA   1 
ATOM   375 C CA   B ARG B 1 12 ? -0.680 -4.184  2.943  0.45 6.04  ? 11   ARG B CA   1 
ATOM   376 C C    . ARG B 1 12 ? -1.529 -5.092  2.038  1.00 4.58  ? 11   ARG B C    1 
ATOM   377 O O    . ARG B 1 12 ? -2.762 -5.148  2.156  1.00 5.01  ? 11   ARG B O    1 
ATOM   378 C CB   A ARG B 1 12 ? -0.332 -4.912  4.224  0.55 4.68  ? 11   ARG B CB   1 
ATOM   379 C CB   B ARG B 1 12 ? -0.340 -4.893  4.262  0.45 8.99  ? 11   ARG B CB   1 
ATOM   380 C CG   A ARG B 1 12 ? 0.526  -6.142  3.986  0.55 5.10  ? 11   ARG B CG   1 
ATOM   381 C CG   B ARG B 1 12 ? 0.572  -6.122  4.149  0.45 9.77  ? 11   ARG B CG   1 
ATOM   382 C CD   A ARG B 1 12 ? 1.011  -6.749  5.282  0.55 7.24  ? 11   ARG B CD   1 
ATOM   383 C CD   B ARG B 1 12 ? 0.839  -6.727  5.539  0.45 13.59 ? 11   ARG B CD   1 
ATOM   384 N NE   A ARG B 1 12 ? 2.116  -7.679  5.052  0.55 8.07  ? 11   ARG B NE   1 
ATOM   385 N NE   B ARG B 1 12 ? -0.387 -7.273  6.119  0.45 19.39 ? 11   ARG B NE   1 
ATOM   386 C CZ   A ARG B 1 12 ? 2.647  -8.456  5.986  0.55 8.84  ? 11   ARG B CZ   1 
ATOM   387 C CZ   B ARG B 1 12 ? -0.541 -7.659  7.386  0.45 22.88 ? 11   ARG B CZ   1 
ATOM   388 N NH1  A ARG B 1 12 ? 2.154  -8.443  7.215  0.55 12.46 1 11   ARG B NH1  1 
ATOM   389 N NH1  B ARG B 1 12 ? 0.455  -7.565  8.257  0.45 25.93 1 11   ARG B NH1  1 
ATOM   390 N NH2  A ARG B 1 12 ? 3.667  -9.246  5.691  0.55 10.87 ? 11   ARG B NH2  1 
ATOM   391 N NH2  B ARG B 1 12 ? -1.708 -8.144  7.781  0.45 23.92 ? 11   ARG B NH2  1 
ATOM   392 H H    . ARG B 1 12 ? -1.508 -2.796  4.062  0.45 5.10  ? 11   ARG B H    1 
ATOM   393 H HA   . ARG B 1 12 ? 0.154  -3.981  2.470  0.55 7.24  ? 11   ARG B HA   1 
ATOM   394 H HB2  A ARG B 1 12 ? 0.160  -4.311  4.805  0.55 5.62  ? 11   ARG B HB2  1 
ATOM   395 H HB2  B ARG B 1 12 ? 0.102  -4.256  4.845  0.45 10.79 ? 11   ARG B HB2  1 
ATOM   396 H HB3  A ARG B 1 12 ? -1.151 -5.198  4.658  0.55 5.62  ? 11   ARG B HB3  1 
ATOM   397 H HB3  B ARG B 1 12 ? -1.169 -5.185  4.674  0.45 10.79 ? 11   ARG B HB3  1 
ATOM   398 H HG2  A ARG B 1 12 ? 0.003  -6.810  3.516  0.55 6.13  ? 11   ARG B HG2  1 
ATOM   399 H HG2  B ARG B 1 12 ? 0.142  -6.795  3.599  0.45 11.72 ? 11   ARG B HG2  1 
ATOM   400 H HG3  A ARG B 1 12 ? 1.301  -5.892  3.460  0.55 6.13  ? 11   ARG B HG3  1 
ATOM   401 H HG3  B ARG B 1 12 ? 1.421  -5.859  3.762  0.45 11.72 ? 11   ARG B HG3  1 
ATOM   402 H HD2  A ARG B 1 12 ? 1.325  -6.043  5.869  0.55 8.68  ? 11   ARG B HD2  1 
ATOM   403 H HD2  B ARG B 1 12 ? 1.484  -7.446  5.458  0.45 16.30 ? 11   ARG B HD2  1 
ATOM   404 H HD3  A ARG B 1 12 ? 0.284  -7.237  5.700  0.55 8.68  ? 11   ARG B HD3  1 
ATOM   405 H HD3  B ARG B 1 12 ? 1.174  -6.036  6.131  0.45 16.30 ? 11   ARG B HD3  1 
ATOM   406 H HE   A ARG B 1 12 ? 2.443  -7.725  4.257  0.55 9.68  ? 11   ARG B HE   1 
ATOM   407 H HE   B ARG B 1 12 ? -1.067 -7.353  5.599  0.45 23.27 ? 11   ARG B HE   1 
ATOM   408 H HH11 A ARG B 1 12 ? 1.497  -7.923  7.409  0.55 14.95 ? 11   ARG B HH11 1 
ATOM   409 H HH11 B ARG B 1 12 ? 1.216  -7.253  8.007  0.45 31.12 ? 11   ARG B HH11 1 
ATOM   410 H HH12 A ARG B 1 12 ? 2.495  -8.949  7.821  0.55 14.95 ? 11   ARG B HH12 1 
ATOM   411 H HH12 B ARG B 1 12 ? 0.338  -7.817  9.071  0.45 31.12 ? 11   ARG B HH12 1 
ATOM   412 H HH21 A ARG B 1 12 ? 3.982  -9.261  4.891  0.55 13.04 ? 11   ARG B HH21 1 
ATOM   413 H HH21 B ARG B 1 12 ? -2.360 -8.206  7.222  0.45 28.70 ? 11   ARG B HH21 1 
ATOM   414 H HH22 A ARG B 1 12 ? 4.001  -9.760  6.294  0.55 13.04 ? 11   ARG B HH22 1 
ATOM   415 H HH22 B ARG B 1 12 ? -1.817 -8.393  8.597  0.45 28.70 ? 11   ARG B HH22 1 
ATOM   416 N N    . GLY B 1 13 ? -0.874 -5.803  1.142  1.00 4.78  ? 12   GLY B N    1 
ATOM   417 C CA   . GLY B 1 13 ? -1.557 -6.740  0.273  1.00 4.63  ? 12   GLY B CA   1 
ATOM   418 C C    . GLY B 1 13 ? -2.158 -7.905  1.041  1.00 3.83  ? 12   GLY B C    1 
ATOM   419 O O    . GLY B 1 13 ? -1.866 -8.131  2.220  1.00 4.05  ? 12   GLY B O    1 
ATOM   420 H H    . GLY B 1 13 ? -0.025 -5.761  1.014  1.00 5.74  ? 12   GLY B H    1 
ATOM   421 H HA2  . GLY B 1 13 ? -2.269 -6.283  -0.199 1.00 5.56  ? 12   GLY B HA2  1 
ATOM   422 H HA3  . GLY B 1 13 ? -0.932 -7.092  -0.379 1.00 5.56  ? 12   GLY B HA3  1 
ATOM   423 N N    . PRO B 1 14 ? -2.998 -8.693  0.367  1.00 4.51  ? 13   PRO B N    1 
ATOM   424 C CA   . PRO B 1 14 ? -3.617 -9.862  0.991  1.00 5.52  ? 13   PRO B CA   1 
ATOM   425 C C    . PRO B 1 14 ? -2.603 -10.968 1.216  1.00 4.32  ? 13   PRO B C    1 
ATOM   426 O O    . PRO B 1 14 ? -1.529 -10.980 0.613  1.00 4.32  ? 13   PRO B O    1 
ATOM   427 C CB   . PRO B 1 14 ? -4.646 -10.299 -0.053 1.00 6.71  ? 13   PRO B CB   1 
ATOM   428 C CG   . PRO B 1 14 ? -4.045 -9.879  -1.341 1.00 6.07  ? 13   PRO B CG   1 
ATOM   429 C CD   . PRO B 1 14 ? -3.344 -8.579  -1.059 1.00 5.83  ? 13   PRO B CD   1 
ATOM   430 H HA   . PRO B 1 14 ? -4.063 -9.625  1.832  1.00 6.62  ? 13   PRO B HA   1 
ATOM   431 H HB2  . PRO B 1 14 ? -4.761 -11.262 -0.021 1.00 8.05  ? 13   PRO B HB2  1 
ATOM   432 H HB3  . PRO B 1 14 ? -5.488 -9.843  0.102  1.00 8.05  ? 13   PRO B HB3  1 
ATOM   433 H HG2  . PRO B 1 14 ? -3.411 -10.551 -1.639 1.00 7.29  ? 13   PRO B HG2  1 
ATOM   434 H HG3  . PRO B 1 14 ? -4.744 -9.753  -2.002 1.00 7.29  ? 13   PRO B HG3  1 
ATOM   435 H HD2  . PRO B 1 14 ? -2.542 -8.502  -1.598 1.00 7.00  ? 13   PRO B HD2  1 
ATOM   436 H HD3  . PRO B 1 14 ? -3.945 -7.831  -1.203 1.00 7.00  ? 13   PRO B HD3  1 
ATOM   437 N N    . PRO B 1 15 ? -2.934 -11.924 2.080  1.00 5.58  ? 14   PRO B N    1 
ATOM   438 C CA   . PRO B 1 15 ? -2.051 -13.071 2.259  1.00 5.22  ? 14   PRO B CA   1 
ATOM   439 C C    . PRO B 1 15 ? -1.876 -13.857 0.961  1.00 4.31  ? 14   PRO B C    1 
ATOM   440 O O    . PRO B 1 15 ? -2.729 -13.804 0.055  1.00 4.71  ? 14   PRO B O    1 
ATOM   441 C CB   . PRO B 1 15 ? -2.784 -13.922 3.298  1.00 8.38  ? 14   PRO B CB   1 
ATOM   442 C CG   . PRO B 1 15 ? -3.572 -12.923 4.085  1.00 15.17 ? 14   PRO B CG   1 
ATOM   443 C CD   . PRO B 1 15 ? -4.005 -11.884 3.092  1.00 9.57  ? 14   PRO B CD   1 
ATOM   444 H HA   . PRO B 1 15 ? -1.178 -12.794 2.607  1.00 6.27  ? 14   PRO B HA   1 
ATOM   445 H HB2  . PRO B 1 15 ? -3.370 -14.554 2.854  1.00 10.06 ? 14   PRO B HB2  1 
ATOM   446 H HB3  . PRO B 1 15 ? -2.142 -14.380 3.863  1.00 10.06 ? 14   PRO B HB3  1 
ATOM   447 H HG2  . PRO B 1 15 ? -4.342 -13.357 4.484  1.00 18.20 ? 14   PRO B HG2  1 
ATOM   448 H HG3  . PRO B 1 15 ? -3.008 -12.529 4.769  1.00 18.20 ? 14   PRO B HG3  1 
ATOM   449 H HD2  . PRO B 1 15 ? -4.856 -12.128 2.694  1.00 11.49 ? 14   PRO B HD2  1 
ATOM   450 H HD3  . PRO B 1 15 ? -4.043 -11.010 3.510  1.00 11.49 ? 14   PRO B HD3  1 
ATOM   451 N N    . GLY B 1 16 ? -0.780 -14.586 0.852  1.00 5.54  ? 15   GLY B N    1 
ATOM   452 C CA   . GLY B 1 16 ? -0.591 -15.458 -0.284 1.00 5.18  ? 15   GLY B CA   1 
ATOM   453 C C    . GLY B 1 16 ? -1.563 -16.635 -0.254 1.00 4.07  ? 15   GLY B C    1 
ATOM   454 O O    . GLY B 1 16 ? -2.345 -16.818 0.688  1.00 4.08  ? 15   GLY B O    1 
ATOM   455 H H    . GLY B 1 16 ? -0.134 -14.593 1.420  1.00 6.64  ? 15   GLY B H    1 
ATOM   456 H HA2  . GLY B 1 16 ? -0.731 -14.960 -1.105 1.00 6.21  ? 15   GLY B HA2  1 
ATOM   457 H HA3  . GLY B 1 16 ? 0.316  -15.804 -0.282 1.00 6.21  ? 15   GLY B HA3  1 
ATOM   458 N N    . PRO B 1 17 ? -1.498 -17.473 -1.282 1.00 4.71  ? 16   PRO B N    1 
ATOM   459 C CA   . PRO B 1 17 ? -2.373 -18.647 -1.349 1.00 5.09  ? 16   PRO B CA   1 
ATOM   460 C C    . PRO B 1 17 ? -1.944 -19.685 -0.318 1.00 4.92  ? 16   PRO B C    1 
ATOM   461 O O    . PRO B 1 17 ? -0.797 -19.694 0.105  1.00 4.95  ? 16   PRO B O    1 
ATOM   462 C CB   . PRO B 1 17 ? -2.139 -19.167 -2.764 1.00 5.86  ? 16   PRO B CB   1 
ATOM   463 C CG   . PRO B 1 17 ? -0.752 -18.728 -3.100 1.00 5.34  ? 16   PRO B CG   1 
ATOM   464 C CD   . PRO B 1 17 ? -0.594 -17.383 -2.437 1.00 6.23  ? 16   PRO B CD   1 
ATOM   465 H HA   . PRO B 1 17 ? -3.314 -18.402 -1.223 1.00 6.11  ? 16   PRO B HA   1 
ATOM   466 H HB2  . PRO B 1 17 ? -2.207 -20.135 -2.774 1.00 7.03  ? 16   PRO B HB2  1 
ATOM   467 H HB3  . PRO B 1 17 ? -2.783 -18.769 -3.371 1.00 7.03  ? 16   PRO B HB3  1 
ATOM   468 H HG2  . PRO B 1 17 ? -0.113 -19.364 -2.743 1.00 6.40  ? 16   PRO B HG2  1 
ATOM   469 H HG3  . PRO B 1 17 ? -0.659 -18.649 -4.062 1.00 6.40  ? 16   PRO B HG3  1 
ATOM   470 H HD2  . PRO B 1 17 ? 0.321  -17.256 -2.142 1.00 7.48  ? 16   PRO B HD2  1 
ATOM   471 H HD3  . PRO B 1 17 ? -0.878 -16.675 -3.036 1.00 7.48  ? 16   PRO B HD3  1 
ATOM   472 N N    . PRO B 1 18 ? -2.873 -20.548 0.096  1.00 6.79  ? 17   PRO B N    1 
ATOM   473 C CA   . PRO B 1 18 ? -2.512 -21.561 1.092  1.00 7.34  ? 17   PRO B CA   1 
ATOM   474 C C    . PRO B 1 18 ? -1.477 -22.558 0.570  1.00 7.90  ? 17   PRO B C    1 
ATOM   475 O O    . PRO B 1 18 ? -1.401 -22.807 -0.638 1.00 8.77  ? 17   PRO B O    1 
ATOM   476 C CB   . PRO B 1 18 ? -3.836 -22.289 1.358  1.00 9.62  ? 17   PRO B CB   1 
ATOM   477 C CG   . PRO B 1 18 ? -4.899 -21.389 0.828  1.00 11.83 ? 17   PRO B CG   1 
ATOM   478 C CD   . PRO B 1 18 ? -4.284 -20.627 -0.302 1.00 8.79  ? 17   PRO B CD   1 
ATOM   479 H HA   . PRO B 1 18 ? -2.189 -21.142 1.917  1.00 8.81  ? 17   PRO B HA   1 
ATOM   480 H HB2  . PRO B 1 18 ? -3.841 -23.138 0.888  1.00 11.54 ? 17   PRO B HB2  1 
ATOM   481 H HB3  . PRO B 1 18 ? -3.947 -22.426 2.312  1.00 11.54 ? 17   PRO B HB3  1 
ATOM   482 H HG2  . PRO B 1 18 ? -5.645 -21.921 0.511  1.00 14.19 ? 17   PRO B HG2  1 
ATOM   483 H HG3  . PRO B 1 18 ? -5.187 -20.782 1.528  1.00 14.19 ? 17   PRO B HG3  1 
ATOM   484 H HD2  . PRO B 1 18 ? -4.376 -21.118 -1.133 1.00 10.54 ? 17   PRO B HD2  1 
ATOM   485 H HD3  . PRO B 1 18 ? -4.670 -19.740 -0.364 1.00 10.54 ? 17   PRO B HD3  1 
ATOM   486 N N    . GLY B 1 19 ? -0.695 -23.134 1.474  1.00 7.74  ? 18   GLY B N    1 
ATOM   487 C CA   . GLY B 1 19 ? 0.275  -24.157 1.082  1.00 9.03  ? 18   GLY B CA   1 
ATOM   488 C C    . GLY B 1 19 ? -0.433 -25.502 1.123  1.00 11.12 ? 18   GLY B C    1 
ATOM   489 O O    . GLY B 1 19 ? -1.629 -25.650 0.867  1.00 15.52 ? 18   GLY B O    1 
ATOM   490 H H    . GLY B 1 19 ? -1.025 -23.325 2.398  1.00 9.29  ? 18   GLY B H    1 
ATOM   491 H HA2  . GLY B 1 19 ? 0.634  -23.957 0.072  1.00 10.84 ? 18   GLY B HA2  1 
ATOM   492 H HA3  . GLY B 1 19 ? 1.114  -24.157 1.779  1.00 10.84 ? 18   GLY B HA3  1 
HETATM 493 N N    . NH2 B 1 20 ? 0.367  -26.487 1.403  1.00 13.48 ? 19   NH2 B N    1 
HETATM 494 H HN1  . NH2 B 1 20 ? 1.332  -26.308 1.592  1.00 16.18 ? 19   NH2 B HN1  1 
HETATM 495 H HN2  . NH2 B 1 20 ? 0.012  -27.420 1.457  1.00 16.18 ? 19   NH2 B HN2  1 
HETATM 496 C C    . ACE C 1 1  ? -1.521 23.122  -2.979 1.00 34.98 ? 0    ACE C C    1 
HETATM 497 O O    . ACE C 1 1  ? -2.683 22.732  -2.877 1.00 35.36 ? 0    ACE C O    1 
HETATM 498 C CH3  . ACE C 1 1  ? -1.036 24.386  -2.334 1.00 36.45 ? 0    ACE C CH3  1 
ATOM   499 N N    . PRO C 1 2  ? -0.751 22.742  -3.992 1.00 33.33 ? 1    PRO C N    1 
ATOM   500 C CA   . PRO C 1 2  ? -1.283 21.560  -4.679 1.00 27.77 ? 1    PRO C CA   1 
ATOM   501 C C    . PRO C 1 2  ? -1.183 20.306  -3.813 1.00 23.00 ? 1    PRO C C    1 
ATOM   502 O O    . PRO C 1 2  ? -0.336 20.240  -2.915 1.00 21.84 ? 1    PRO C O    1 
ATOM   503 C CB   . PRO C 1 2  ? -0.354 21.426  -5.884 1.00 30.68 ? 1    PRO C CB   1 
ATOM   504 C CG   . PRO C 1 2  ? 0.955  21.970  -5.394 1.00 34.47 ? 1    PRO C CG   1 
ATOM   505 C CD   . PRO C 1 2  ? 0.609  23.085  -4.445 1.00 33.77 ? 1    PRO C CD   1 
ATOM   506 H HA   . PRO C 1 2  ? -2.207 21.702  -4.974 1.00 33.33 ? 1    PRO C HA   1 
ATOM   507 H HB2  . PRO C 1 2  ? -0.270 20.493  -6.135 1.00 36.81 ? 1    PRO C HB2  1 
ATOM   508 H HB3  . PRO C 1 2  ? -0.694 21.955  -6.623 1.00 36.81 ? 1    PRO C HB3  1 
ATOM   509 H HG2  . PRO C 1 2  ? 1.445  21.270  -4.933 1.00 41.37 ? 1    PRO C HG2  1 
ATOM   510 H HG3  . PRO C 1 2  ? 1.468  22.308  -6.145 1.00 41.37 ? 1    PRO C HG3  1 
ATOM   511 H HD2  . PRO C 1 2  ? 1.224  23.093  -3.695 1.00 40.52 ? 1    PRO C HD2  1 
ATOM   512 H HD3  . PRO C 1 2  ? 0.606  23.937  -4.911 1.00 40.52 ? 1    PRO C HD3  1 
ATOM   513 N N    . PRO C 1 3  ? -2.016 19.296  -4.105 1.00 24.39 ? 2    PRO C N    1 
ATOM   514 C CA   . PRO C 1 3  ? -1.940 18.043  -3.350 1.00 22.30 ? 2    PRO C CA   1 
ATOM   515 C C    . PRO C 1 3  ? -0.596 17.367  -3.583 1.00 19.64 ? 2    PRO C C    1 
ATOM   516 O O    . PRO C 1 3  ? -0.006 17.505  -4.661 1.00 20.71 ? 2    PRO C O    1 
ATOM   517 C CB   . PRO C 1 3  ? -3.059 17.206  -3.968 1.00 22.67 ? 2    PRO C CB   1 
ATOM   518 C CG   . PRO C 1 3  ? -3.154 17.710  -5.379 1.00 26.21 ? 2    PRO C CG   1 
ATOM   519 C CD   . PRO C 1 3  ? -2.913 19.187  -5.269 1.00 25.66 ? 2    PRO C CD   1 
ATOM   520 H HA   . PRO C 1 3  ? -2.100 18.184  -2.394 1.00 26.76 ? 2    PRO C HA   1 
ATOM   521 H HB2  . PRO C 1 3  ? -2.815 16.267  -3.952 1.00 27.20 ? 2    PRO C HB2  1 
ATOM   522 H HB3  . PRO C 1 3  ? -3.888 17.358  -3.490 1.00 27.20 ? 2    PRO C HB3  1 
ATOM   523 H HG2  . PRO C 1 3  ? -2.472 17.290  -5.925 1.00 31.45 ? 2    PRO C HG2  1 
ATOM   524 H HG3  . PRO C 1 3  ? -4.039 17.532  -5.733 1.00 31.45 ? 2    PRO C HG3  1 
ATOM   525 H HD2  . PRO C 1 3  ? -2.473 19.518  -6.067 1.00 30.79 ? 2    PRO C HD2  1 
ATOM   526 H HD3  . PRO C 1 3  ? -3.746 19.654  -5.101 1.00 30.79 ? 2    PRO C HD3  1 
ATOM   527 N N    . GLY C 1 4  ? -0.115 16.639  -2.584 1.00 18.92 ? 3    GLY C N    1 
ATOM   528 C CA   . GLY C 1 4  ? 1.060  15.817  -2.768 1.00 17.62 ? 3    GLY C CA   1 
ATOM   529 C C    . GLY C 1 4  ? 0.739  14.681  -3.720 1.00 16.62 ? 3    GLY C C    1 
ATOM   530 O O    . GLY C 1 4  ? -0.415 14.482  -4.099 1.00 16.57 ? 3    GLY C O    1 
ATOM   531 H H    . GLY C 1 4  ? -0.452 16.607  -1.794 1.00 22.70 ? 3    GLY C H    1 
ATOM   532 H HA2  . GLY C 1 4  ? 1.782  16.346  -3.139 1.00 21.14 ? 3    GLY C HA2  1 
ATOM   533 H HA3  . GLY C 1 4  ? 1.344  15.446  -1.917 1.00 21.14 ? 3    GLY C HA3  1 
ATOM   534 N N    . PRO C 1 5  ? 1.765  13.971  -4.125 1.00 13.29 ? 4    PRO C N    1 
ATOM   535 C CA   . PRO C 1 5  ? 1.496  12.813  -4.945 1.00 14.84 ? 4    PRO C CA   1 
ATOM   536 C C    . PRO C 1 5  ? 0.766  11.729  -4.129 1.00 11.45 ? 4    PRO C C    1 
ATOM   537 O O    . PRO C 1 5  ? 0.767  11.698  -2.966 1.00 10.06 ? 4    PRO C O    1 
ATOM   538 C CB   . PRO C 1 5  ? 2.873  12.350  -5.333 1.00 16.68 ? 4    PRO C CB   1 
ATOM   539 C CG   . PRO C 1 5  ? 3.727  12.760  -4.221 1.00 19.14 ? 4    PRO C CG   1 
ATOM   540 C CD   . PRO C 1 5  ? 3.173  14.039  -3.760 1.00 16.03 ? 4    PRO C CD   1 
ATOM   541 H HA   . PRO C 1 5  ? 0.978  13.050  -5.743 1.00 17.81 ? 4    PRO C HA   1 
ATOM   542 H HB2  . PRO C 1 5  ? 2.878  11.385  -5.434 1.00 20.01 ? 4    PRO C HB2  1 
ATOM   543 H HB3  . PRO C 1 5  ? 3.146  12.785  -6.156 1.00 20.01 ? 4    PRO C HB3  1 
ATOM   544 H HG2  . PRO C 1 5  ? 3.687  12.095  -3.515 1.00 22.97 ? 4    PRO C HG2  1 
ATOM   545 H HG3  . PRO C 1 5  ? 4.638  12.873  -4.534 1.00 22.97 ? 4    PRO C HG3  1 
ATOM   546 H HD2  . PRO C 1 5  ? 3.267  14.118  -2.798 1.00 19.24 ? 4    PRO C HD2  1 
ATOM   547 H HD3  . PRO C 1 5  ? 3.604  14.777  -4.219 1.00 19.24 ? 4    PRO C HD3  1 
ATOM   548 N N    . PRO C 1 6  ? 0.106  10.804  -4.944 1.00 12.73 ? 5    PRO C N    1 
ATOM   549 C CA   . PRO C 1 6  ? -0.455 9.632   -4.250 1.00 11.82 ? 5    PRO C CA   1 
ATOM   550 C C    . PRO C 1 6  ? 0.601  8.867   -3.467 1.00 9.59  ? 5    PRO C C    1 
ATOM   551 O O    . PRO C 1 6  ? 1.734  8.875   -3.826 1.00 9.64  ? 5    PRO C O    1 
ATOM   552 C CB   . PRO C 1 6  ? -0.952 8.755   -5.389 1.00 14.77 ? 5    PRO C CB   1 
ATOM   553 C CG   . PRO C 1 6  ? -1.290 9.646   -6.475 1.00 19.18 ? 5    PRO C CG   1 
ATOM   554 C CD   . PRO C 1 6  ? -0.216 10.623  -6.447 1.00 17.36 ? 5    PRO C CD   1 
ATOM   555 H HA   . PRO C 1 6  ? -1.199 9.886   -3.665 1.00 14.18 ? 5    PRO C HA   1 
ATOM   556 H HB2  . PRO C 1 6  ? -0.247 8.146   -5.659 1.00 17.72 ? 5    PRO C HB2  1 
ATOM   557 H HB3  . PRO C 1 6  ? -1.734 8.262   -5.099 1.00 17.72 ? 5    PRO C HB3  1 
ATOM   558 H HG2  . PRO C 1 6  ? -1.298 9.159   -7.314 1.00 23.01 ? 5    PRO C HG2  1 
ATOM   559 H HG3  . PRO C 1 6  ? -2.148 10.066  -6.305 1.00 23.01 ? 5    PRO C HG3  1 
ATOM   560 H HD2  . PRO C 1 6  ? 0.561  10.280  -6.917 1.00 20.84 ? 5    PRO C HD2  1 
ATOM   561 H HD3  . PRO C 1 6  ? -0.517 11.462  -6.829 1.00 20.84 ? 5    PRO C HD3  1 
ATOM   562 N N    . GLY C 1 7  ? 0.176  8.253   -2.380 1.00 8.53  ? 6    GLY C N    1 
ATOM   563 C CA   . GLY C 1 7  ? 1.090  7.419   -1.633 1.00 6.90  ? 6    GLY C CA   1 
ATOM   564 C C    . GLY C 1 7  ? 1.575  6.251   -2.467 1.00 6.15  ? 6    GLY C C    1 
ATOM   565 O O    . GLY C 1 7  ? 0.949  5.850   -3.437 1.00 7.10  ? 6    GLY C O    1 
ATOM   566 H H    . GLY C 1 7  ? -0.621 8.300   -2.059 1.00 10.23 ? 6    GLY C H    1 
ATOM   567 H HA2  . GLY C 1 7  ? 1.857  7.944   -1.355 1.00 8.28  ? 6    GLY C HA2  1 
ATOM   568 H HA3  . GLY C 1 7  ? 0.646  7.075   -0.842 1.00 8.28  ? 6    GLY C HA3  1 
ATOM   569 N N    . PRO C 1 8  ? 2.720  5.699   -2.087 1.00 6.52  ? 7    PRO C N    1 
ATOM   570 C CA   . PRO C 1 8  ? 3.220  4.517   -2.781 1.00 7.51  ? 7    PRO C CA   1 
ATOM   571 C C    . PRO C 1 8  ? 2.326  3.313   -2.564 1.00 5.86  ? 7    PRO C C    1 
ATOM   572 O O    . PRO C 1 8  ? 1.531  3.245   -1.618 1.00 6.00  ? 7    PRO C O    1 
ATOM   573 C CB   . PRO C 1 8  ? 4.606  4.299   -2.169 1.00 11.49 ? 7    PRO C CB   1 
ATOM   574 C CG   . PRO C 1 8  ? 4.603  5.039   -0.897 1.00 13.78 ? 7    PRO C CG   1 
ATOM   575 C CD   . PRO C 1 8  ? 3.593  6.138   -0.992 1.00 9.01  ? 7    PRO C CD   1 
ATOM   576 H HA   . PRO C 1 8  ? 3.309  4.693   -3.741 1.00 9.02  ? 7    PRO C HA   1 
ATOM   577 H HB2  . PRO C 1 8  ? 4.747  3.352   -2.012 1.00 13.79 ? 7    PRO C HB2  1 
ATOM   578 H HB3  . PRO C 1 8  ? 5.284  4.651   -2.766 1.00 13.79 ? 7    PRO C HB3  1 
ATOM   579 H HG2  . PRO C 1 8  ? 4.368  4.432   -0.178 1.00 16.54 ? 7    PRO C HG2  1 
ATOM   580 H HG3  . PRO C 1 8  ? 5.486  5.409   -0.744 1.00 16.54 ? 7    PRO C HG3  1 
ATOM   581 H HD2  . PRO C 1 8  ? 3.090  6.208   -0.165 1.00 10.81 ? 7    PRO C HD2  1 
ATOM   582 H HD3  . PRO C 1 8  ? 4.026  6.976   -1.218 1.00 10.81 ? 7    PRO C HD3  1 
ATOM   583 N N    . THR C 1 9  ? 2.457  2.360   -3.469 1.00 6.39  ? 8    THR C N    1 
ATOM   584 C CA   . THR C 1 9  ? 1.826  1.064   -3.340 1.00 6.47  ? 8    THR C CA   1 
ATOM   585 C C    . THR C 1 9  ? 2.236  0.428   -2.015 1.00 4.93  ? 8    THR C C    1 
ATOM   586 O O    . THR C 1 9  ? 3.378  0.547   -1.580 1.00 6.38  ? 8    THR C O    1 
ATOM   587 C CB   . THR C 1 9  ? 2.227  0.155   -4.508 1.00 8.58  ? 8    THR C CB   1 
ATOM   588 O OG1  . THR C 1 9  ? 1.746  0.727   -5.723 1.00 13.25 ? 8    THR C OG1  1 
ATOM   589 C CG2  . THR C 1 9  ? 1.621  -1.220  -4.369 1.00 8.71  ? 8    THR C CG2  1 
ATOM   590 H H    . THR C 1 9  ? 2.921  2.444   -4.189 1.00 7.67  ? 8    THR C H    1 
ATOM   591 H HA   . THR C 1 9  ? 0.851  1.171   -3.348 1.00 7.77  ? 8    THR C HA   1 
ATOM   592 H HB   . THR C 1 9  ? 3.192  0.070   -4.544 1.00 10.29 ? 8    THR C HB   1 
ATOM   593 H HG1  . THR C 1 9  ? 2.071  1.472   -5.830 1.00 15.91 ? 8    THR C HG1  1 
ATOM   594 H HG21 . THR C 1 9  ? 0.663  -1.157  -4.353 1.00 10.45 ? 8    THR C HG21 1 
ATOM   595 H HG22 . THR C 1 9  ? 1.885  -1.771  -5.109 1.00 10.45 ? 8    THR C HG22 1 
ATOM   596 H HG23 . THR C 1 9  ? 1.920  -1.629  -3.553 1.00 10.45 ? 8    THR C HG23 1 
ATOM   597 N N    . GLY C 1 10 ? 1.296  -0.242  -1.367 1.00 5.23  ? 9    GLY C N    1 
ATOM   598 C CA   . GLY C 1 10 ? 1.549  -0.840  -0.080 1.00 5.15  ? 9    GLY C CA   1 
ATOM   599 C C    . GLY C 1 10 ? 2.496  -2.022  -0.155 1.00 3.41  ? 9    GLY C C    1 
ATOM   600 O O    . GLY C 1 10 ? 2.813  -2.550  -1.222 1.00 4.17  ? 9    GLY C O    1 
ATOM   601 H H    . GLY C 1 10 ? 0.497  -0.363  -1.660 1.00 6.28  ? 9    GLY C H    1 
ATOM   602 H HA2  . GLY C 1 10 ? 1.935  -0.176  0.512  1.00 6.18  ? 9    GLY C HA2  1 
ATOM   603 H HA3  . GLY C 1 10 ? 0.711  -1.143  0.303  1.00 6.18  ? 9    GLY C HA3  1 
ATOM   604 N N    . PRO C 1 11 ? 2.958  -2.463  1.016  1.00 3.72  ? 10   PRO C N    1 
ATOM   605 C CA   . PRO C 1 11 ? 3.844  -3.620  1.101  1.00 4.04  ? 10   PRO C CA   1 
ATOM   606 C C    . PRO C 1 11 ? 3.124  -4.889  0.669  1.00 3.95  ? 10   PRO C C    1 
ATOM   607 O O    . PRO C 1 11 ? 1.902  -5.020  0.758  1.00 4.08  ? 10   PRO C O    1 
ATOM   608 C CB   . PRO C 1 11 ? 4.181  -3.679  2.590  1.00 5.62  ? 10   PRO C CB   1 
ATOM   609 C CG   . PRO C 1 11 ? 3.021  -3.028  3.262  1.00 4.75  ? 10   PRO C CG   1 
ATOM   610 C CD   . PRO C 1 11 ? 2.616  -1.929  2.341  1.00 4.42  ? 10   PRO C CD   1 
ATOM   611 H HA   . PRO C 1 11 ? 4.658  -3.487  0.571  1.00 4.85  ? 10   PRO C HA   1 
ATOM   612 H HB2  . PRO C 1 11 ? 4.268  -4.603  2.870  1.00 6.74  ? 10   PRO C HB2  1 
ATOM   613 H HB3  . PRO C 1 11 ? 5.000  -3.187  2.761  1.00 6.74  ? 10   PRO C HB3  1 
ATOM   614 H HG2  . PRO C 1 11 ? 2.301  -3.670  3.369  1.00 5.70  ? 10   PRO C HG2  1 
ATOM   615 H HG3  . PRO C 1 11 ? 3.297  -2.672  4.122  1.00 5.70  ? 10   PRO C HG3  1 
ATOM   616 H HD2  . PRO C 1 11 ? 1.661  -1.768  2.406  1.00 5.31  ? 10   PRO C HD2  1 
ATOM   617 H HD3  . PRO C 1 11 ? 3.127  -1.126  2.526  1.00 5.31  ? 10   PRO C HD3  1 
ATOM   618 N N    . ARG C 1 12 ? 3.916  -5.835  0.202  1.00 4.83  ? 11   ARG C N    1 
ATOM   619 C CA   . ARG C 1 12 ? 3.411  -7.145  -0.133 1.00 4.86  ? 11   ARG C CA   1 
ATOM   620 C C    . ARG C 1 12 ? 2.750  -7.800  1.078  1.00 4.69  ? 11   ARG C C    1 
ATOM   621 O O    . ARG C 1 12 ? 3.175  -7.636  2.219  1.00 5.21  ? 11   ARG C O    1 
ATOM   622 C CB   . ARG C 1 12 ? 4.570  -8.004  -0.611 1.00 7.10  ? 11   ARG C CB   1 
ATOM   623 C CG   . ARG C 1 12 ? 4.147  -9.358  -1.129 1.00 9.92  ? 11   ARG C CG   1 
ATOM   624 C CD   . ARG C 1 12 ? 5.279  -10.094 -1.811 1.00 13.14 ? 11   ARG C CD   1 
ATOM   625 N NE   . ARG C 1 12 ? 5.768  -9.384  -2.995 1.00 18.76 ? 11   ARG C NE   1 
ATOM   626 C CZ   . ARG C 1 12 ? 5.215  -9.464  -4.205 1.00 19.30 ? 11   ARG C CZ   1 
ATOM   627 N NH1  . ARG C 1 12 ? 4.129  -10.212 -4.416 1.00 21.17 1 11   ARG C NH1  1 
ATOM   628 N NH2  . ARG C 1 12 ? 5.741  -8.782  -5.215 1.00 25.46 ? 11   ARG C NH2  1 
ATOM   629 H H    . ARG C 1 12 ? 4.760  -5.739  0.068  1.00 5.79  ? 11   ARG C H    1 
ATOM   630 H HA   . ARG C 1 12 ? 2.751  -7.073  -0.854 1.00 5.84  ? 11   ARG C HA   1 
ATOM   631 H HB2  . ARG C 1 12 ? 5.026  -7.541  -1.331 1.00 8.52  ? 11   ARG C HB2  1 
ATOM   632 H HB3  . ARG C 1 12 ? 5.181  -8.146  0.129  1.00 8.52  ? 11   ARG C HB3  1 
ATOM   633 H HG2  . ARG C 1 12 ? 3.841  -9.901  -0.385 1.00 11.90 ? 11   ARG C HG2  1 
ATOM   634 H HG3  . ARG C 1 12 ? 3.431  -9.243  -1.773 1.00 11.90 ? 11   ARG C HG3  1 
ATOM   635 H HD2  . ARG C 1 12 ? 6.018  -10.187 -1.190 1.00 15.77 ? 11   ARG C HD2  1 
ATOM   636 H HD3  . ARG C 1 12 ? 4.967  -10.968 -2.091 1.00 15.77 ? 11   ARG C HD3  1 
ATOM   637 H HE   . ARG C 1 12 ? 6.459  -8.881  -2.903 1.00 22.51 ? 11   ARG C HE   1 
ATOM   638 H HH11 . ARG C 1 12 ? 3.782  -10.658 -3.768 1.00 25.40 ? 11   ARG C HH11 1 
ATOM   639 H HH12 . ARG C 1 12 ? 3.781  -10.253 -5.201 1.00 25.40 ? 11   ARG C HH12 1 
ATOM   640 H HH21 . ARG C 1 12 ? 6.438  -8.294  -5.089 1.00 30.55 ? 11   ARG C HH21 1 
ATOM   641 H HH22 . ARG C 1 12 ? 5.383  -8.827  -5.997 1.00 30.55 ? 11   ARG C HH22 1 
ATOM   642 N N    . GLY C 1 13 ? 1.708  -8.572  0.807  1.00 4.40  ? 12   GLY C N    1 
ATOM   643 C CA   . GLY C 1 13 ? 1.019  -9.309  1.846  1.00 4.55  ? 12   GLY C CA   1 
ATOM   644 C C    . GLY C 1 13 ? 1.900  -10.385 2.469  1.00 4.49  ? 12   GLY C C    1 
ATOM   645 O O    . GLY C 1 13 ? 2.970  -10.724 1.952  1.00 4.85  ? 12   GLY C O    1 
ATOM   646 H H    . GLY C 1 13 ? 1.379  -8.684  0.021  1.00 5.28  ? 12   GLY C H    1 
ATOM   647 H HA2  . GLY C 1 13 ? 0.739  -8.698  2.546  1.00 5.46  ? 12   GLY C HA2  1 
ATOM   648 H HA3  . GLY C 1 13 ? 0.231  -9.734  1.473  1.00 5.46  ? 12   GLY C HA3  1 
ATOM   649 N N    . PRO C 1 14 ? 1.454  -10.935 3.597  1.00 5.30  ? 13   PRO C N    1 
ATOM   650 C CA   . PRO C 1 14 ? 2.178  -11.994 4.290  1.00 7.28  ? 13   PRO C CA   1 
ATOM   651 C C    . PRO C 1 14 ? 2.089  -13.303 3.511  1.00 5.29  ? 13   PRO C C    1 
ATOM   652 O O    . PRO C 1 14 ? 1.222  -13.449 2.655  1.00 5.14  ? 13   PRO C O    1 
ATOM   653 C CB   . PRO C 1 14 ? 1.423  -12.104 5.619  1.00 9.01  ? 13   PRO C CB   1 
ATOM   654 C CG   . PRO C 1 14 ? 0.038  -11.739 5.251  1.00 10.19 ? 13   PRO C CG   1 
ATOM   655 C CD   . PRO C 1 14 ? 0.184  -10.616 4.269  1.00 7.25  ? 13   PRO C CD   1 
ATOM   656 H HA   . PRO C 1 14 ? 3.114  -11.747 4.446  1.00 8.74  ? 13   PRO C HA   1 
ATOM   657 H HB2  . PRO C 1 14 ? 1.467  -13.013 5.952  1.00 10.81 ? 13   PRO C HB2  1 
ATOM   658 H HB3  . PRO C 1 14 ? 1.789  -11.477 6.262  1.00 10.81 ? 13   PRO C HB3  1 
ATOM   659 H HG2  . PRO C 1 14 ? -0.404 -12.499 4.841  1.00 12.23 ? 13   PRO C HG2  1 
ATOM   660 H HG3  . PRO C 1 14 ? -0.445 -11.445 6.040  1.00 12.23 ? 13   PRO C HG3  1 
ATOM   661 H HD2  . PRO C 1 14 ? -0.548 -10.624 3.633  1.00 8.70  ? 13   PRO C HD2  1 
ATOM   662 H HD3  . PRO C 1 14 ? 0.248  -9.766  4.731  1.00 8.70  ? 13   PRO C HD3  1 
ATOM   663 N N    . PRO C 1 15 ? 2.968  -14.258 3.826  1.00 6.31  ? 14   PRO C N    1 
ATOM   664 C CA   . PRO C 1 15 ? 2.839  -15.584 3.229  1.00 6.51  ? 14   PRO C CA   1 
ATOM   665 C C    . PRO C 1 15 ? 1.462  -16.161 3.525  1.00 5.32  ? 14   PRO C C    1 
ATOM   666 O O    . PRO C 1 15 ? 0.842  -15.815 4.533  1.00 6.46  ? 14   PRO C O    1 
ATOM   667 C CB   . PRO C 1 15 ? 3.937  -16.390 3.918  1.00 7.77  ? 14   PRO C CB   1 
ATOM   668 C CG   . PRO C 1 15 ? 4.943  -15.373 4.316  1.00 7.93  ? 14   PRO C CG   1 
ATOM   669 C CD   . PRO C 1 15 ? 4.140  -14.164 4.706  1.00 7.25  ? 14   PRO C CD   1 
ATOM   670 H HA   . PRO C 1 15 ? 2.996  -15.555 2.262  1.00 7.82  ? 14   PRO C HA   1 
ATOM   671 H HB2  . PRO C 1 15 ? 3.575  -16.841 4.696  1.00 9.32  ? 14   PRO C HB2  1 
ATOM   672 H HB3  . PRO C 1 15 ? 4.318  -17.028 3.295  1.00 9.32  ? 14   PRO C HB3  1 
ATOM   673 H HG2  . PRO C 1 15 ? 5.458  -15.701 5.070  1.00 9.52  ? 14   PRO C HG2  1 
ATOM   674 H HG3  . PRO C 1 15 ? 5.522  -15.174 3.564  1.00 9.52  ? 14   PRO C HG3  1 
ATOM   675 H HD2  . PRO C 1 15 ? 3.872  -14.219 5.636  1.00 8.70  ? 14   PRO C HD2  1 
ATOM   676 H HD3  . PRO C 1 15 ? 4.638  -13.352 4.524  1.00 8.70  ? 14   PRO C HD3  1 
ATOM   677 N N    . GLY C 1 16 ? 1.000  -17.032 2.640  1.00 5.77  ? 15   GLY C N    1 
ATOM   678 C CA   . GLY C 1 16 ? -0.269 -17.709 2.808  1.00 5.80  ? 15   GLY C CA   1 
ATOM   679 C C    . GLY C 1 16 ? -0.317 -18.644 3.998  1.00 7.00  ? 15   GLY C C    1 
ATOM   680 O O    . GLY C 1 16 ? 0.705  -18.976 4.590  1.00 8.09  ? 15   GLY C O    1 
ATOM   681 H H    . GLY C 1 16 ? 1.415  -17.251 1.919  1.00 6.93  ? 15   GLY C H    1 
ATOM   682 H HA2  . GLY C 1 16 ? -0.970 -17.047 2.917  1.00 6.96  ? 15   GLY C HA2  1 
ATOM   683 H HA3  . GLY C 1 16 ? -0.462 -18.225 2.010  1.00 6.96  ? 15   GLY C HA3  1 
ATOM   684 N N    . PRO C 1 17 ? -1.514 -19.096 4.347  1.00 7.55  ? 16   PRO C N    1 
ATOM   685 C CA   . PRO C 1 17 ? -1.674 -20.019 5.471  1.00 8.16  ? 16   PRO C CA   1 
ATOM   686 C C    . PRO C 1 17 ? -1.191 -21.416 5.120  1.00 7.20  ? 16   PRO C C    1 
ATOM   687 O O    . PRO C 1 17 ? -1.039 -21.748 3.945  1.00 7.46  ? 16   PRO C O    1 
ATOM   688 C CB   . PRO C 1 17 ? -3.180 -20.006 5.713  1.00 11.96 ? 16   PRO C CB   1 
ATOM   689 C CG   . PRO C 1 17 ? -3.769 -19.660 4.391  1.00 11.80 ? 16   PRO C CG   1 
ATOM   690 C CD   . PRO C 1 17 ? -2.791 -18.778 3.692  1.00 8.87  ? 16   PRO C CD   1 
ATOM   691 H HA   . PRO C 1 17 ? -1.203 -19.690 6.266  1.00 9.79  ? 16   PRO C HA   1 
ATOM   692 H HB2  . PRO C 1 17 ? -3.474 -20.884 6.002  1.00 14.35 ? 16   PRO C HB2  1 
ATOM   693 H HB3  . PRO C 1 17 ? -3.400 -19.333 6.375  1.00 14.35 ? 16   PRO C HB3  1 
ATOM   694 H HG2  . PRO C 1 17 ? -3.914 -20.472 3.882  1.00 14.16 ? 16   PRO C HG2  1 
ATOM   695 H HG3  . PRO C 1 17 ? -4.609 -19.192 4.526  1.00 14.16 ? 16   PRO C HG3  1 
ATOM   696 H HD2  . PRO C 1 17 ? -2.751 -18.999 2.749  1.00 10.64 ? 16   PRO C HD2  1 
ATOM   697 H HD3  . PRO C 1 17 ? -3.018 -17.845 3.830  1.00 10.64 ? 16   PRO C HD3  1 
ATOM   698 N N    . PRO C 1 18 ? -0.964 -22.253 6.137  1.00 8.69  ? 17   PRO C N    1 
ATOM   699 C CA   . PRO C 1 18 ? -0.603 -23.643 5.853  1.00 10.37 ? 17   PRO C CA   1 
ATOM   700 C C    . PRO C 1 18 ? -1.794 -24.382 5.262  1.00 13.70 ? 17   PRO C C    1 
ATOM   701 O O    . PRO C 1 18 ? -2.933 -24.054 5.596  1.00 17.62 ? 17   PRO C O    1 
ATOM   702 C CB   . PRO C 1 18 ? -0.270 -24.192 7.238  1.00 10.29 ? 17   PRO C CB   1 
ATOM   703 C CG   . PRO C 1 18 ? -1.110 -23.370 8.172  1.00 13.33 ? 17   PRO C CG   1 
ATOM   704 C CD   . PRO C 1 18 ? -1.039 -21.992 7.583  1.00 11.92 ? 17   PRO C CD   1 
ATOM   705 H HA   . PRO C 1 18 ? 0.175  -23.701 5.260  1.00 12.44 ? 17   PRO C HA   1 
ATOM   706 H HB2  . PRO C 1 18 ? -0.514 -25.129 7.289  1.00 12.34 ? 17   PRO C HB2  1 
ATOM   707 H HB3  . PRO C 1 18 ? 0.674  -24.069 7.424  1.00 12.34 ? 17   PRO C HB3  1 
ATOM   708 H HG2  . PRO C 1 18 ? -2.022 -23.700 8.175  1.00 16.00 ? 17   PRO C HG2  1 
ATOM   709 H HG3  . PRO C 1 18 ? -0.729 -23.387 9.063  1.00 16.00 ? 17   PRO C HG3  1 
ATOM   710 H HD2  . PRO C 1 18 ? -1.841 -21.490 7.796  1.00 14.30 ? 17   PRO C HD2  1 
ATOM   711 H HD3  . PRO C 1 18 ? -0.239 -21.534 7.886  1.00 14.30 ? 17   PRO C HD3  1 
ATOM   712 N N    . GLY C 1 19 ? -1.540 -25.364 4.402  1.00 16.61 ? 18   GLY C N    1 
ATOM   713 C CA   . GLY C 1 19 ? -2.622 -26.199 3.831  1.00 16.04 ? 18   GLY C CA   1 
ATOM   714 C C    . GLY C 1 19 ? -2.788 -27.453 4.706  1.00 12.51 ? 18   GLY C C    1 
ATOM   715 O O    . GLY C 1 19 ? -1.873 -27.829 5.446  1.00 13.95 ? 18   GLY C O    1 
HETATM 716 N N    . NH2 C 1 20 ? -3.957 -28.078 4.634  1.00 12.67 ? 19   NH2 C N    1 
HETATM 717 O O    . HOH D 2 .  ? -3.116 21.644  3.178  1.00 46.81 ? 2001 HOH A O    1 
HETATM 718 O O    . HOH D 2 .  ? 0.114  19.630  4.532  1.00 30.56 ? 2002 HOH A O    1 
HETATM 719 O O    . HOH D 2 .  ? -6.072 12.758  3.606  1.00 35.37 ? 2003 HOH A O    1 
HETATM 720 O O    . HOH D 2 .  ? -5.467 -4.173  -4.969 1.00 33.74 ? 2004 HOH A O    1 
HETATM 721 O O    . HOH D 2 .  ? -2.180 -1.485  -8.015 1.00 38.36 ? 2005 HOH A O    1 
HETATM 722 O O    . HOH D 2 .  ? -1.500 -6.525  -6.995 1.00 31.40 ? 2006 HOH A O    1 
HETATM 723 O O    . HOH D 2 .  ? -4.821 -8.242  -4.208 1.00 27.89 ? 2007 HOH A O    1 
HETATM 724 O O    . HOH D 2 .  ? -5.377 -3.029  5.452  0.50 53.94 ? 2008 HOH A O    1 
HETATM 725 O O    . HOH D 2 .  ? -4.890 11.376  2.119  1.00 26.21 ? 2009 HOH A O    1 
HETATM 726 O O    . HOH D 2 .  ? -6.642 9.142   1.384  1.00 22.19 ? 2010 HOH A O    1 
HETATM 727 O O    . HOH D 2 .  ? -7.280 6.978   -2.109 1.00 27.59 ? 2011 HOH A O    1 
HETATM 728 O O    . HOH D 2 .  ? -7.284 8.333   -0.608 1.00 28.55 ? 2012 HOH A O    1 
HETATM 729 O O    . HOH D 2 .  ? -4.916 5.693   4.626  0.50 8.53  ? 2013 HOH A O    1 
HETATM 730 O O    . HOH D 2 .  ? 6.888  -23.192 2.676  1.00 36.04 ? 2014 HOH A O    1 
HETATM 731 O O    . HOH D 2 .  ? -3.502 -2.305  -5.769 1.00 20.32 ? 2015 HOH A O    1 
HETATM 732 O O    . HOH D 2 .  ? -0.248 -4.177  -5.949 1.00 22.14 ? 2016 HOH A O    1 
HETATM 733 O O    . HOH D 2 .  ? -6.641 -7.369  -3.176 1.00 33.07 ? 2017 HOH A O    1 
HETATM 734 O O    . HOH D 2 .  ? -4.688 -5.138  4.087  1.00 32.88 ? 2018 HOH A O    1 
HETATM 735 O O    . HOH D 2 .  ? -5.892 -8.674  3.874  1.00 33.92 ? 2019 HOH A O    1 
HETATM 736 O O    . HOH D 2 .  ? -7.740 -3.805  2.664  1.00 29.67 ? 2020 HOH A O    1 
HETATM 737 O O    . HOH D 2 .  ? -9.315 -9.793  -0.399 1.00 22.12 ? 2021 HOH A O    1 
HETATM 738 O O    . HOH D 2 .  ? -6.888 -9.717  2.966  1.00 29.63 ? 2022 HOH A O    1 
HETATM 739 O O    . HOH D 2 .  ? -3.812 -6.022  -4.225 1.00 28.04 ? 2023 HOH A O    1 
HETATM 740 O O    . HOH D 2 .  ? 4.426  -12.779 -3.479 1.00 34.42 ? 2024 HOH A O    1 
HETATM 741 O O    . HOH D 2 .  ? 6.476  -19.591 -0.619 1.00 27.12 ? 2025 HOH A O    1 
HETATM 742 O O    . HOH D 2 .  ? 5.428  -20.008 3.270  1.00 29.30 ? 2026 HOH A O    1 
HETATM 743 O O    . HOH D 2 .  ? 4.635  -25.054 3.023  1.00 28.25 ? 2027 HOH A O    1 
HETATM 744 O O    . HOH D 2 .  ? 2.209  -20.905 5.878  1.00 17.83 ? 2028 HOH A O    1 
HETATM 745 O O    . HOH E 2 .  ? 1.466  26.446  -5.077 1.00 30.98 ? 2001 HOH B O    1 
HETATM 746 O O    . HOH E 2 .  ? 4.200  9.274   4.363  1.00 22.80 ? 2002 HOH B O    1 
HETATM 747 O O    . HOH E 2 .  ? 1.671  13.133  5.685  1.00 32.43 ? 2003 HOH B O    1 
HETATM 748 O O    . HOH E 2 .  ? 6.430  10.153  6.047  1.00 36.54 ? 2004 HOH B O    1 
HETATM 749 O O    . HOH E 2 .  ? 2.543  10.459  8.210  1.00 32.58 ? 2005 HOH B O    1 
HETATM 750 O O    . HOH E 2 .  ? 6.031  16.143  -1.695 1.00 28.08 ? 2006 HOH B O    1 
HETATM 751 O O    . HOH E 2 .  ? 6.014  8.287   1.045  1.00 18.36 ? 2007 HOH B O    1 
HETATM 752 O O    . HOH E 2 .  ? -5.135 1.555   5.018  0.50 18.45 ? 2008 HOH B O    1 
HETATM 753 O O    . HOH E 2 .  ? 4.038  11.677  3.602  1.00 29.49 ? 2009 HOH B O    1 
HETATM 754 O O    . HOH E 2 .  ? 3.602  7.479   2.240  1.00 8.56  ? 2010 HOH B O    1 
HETATM 755 O O    . HOH E 2 .  ? -5.894 -16.880 3.661  1.00 19.44 ? 2011 HOH B O    1 
HETATM 756 O O    . HOH E 2 .  ? -3.307 3.221   4.002  1.00 10.74 ? 2012 HOH B O    1 
HETATM 757 O O    . HOH E 2 .  ? -2.473 -2.369  5.914  1.00 12.41 ? 2013 HOH B O    1 
HETATM 758 O O    . HOH E 2 .  ? 4.852  -5.889  5.787  1.00 26.36 ? 2014 HOH B O    1 
HETATM 759 O O    . HOH E 2 .  ? 6.342  -11.506 5.105  1.00 24.79 ? 2015 HOH B O    1 
HETATM 760 O O    . HOH E 2 .  ? 5.613  -7.402  3.565  1.00 25.58 ? 2016 HOH B O    1 
HETATM 761 O O    . HOH E 2 .  ? -2.898 -8.931  4.718  1.00 17.74 ? 2017 HOH B O    1 
HETATM 762 O O    . HOH E 2 .  ? -3.032 -6.068  6.941  1.00 39.69 ? 2018 HOH B O    1 
HETATM 763 O O    . HOH E 2 .  ? 3.458  -9.151  9.654  1.00 35.74 ? 2019 HOH B O    1 
HETATM 764 O O    . HOH E 2 .  ? -5.077 -17.412 0.960  1.00 7.54  ? 2020 HOH B O    1 
HETATM 765 O O    . HOH E 2 .  ? -1.561 -22.396 -3.524 1.00 15.68 ? 2021 HOH B O    1 
HETATM 766 O O    . HOH F 2 .  ? -1.682 13.942  -6.406 1.00 17.39 ? 2001 HOH C O    1 
HETATM 767 O O    . HOH F 2 .  ? 6.228  -1.498  -4.365 1.00 33.00 ? 2002 HOH C O    1 
HETATM 768 O O    . HOH F 2 .  ? 3.093  9.155   -6.250 1.00 35.10 ? 2003 HOH C O    1 
HETATM 769 O O    . HOH F 2 .  ? 4.529  8.587   -3.541 1.00 25.69 ? 2004 HOH C O    1 
HETATM 770 O O    . HOH F 2 .  ? 0.690  5.458   -6.157 1.00 15.54 ? 2005 HOH C O    1 
HETATM 771 O O    . HOH F 2 .  ? 7.498  -12.014 0.456  1.00 30.48 ? 2006 HOH C O    1 
HETATM 772 O O    . HOH F 2 .  ? -4.233 -16.218 5.763  1.00 17.22 ? 2007 HOH C O    1 
HETATM 773 O O    . HOH F 2 .  ? 4.754  2.679   -5.500 1.00 20.25 ? 2008 HOH C O    1 
HETATM 774 O O    . HOH F 2 .  ? 5.650  0.873   -3.185 1.00 17.92 ? 2009 HOH C O    1 
HETATM 775 O O    . HOH F 2 .  ? 0.326  -0.779  -7.763 1.00 28.60 ? 2010 HOH C O    1 
HETATM 776 O O    . HOH F 2 .  ? 1.815  3.308   -6.981 1.00 26.87 ? 2011 HOH C O    1 
HETATM 777 O O    . HOH F 2 .  ? 5.046  -3.078  -2.852 1.00 23.03 ? 2012 HOH C O    1 
HETATM 778 O O    . HOH F 2 .  ? 6.816  -5.189  -0.129 1.00 12.95 ? 2013 HOH C O    1 
HETATM 779 O O    . HOH F 2 .  ? 6.785  -11.122 -7.519 1.00 30.74 ? 2014 HOH C O    1 
HETATM 780 O O    . HOH F 2 .  ? 5.377  -8.905  -8.397 1.00 40.74 ? 2015 HOH C O    1 
HETATM 781 O O    . HOH F 2 .  ? 5.644  -11.450 2.334  1.00 21.47 ? 2016 HOH C O    1 
HETATM 782 O O    . HOH F 2 .  ? -1.469 -16.159 6.171  1.00 15.61 ? 2017 HOH C O    1 
HETATM 783 O O    . HOH F 2 .  ? -5.296 -22.730 6.102  1.00 32.86 ? 2018 HOH C O    1 
HETATM 784 O O    . HOH F 2 .  ? -4.478 -30.720 5.941  1.00 17.63 ? 2019 HOH C O    1 
# 
loop_
_atom_site_anisotrop.id 
_atom_site_anisotrop.type_symbol 
_atom_site_anisotrop.pdbx_label_atom_id 
_atom_site_anisotrop.pdbx_label_alt_id 
_atom_site_anisotrop.pdbx_label_comp_id 
_atom_site_anisotrop.pdbx_label_asym_id 
_atom_site_anisotrop.pdbx_label_seq_id 
_atom_site_anisotrop.pdbx_PDB_ins_code 
_atom_site_anisotrop.U[1][1] 
_atom_site_anisotrop.U[2][2] 
_atom_site_anisotrop.U[3][3] 
_atom_site_anisotrop.U[1][2] 
_atom_site_anisotrop.U[1][3] 
_atom_site_anisotrop.U[2][3] 
_atom_site_anisotrop.pdbx_auth_seq_id 
_atom_site_anisotrop.pdbx_auth_comp_id 
_atom_site_anisotrop.pdbx_auth_asym_id 
_atom_site_anisotrop.pdbx_auth_atom_id 
1   C C   . ACE A 1  ? 0.5680 0.1961 0.5047 -0.0168 -0.0662 -0.0999 0  ACE A C   
2   O O   . ACE A 1  ? 0.6359 0.1785 0.4924 -0.0170 0.0000  -0.0771 0  ACE A O   
3   C CH3 . ACE A 1  ? 0.6646 0.1958 0.5308 0.0163  -0.0830 -0.0291 0  ACE A CH3 
4   N N   . PRO A 2  ? 0.4119 0.2569 0.5142 0.0401  -0.1312 -0.0843 1  PRO A N   
5   C CA  . PRO A 2  ? 0.4252 0.1984 0.4580 0.0486  -0.1189 -0.0858 1  PRO A CA  
6   C C   . PRO A 2  ? 0.3579 0.1657 0.3863 0.0319  -0.1301 -0.0902 1  PRO A C   
7   O O   . PRO A 2  ? 0.3602 0.1622 0.3940 0.0160  -0.0890 -0.1010 1  PRO A O   
8   C CB  . PRO A 2  ? 0.4501 0.3002 0.4675 0.0435  -0.1213 -0.1049 1  PRO A CB  
9   C CG  . PRO A 2  ? 0.4296 0.3753 0.4921 0.0591  -0.1542 -0.0761 1  PRO A CG  
10  C CD  . PRO A 2  ? 0.3891 0.3449 0.5540 0.0415  -0.1520 -0.0949 1  PRO A CD  
18  N N   . PRO A 3  ? 0.3651 0.1634 0.4043 0.0245  -0.1389 -0.0673 2  PRO A N   
19  C CA  . PRO A 3  ? 0.3067 0.1458 0.4240 0.0132  -0.1040 -0.0646 2  PRO A CA  
20  C C   . PRO A 3  ? 0.2805 0.1318 0.3720 0.0150  -0.0467 -0.0744 2  PRO A C   
21  O O   . PRO A 3  ? 0.2267 0.1333 0.3474 0.0204  -0.0235 -0.0492 2  PRO A O   
22  C CB  . PRO A 3  ? 0.3138 0.1837 0.5184 0.0044  -0.1128 0.0019  2  PRO A CB  
23  C CG  . PRO A 3  ? 0.3578 0.1887 0.5884 -0.0233 -0.1064 -0.0284 2  PRO A CG  
24  C CD  . PRO A 3  ? 0.4098 0.1806 0.5116 0.0023  -0.1138 -0.0551 2  PRO A CD  
32  N N   . GLY A 4  ? 0.3091 0.1537 0.3487 0.0406  -0.0450 -0.0306 3  GLY A N   
33  C CA  . GLY A 4  ? 0.3476 0.1136 0.3274 0.0220  -0.0736 -0.0104 3  GLY A CA  
34  C C   . GLY A 4  ? 0.3175 0.0985 0.2976 0.0071  -0.0731 -0.0155 3  GLY A C   
35  O O   . GLY A 4  ? 0.3066 0.1038 0.2648 -0.0079 -0.0181 -0.0419 3  GLY A O   
39  N N   . PRO A 5  ? 0.2934 0.1242 0.3010 -0.0080 -0.0801 0.0127  4  PRO A N   
40  C CA  . PRO A 5  ? 0.2739 0.1087 0.3237 -0.0125 -0.0226 0.0151  4  PRO A CA  
41  C C   . PRO A 5  ? 0.2307 0.1189 0.2495 -0.0262 -0.0454 -0.0061 4  PRO A C   
42  O O   . PRO A 5  ? 0.2276 0.0954 0.2451 -0.0341 -0.0549 -0.0355 4  PRO A O   
43  C CB  . PRO A 5  ? 0.2440 0.1404 0.4481 0.0081  -0.0028 0.0330  4  PRO A CB  
44  C CG  . PRO A 5  ? 0.3264 0.1428 0.4554 -0.0032 -0.0572 0.0434  4  PRO A CG  
45  C CD  . PRO A 5  ? 0.3268 0.1423 0.3818 -0.0100 -0.0944 0.0286  4  PRO A CD  
53  N N   . PRO A 6  ? 0.2222 0.1392 0.2179 0.0018  -0.0181 -0.0235 5  PRO A N   
54  C CA  . PRO A 6  ? 0.2052 0.0920 0.1902 0.0019  -0.0108 -0.0239 5  PRO A CA  
55  C C   . PRO A 6  ? 0.1207 0.0799 0.2684 -0.0069 -0.0634 0.0037  5  PRO A C   
56  O O   . PRO A 6  ? 0.1362 0.1043 0.2506 -0.0063 -0.0634 -0.0253 5  PRO A O   
57  C CB  . PRO A 6  ? 0.3357 0.1057 0.1470 0.0241  -0.0119 -0.0068 5  PRO A CB  
58  C CG  . PRO A 6  ? 0.3529 0.1447 0.2085 0.0579  -0.0102 0.0036  5  PRO A CG  
59  C CD  . PRO A 6  ? 0.2644 0.1302 0.2103 0.0186  -0.0031 -0.0137 5  PRO A CD  
67  N N   . GLY A 7  ? 0.1161 0.0824 0.2639 -0.0180 -0.0599 0.0191  6  GLY A N   
68  C CA  . GLY A 7  ? 0.1130 0.0907 0.2158 0.0098  -0.0276 0.0558  6  GLY A CA  
69  C C   . GLY A 7  ? 0.1184 0.0507 0.1619 0.0077  -0.0193 0.0256  6  GLY A C   
70  O O   . GLY A 7  ? 0.0982 0.0666 0.1725 0.0107  -0.0334 0.0116  6  GLY A O   
74  N N   . PRO A 8  ? 0.1072 0.0593 0.1666 0.0147  -0.0482 0.0086  7  PRO A N   
75  C CA  . PRO A 8  ? 0.0916 0.0843 0.1734 0.0069  -0.0527 0.0245  7  PRO A CA  
76  C C   . PRO A 8  ? 0.0469 0.0537 0.1530 0.0064  -0.0192 0.0083  7  PRO A C   
77  O O   . PRO A 8  ? 0.0598 0.0467 0.1544 -0.0049 -0.0279 0.0234  7  PRO A O   
78  C CB  . PRO A 8  ? 0.1399 0.1188 0.1639 0.0058  -0.0696 0.0272  7  PRO A CB  
79  C CG  . PRO A 8  ? 0.1876 0.1526 0.1757 -0.0238 -0.0447 -0.0103 7  PRO A CG  
80  C CD  . PRO A 8  ? 0.1493 0.0772 0.1767 -0.0107 -0.0389 -0.0063 7  PRO A CD  
88  N N   . THR A 9  ? 0.0383 0.0644 0.1443 0.0070  -0.0054 0.0050  8  THR A N   
89  C CA  . THR A 9  ? 0.0673 0.0388 0.1196 0.0062  -0.0052 0.0150  8  THR A CA  
90  C C   . THR A 9  ? 0.0531 0.0470 0.1315 -0.0088 -0.0212 0.0272  8  THR A C   
91  O O   . THR A 9  ? 0.0740 0.0591 0.1445 0.0075  -0.0355 0.0117  8  THR A O   
92  C CB  . THR A 9  ? 0.0881 0.0512 0.1387 0.0026  0.0204  0.0012  8  THR A CB  
93  O OG1 . THR A 9  ? 0.0919 0.0932 0.1158 0.0064  0.0010  -0.0135 8  THR A OG1 
94  C CG2 . THR A 9  ? 0.1141 0.0508 0.1383 0.0073  -0.0026 0.0120  8  THR A CG2 
102 N N   . GLY A 10 ? 0.0706 0.0396 0.1304 -0.0035 -0.0219 0.0141  9  GLY A N   
103 C CA  . GLY A 10 ? 0.0616 0.0427 0.1385 -0.0147 -0.0004 0.0028  9  GLY A CA  
104 C C   . GLY A 10 ? 0.0785 0.0603 0.1237 0.0121  0.0091  0.0240  9  GLY A C   
105 O O   . GLY A 10 ? 0.0731 0.0445 0.1160 0.0035  -0.0121 0.0086  9  GLY A O   
109 N N   . PRO A 11 ? 0.0853 0.0798 0.0999 0.0162  0.0083  0.0212  10 PRO A N   
110 C CA  . PRO A 11 ? 0.1091 0.0645 0.1030 0.0121  -0.0088 0.0046  10 PRO A CA  
111 C C   . PRO A 11 ? 0.0668 0.0608 0.1077 0.0136  -0.0095 -0.0025 10 PRO A C   
112 O O   . PRO A 11 ? 0.0731 0.0526 0.1350 0.0130  -0.0119 0.0293  10 PRO A O   
113 C CB  . PRO A 11 ? 0.1831 0.1079 0.1005 0.0254  -0.0027 0.0086  10 PRO A CB  
114 C CG  . PRO A 11 ? 0.2170 0.1796 0.1329 0.0114  0.0219  0.0073  10 PRO A CG  
115 C CD  . PRO A 11 ? 0.1398 0.0961 0.1063 0.0332  0.0207  0.0236  10 PRO A CD  
123 N N   A ARG A 12 ? 0.0689 0.0667 0.0876 -0.0059 -0.0210 -0.0149 11 ARG A N   
124 N N   B ARG A 12 ? 0.0644 0.0787 0.1275 0.0151  0.0035  0.0149  11 ARG A N   
125 C CA  A ARG A 12 ? 0.0643 0.0668 0.0754 0.0021  0.0137  -0.0002 11 ARG A CA  
126 C CA  B ARG A 12 ? 0.0724 0.0463 0.1190 0.0137  -0.0128 0.0132  11 ARG A CA  
127 C C   A ARG A 12 ? 0.0579 0.0524 0.1087 -0.0155 0.0194  0.0018  11 ARG A C   
128 C C   B ARG A 12 ? 0.0926 0.0343 0.1087 0.0110  0.0107  0.0011  11 ARG A C   
129 O O   A ARG A 12 ? 0.0797 0.0706 0.1245 -0.0169 0.0121  0.0197  11 ARG A O   
130 O O   B ARG A 12 ? 0.1074 0.0510 0.0821 0.0288  0.0235  -0.0089 11 ARG A O   
131 C CB  A ARG A 12 ? 0.0766 0.0828 0.0841 -0.0011 0.0357  -0.0288 11 ARG A CB  
132 C CB  B ARG A 12 ? 0.0435 0.0502 0.1463 0.0038  -0.0201 0.0006  11 ARG A CB  
133 C CG  A ARG A 12 ? 0.1055 0.0666 0.0984 0.0034  0.0356  -0.0297 11 ARG A CG  
134 C CG  B ARG A 12 ? 0.0430 0.0537 0.1531 -0.0079 0.0089  -0.0096 11 ARG A CG  
135 C CD  A ARG A 12 ? 0.1507 0.0613 0.2126 0.0111  0.0382  0.0083  11 ARG A CD  
136 C CD  B ARG A 12 ? 0.0566 0.1148 0.1786 -0.0287 0.0029  0.0016  11 ARG A CD  
137 N NE  A ARG A 12 ? 0.1037 0.0824 0.2541 0.0129  0.0323  -0.0108 11 ARG A NE  
138 N NE  B ARG A 12 ? 0.0625 0.1396 0.1548 -0.0204 0.0070  -0.0019 11 ARG A NE  
139 C CZ  A ARG A 12 ? 0.1189 0.1563 0.3087 0.0116  0.0058  -0.0261 11 ARG A CZ  
140 C CZ  B ARG A 12 ? 0.1086 0.1465 0.2467 0.0227  -0.0002 0.0115  11 ARG A CZ  
141 N NH1 A ARG A 12 ? 0.1260 0.1670 0.3797 0.0241  -0.0650 -0.0911 11 ARG A NH1 
142 N NH1 B ARG A 12 ? 0.1644 0.1924 0.3316 -0.0109 0.0429  0.0697  11 ARG A NH1 
143 N NH2 A ARG A 12 ? 0.1683 0.1546 0.3259 0.0256  0.0946  0.0551  11 ARG A NH2 
144 N NH2 B ARG A 12 ? 0.1731 0.1210 0.2356 0.0556  0.0265  -0.0384 11 ARG A NH2 
171 N N   . GLY A 13 ? 0.0629 0.0374 0.1164 -0.0004 -0.0018 0.0003  12 GLY A N   
172 C CA  . GLY A 13 ? 0.0442 0.0449 0.1071 -0.0008 -0.0020 -0.0036 12 GLY A CA  
173 C C   . GLY A 13 ? 0.0469 0.0325 0.0771 -0.0113 0.0177  0.0021  12 GLY A C   
174 O O   . GLY A 13 ? 0.0538 0.0352 0.0794 -0.0163 0.0168  0.0040  12 GLY A O   
178 N N   . PRO A 14 ? 0.0660 0.0523 0.0566 -0.0137 0.0228  0.0010  13 PRO A N   
179 C CA  . PRO A 14 ? 0.0855 0.0667 0.0452 -0.0129 0.0183  -0.0131 13 PRO A CA  
180 C C   . PRO A 14 ? 0.0804 0.0469 0.0438 0.0045  0.0232  -0.0147 13 PRO A C   
181 O O   . PRO A 14 ? 0.0777 0.0471 0.0517 0.0003  0.0054  -0.0092 13 PRO A O   
182 C CB  . PRO A 14 ? 0.1224 0.0828 0.0811 -0.0114 0.0338  0.0109  13 PRO A CB  
183 C CG  . PRO A 14 ? 0.0975 0.0882 0.1121 0.0093  0.0594  0.0073  13 PRO A CG  
184 C CD  . PRO A 14 ? 0.0711 0.0575 0.1073 -0.0212 0.0285  0.0145  13 PRO A CD  
192 N N   . PRO A 15 ? 0.1017 0.0537 0.0647 -0.0063 0.0195  -0.0238 14 PRO A N   
193 C CA  . PRO A 15 ? 0.1035 0.0445 0.0810 -0.0144 0.0304  -0.0235 14 PRO A CA  
194 C C   . PRO A 15 ? 0.0991 0.0340 0.0479 -0.0138 0.0290  -0.0091 14 PRO A C   
195 O O   . PRO A 15 ? 0.1069 0.0424 0.0659 -0.0143 0.0361  -0.0064 14 PRO A O   
196 C CB  . PRO A 15 ? 0.0992 0.0675 0.1080 -0.0238 0.0153  -0.0434 14 PRO A CB  
197 C CG  . PRO A 15 ? 0.1838 0.0813 0.1623 -0.0324 -0.0150 -0.0456 14 PRO A CG  
198 C CD  . PRO A 15 ? 0.1189 0.0836 0.0618 -0.0064 -0.0055 -0.0404 14 PRO A CD  
206 N N   . GLY A 16 ? 0.1081 0.0592 0.0459 -0.0293 0.0280  -0.0078 15 GLY A N   
207 C CA  . GLY A 16 ? 0.0985 0.0629 0.0370 -0.0439 0.0129  -0.0083 15 GLY A CA  
208 C C   . GLY A 16 ? 0.0923 0.0638 0.0350 -0.0357 0.0154  -0.0099 15 GLY A C   
209 O O   . GLY A 16 ? 0.0917 0.0354 0.0631 -0.0125 0.0227  -0.0004 15 GLY A O   
213 N N   . PRO A 17 ? 0.0752 0.0867 0.0721 -0.0291 0.0213  -0.0160 16 PRO A N   
214 C CA  . PRO A 17 ? 0.0728 0.0814 0.0761 -0.0014 0.0328  -0.0044 16 PRO A CA  
215 C C   . PRO A 17 ? 0.0678 0.0599 0.0753 0.0169  0.0192  0.0148  16 PRO A C   
216 O O   . PRO A 17 ? 0.0925 0.0525 0.0733 -0.0128 0.0282  -0.0094 16 PRO A O   
217 C CB  . PRO A 17 ? 0.1003 0.1151 0.1058 -0.0052 0.0476  0.0031  16 PRO A CB  
218 C CG  . PRO A 17 ? 0.1016 0.1358 0.1263 0.0023  0.0159  0.0164  16 PRO A CG  
219 C CD  . PRO A 17 ? 0.1060 0.1052 0.0855 -0.0385 0.0086  -0.0123 16 PRO A CD  
227 N N   . PRO A 18 ? 0.0893 0.0742 0.0733 0.0065  0.0404  0.0084  17 PRO A N   
228 C CA  . PRO A 18 ? 0.1169 0.0533 0.0947 0.0008  0.0359  0.0177  17 PRO A CA  
229 C C   . PRO A 18 ? 0.1088 0.0773 0.1201 0.0039  0.0212  0.0347  17 PRO A C   
230 O O   . PRO A 18 ? 0.0714 0.1208 0.1390 0.0098  -0.0121 0.0120  17 PRO A O   
231 C CB  . PRO A 18 ? 0.1574 0.0518 0.0861 0.0250  0.0198  0.0002  17 PRO A CB  
232 C CG  . PRO A 18 ? 0.1638 0.0667 0.0795 0.0315  0.0370  -0.0040 17 PRO A CG  
233 C CD  . PRO A 18 ? 0.1135 0.0710 0.0909 0.0038  0.0365  -0.0103 17 PRO A CD  
241 N N   . GLY A 19 ? 0.1301 0.0628 0.1098 -0.0204 0.0348  0.0169  18 GLY A N   
242 C CA  . GLY A 19 ? 0.1516 0.0918 0.0811 0.0059  0.0395  0.0254  18 GLY A CA  
243 C C   . GLY A 19 ? 0.1399 0.1075 0.1667 0.0241  0.0246  0.0355  18 GLY A C   
244 O O   . GLY A 19 ? 0.1641 0.0951 0.2158 0.0313  0.0529  0.0152  18 GLY A O   
248 N N   . NH2 A 20 ? 0.1969 0.1403 0.1727 0.0393  -0.0243 0.0707  19 NH2 A N   
251 C C   . ACE B 1  ? 0.5677 0.2484 0.4124 -0.0507 0.0216  0.0034  0  ACE B C   
252 O O   . ACE B 1  ? 0.5708 0.1699 0.3687 -0.0077 0.0141  0.0616  0  ACE B O   
253 C CH3 . ACE B 1  ? 0.5775 0.3120 0.4764 -0.0480 0.0527  -0.0622 0  ACE B CH3 
254 N N   . PRO B 2  ? 0.5129 0.2509 0.3435 -0.0705 -0.0208 0.0193  1  PRO B N   
255 C CA  . PRO B 2  ? 0.4444 0.2046 0.3642 -0.0849 -0.0235 -0.0392 1  PRO B CA  
256 C C   . PRO B 2  ? 0.4089 0.1755 0.3345 -0.0402 0.0009  -0.0719 1  PRO B C   
257 O O   . PRO B 2  ? 0.3527 0.2278 0.4012 -0.0366 0.0386  -0.0997 1  PRO B O   
258 C CB  . PRO B 2  ? 0.4376 0.2943 0.3764 -0.0984 0.0115  0.0019  1  PRO B CB  
259 C CG  . PRO B 2  ? 0.4055 0.3217 0.3167 -0.0802 -0.0643 0.0683  1  PRO B CG  
260 C CD  . PRO B 2  ? 0.4748 0.2963 0.2661 -0.0892 -0.0521 0.0379  1  PRO B CD  
268 N N   . PRO B 3  ? 0.4593 0.1844 0.2799 -0.0358 0.0536  -0.0697 2  PRO B N   
269 C CA  . PRO B 3  ? 0.4590 0.1851 0.2667 -0.0280 0.0693  -0.0549 2  PRO B CA  
270 C C   . PRO B 3  ? 0.3288 0.1668 0.2396 -0.0656 0.0111  -0.0393 2  PRO B C   
271 O O   . PRO B 3  ? 0.3675 0.1412 0.2590 -0.0982 0.0275  -0.0261 2  PRO B O   
272 C CB  . PRO B 3  ? 0.5309 0.2188 0.3972 -0.0476 0.0831  -0.0591 2  PRO B CB  
273 C CG  . PRO B 3  ? 0.5151 0.2736 0.4338 -0.0259 0.1096  -0.0534 2  PRO B CG  
274 C CD  . PRO B 3  ? 0.4512 0.2588 0.3181 -0.0188 0.1016  -0.0560 2  PRO B CD  
282 N N   . GLY B 4  ? 0.3398 0.1406 0.2097 -0.0868 0.0289  -0.0340 3  GLY B N   
283 C CA  . GLY B 4  ? 0.2791 0.1577 0.1911 -0.0724 0.0214  -0.0736 3  GLY B CA  
284 C C   . GLY B 4  ? 0.2227 0.1371 0.1562 -0.0533 -0.0224 -0.0646 3  GLY B C   
285 O O   . GLY B 4  ? 0.2786 0.1051 0.1718 -0.0550 -0.0183 -0.0350 3  GLY B O   
289 N N   . PRO B 5  ? 0.1776 0.1596 0.1695 -0.0602 -0.0393 -0.0546 4  PRO B N   
290 C CA  . PRO B 5  ? 0.1327 0.1609 0.1765 -0.0576 -0.0285 -0.0573 4  PRO B CA  
291 C C   . PRO B 5  ? 0.1043 0.1305 0.1516 -0.0524 -0.0245 -0.0346 4  PRO B C   
292 O O   . PRO B 5  ? 0.1336 0.0922 0.1467 -0.0393 -0.0298 -0.0190 4  PRO B O   
293 C CB  . PRO B 5  ? 0.1069 0.2056 0.1773 -0.0619 -0.0133 -0.0537 4  PRO B CB  
294 C CG  . PRO B 5  ? 0.1369 0.2200 0.2377 -0.0779 -0.0145 -0.0543 4  PRO B CG  
295 C CD  . PRO B 5  ? 0.1532 0.1806 0.1891 -0.0695 -0.0221 -0.0633 4  PRO B CD  
303 N N   . PRO B 6  ? 0.1108 0.1309 0.1550 -0.0238 -0.0161 -0.0163 5  PRO B N   
304 C CA  . PRO B 6  ? 0.1514 0.0920 0.1255 -0.0393 -0.0275 -0.0210 5  PRO B CA  
305 C C   . PRO B 6  ? 0.1531 0.0752 0.1127 -0.0174 -0.0526 0.0037  5  PRO B C   
306 O O   . PRO B 6  ? 0.1434 0.0775 0.1628 -0.0183 -0.0469 0.0042  5  PRO B O   
307 C CB  . PRO B 6  ? 0.1079 0.1150 0.2056 -0.0042 -0.0334 -0.0112 5  PRO B CB  
308 C CG  . PRO B 6  ? 0.1295 0.1496 0.2561 -0.0285 -0.0075 -0.0462 5  PRO B CG  
309 C CD  . PRO B 6  ? 0.1259 0.1347 0.2374 -0.0389 -0.0206 -0.0302 5  PRO B CD  
317 N N   . GLY B 7  ? 0.1207 0.0587 0.1287 -0.0203 -0.0618 0.0038  6  GLY B N   
318 C CA  . GLY B 7  ? 0.0834 0.0584 0.1557 -0.0058 -0.0189 0.0183  6  GLY B CA  
319 C C   . GLY B 7  ? 0.0630 0.0547 0.1242 0.0075  -0.0322 0.0211  6  GLY B C   
320 O O   . GLY B 7  ? 0.0740 0.0609 0.1281 -0.0077 -0.0293 0.0225  6  GLY B O   
324 N N   . PRO B 8  ? 0.0725 0.0526 0.1302 0.0202  -0.0266 0.0043  7  PRO B N   
325 C CA  . PRO B 8  ? 0.0876 0.0537 0.1192 0.0233  -0.0040 0.0144  7  PRO B CA  
326 C C   . PRO B 8  ? 0.0478 0.0472 0.1035 0.0055  -0.0182 0.0225  7  PRO B C   
327 O O   . PRO B 8  ? 0.0482 0.0436 0.1156 0.0034  -0.0197 0.0155  7  PRO B O   
328 C CB  . PRO B 8  ? 0.1022 0.0720 0.1285 0.0097  0.0181  -0.0134 7  PRO B CB  
329 C CG  . PRO B 8  ? 0.1135 0.1100 0.1543 0.0209  0.0018  0.0106  7  PRO B CG  
330 C CD  . PRO B 8  ? 0.0687 0.0615 0.1629 0.0205  -0.0193 -0.0159 7  PRO B CD  
338 N N   . THR B 9  ? 0.0552 0.0270 0.0740 0.0039  0.0020  0.0079  8  THR B N   
339 C CA  . THR B 9  ? 0.0454 0.0338 0.0816 0.0143  0.0012  0.0153  8  THR B CA  
340 C C   . THR B 9  ? 0.0300 0.0448 0.0882 0.0056  0.0081  0.0178  8  THR B C   
341 O O   . THR B 9  ? 0.0334 0.0344 0.1093 -0.0057 0.0054  0.0049  8  THR B O   
342 C CB  . THR B 9  ? 0.0279 0.0329 0.1039 0.0023  -0.0035 0.0089  8  THR B CB  
343 O OG1 . THR B 9  ? 0.0454 0.0414 0.1019 0.0060  -0.0087 0.0087  8  THR B OG1 
344 C CG2 . THR B 9  ? 0.0360 0.0570 0.1064 0.0075  0.0086  0.0062  8  THR B CG2 
352 N N   . GLY B 10 ? 0.0278 0.0500 0.1030 0.0059  0.0043  0.0103  9  GLY B N   
353 C CA  . GLY B 10 ? 0.0315 0.0476 0.1005 -0.0084 -0.0065 -0.0138 9  GLY B CA  
354 C C   . GLY B 10 ? 0.0501 0.0298 0.0886 -0.0028 -0.0016 0.0097  9  GLY B C   
355 O O   . GLY B 10 ? 0.0507 0.0206 0.0788 0.0030  0.0069  -0.0024 9  GLY B O   
359 N N   . PRO B 11 ? 0.0279 0.0525 0.1072 -0.0043 0.0043  -0.0074 10 PRO B N   
360 C CA  . PRO B 11 ? 0.0417 0.0407 0.1062 -0.0054 0.0257  -0.0130 10 PRO B CA  
361 C C   . PRO B 11 ? 0.0432 0.0538 0.0537 -0.0137 0.0076  -0.0304 10 PRO B C   
362 O O   . PRO B 11 ? 0.0507 0.0448 0.0756 0.0009  0.0055  -0.0207 10 PRO B O   
363 C CB  . PRO B 11 ? 0.0627 0.0749 0.1426 0.0006  0.0371  0.0058  10 PRO B CB  
364 C CG  . PRO B 11 ? 0.0607 0.0995 0.1409 -0.0325 0.0116  -0.0209 10 PRO B CG  
365 C CD  . PRO B 11 ? 0.0424 0.0608 0.1365 -0.0052 -0.0032 -0.0367 10 PRO B CD  
373 N N   . ARG B 12 ? 0.0565 0.0550 0.0502 -0.0095 0.0242  -0.0206 11 ARG B N   
374 C CA  A ARG B 12 ? 0.0552 0.0434 0.0539 -0.0227 0.0259  -0.0121 11 ARG B CA  
375 C CA  B ARG B 12 ? 0.0999 0.0500 0.0795 -0.0155 0.0159  -0.0277 11 ARG B CA  
376 C C   . ARG B 12 ? 0.0604 0.0425 0.0711 -0.0193 0.0148  -0.0055 11 ARG B C   
377 O O   . ARG B 12 ? 0.0620 0.0402 0.0881 -0.0138 0.0222  -0.0098 11 ARG B O   
378 C CB  A ARG B 12 ? 0.0561 0.0607 0.0611 -0.0287 0.0133  -0.0093 11 ARG B CB  
379 C CB  B ARG B 12 ? 0.1622 0.0668 0.1127 -0.0165 0.0028  -0.0383 11 ARG B CB  
380 C CG  A ARG B 12 ? 0.0464 0.0372 0.1103 -0.0076 0.0035  -0.0085 11 ARG B CG  
381 C CG  B ARG B 12 ? 0.1711 0.0794 0.1206 -0.0036 0.0035  -0.0511 11 ARG B CG  
382 C CD  A ARG B 12 ? 0.1121 0.0520 0.1107 0.0241  -0.0206 -0.0194 11 ARG B CD  
383 C CD  B ARG B 12 ? 0.2304 0.1079 0.1779 0.0079  -0.0049 -0.0608 11 ARG B CD  
384 N NE  A ARG B 12 ? 0.1292 0.1035 0.0738 0.0148  -0.0045 -0.0245 11 ARG B NE  
385 N NE  B ARG B 12 ? 0.2978 0.2174 0.2216 0.0598  0.0478  0.0130  11 ARG B NE  
386 C CZ  A ARG B 12 ? 0.1307 0.1218 0.0835 0.0152  -0.0209 -0.0435 11 ARG B CZ  
387 C CZ  B ARG B 12 ? 0.3125 0.2760 0.2807 0.0458  0.0227  0.0921  11 ARG B CZ  
388 N NH1 A ARG B 12 ? 0.2052 0.1918 0.0763 0.0504  -0.0187 0.0240  11 ARG B NH1 
389 N NH1 B ARG B 12 ? 0.4158 0.3219 0.2477 0.0462  0.0159  0.1280  11 ARG B NH1 
390 N NH2 A ARG B 12 ? 0.1246 0.1267 0.1616 -0.0077 0.0068  -0.0803 11 ARG B NH2 
391 N NH2 B ARG B 12 ? 0.3630 0.2481 0.2977 0.0128  0.0268  0.1381  11 ARG B NH2 
416 N N   . GLY B 13 ? 0.0673 0.0477 0.0668 -0.0100 0.0134  -0.0034 12 GLY B N   
417 C CA  . GLY B 13 ? 0.0808 0.0372 0.0579 -0.0136 0.0021  -0.0074 12 GLY B CA  
418 C C   . GLY B 13 ? 0.0586 0.0199 0.0669 -0.0073 -0.0007 -0.0085 12 GLY B C   
419 O O   . GLY B 13 ? 0.0602 0.0195 0.0740 -0.0026 0.0020  -0.0060 12 GLY B O   
423 N N   . PRO B 14 ? 0.0530 0.0485 0.0697 -0.0168 0.0082  0.0035  13 PRO B N   
424 C CA  . PRO B 14 ? 0.0524 0.0506 0.1068 -0.0185 0.0064  -0.0018 13 PRO B CA  
425 C C   . PRO B 14 ? 0.0624 0.0364 0.0653 -0.0217 0.0159  -0.0157 13 PRO B C   
426 O O   . PRO B 14 ? 0.0704 0.0331 0.0604 -0.0172 0.0079  -0.0174 13 PRO B O   
427 C CB  . PRO B 14 ? 0.0610 0.0765 0.1172 -0.0207 0.0022  -0.0031 13 PRO B CB  
428 C CG  . PRO B 14 ? 0.0790 0.0722 0.0796 -0.0289 -0.0146 -0.0185 13 PRO B CG  
429 C CD  . PRO B 14 ? 0.0735 0.0597 0.0884 -0.0107 -0.0071 -0.0118 13 PRO B CD  
437 N N   . PRO B 15 ? 0.0699 0.0640 0.0782 -0.0119 0.0181  -0.0036 14 PRO B N   
438 C CA  . PRO B 15 ? 0.0835 0.0460 0.0689 -0.0171 0.0127  -0.0022 14 PRO B CA  
439 C C   . PRO B 15 ? 0.0758 0.0421 0.0460 -0.0303 0.0103  -0.0031 14 PRO B C   
440 O O   . PRO B 15 ? 0.0753 0.0400 0.0636 -0.0225 0.0020  -0.0187 14 PRO B O   
441 C CB  . PRO B 15 ? 0.1158 0.0870 0.1157 -0.0106 0.0417  0.0247  14 PRO B CB  
442 C CG  . PRO B 15 ? 0.1776 0.1757 0.2229 0.0130  0.1069  0.0585  14 PRO B CG  
443 C CD  . PRO B 15 ? 0.1170 0.1028 0.1439 0.0088  0.0740  0.0264  14 PRO B CD  
451 N N   . GLY B 16 ? 0.0851 0.0354 0.0898 -0.0132 0.0151  -0.0087 15 GLY B N   
452 C CA  . GLY B 16 ? 0.0820 0.0332 0.0816 -0.0117 0.0302  0.0032  15 GLY B CA  
453 C C   . GLY B 16 ? 0.0662 0.0247 0.0638 0.0020  0.0300  0.0053  15 GLY B C   
454 O O   . GLY B 16 ? 0.0500 0.0288 0.0763 -0.0004 0.0225  -0.0077 15 GLY B O   
458 N N   . PRO B 17 ? 0.0580 0.0385 0.0825 -0.0036 0.0192  -0.0038 16 PRO B N   
459 C CA  . PRO B 17 ? 0.0701 0.0321 0.0913 -0.0012 -0.0023 -0.0160 16 PRO B CA  
460 C C   . PRO B 17 ? 0.0639 0.0375 0.0858 -0.0016 -0.0059 -0.0221 16 PRO B C   
461 O O   . PRO B 17 ? 0.0695 0.0417 0.0770 -0.0035 0.0073  -0.0059 16 PRO B O   
462 C CB  . PRO B 17 ? 0.0744 0.0504 0.0977 0.0193  0.0081  -0.0134 16 PRO B CB  
463 C CG  . PRO B 17 ? 0.0669 0.0613 0.0746 0.0126  0.0054  -0.0289 16 PRO B CG  
464 C CD  . PRO B 17 ? 0.1172 0.0529 0.0666 0.0043  0.0452  0.0023  16 PRO B CD  
472 N N   . PRO B 18 ? 0.0936 0.0381 0.1262 -0.0180 -0.0020 0.0038  17 PRO B N   
473 C CA  . PRO B 18 ? 0.1021 0.0404 0.1365 -0.0088 -0.0004 0.0076  17 PRO B CA  
474 C C   . PRO B 18 ? 0.1249 0.0577 0.1176 -0.0060 -0.0144 0.0204  17 PRO B C   
475 O O   . PRO B 18 ? 0.1489 0.0707 0.1135 0.0014  -0.0046 0.0195  17 PRO B O   
476 C CB  . PRO B 18 ? 0.1081 0.0771 0.1802 -0.0331 0.0123  0.0323  17 PRO B CB  
477 C CG  . PRO B 18 ? 0.1098 0.1065 0.2331 -0.0398 -0.0003 0.0438  17 PRO B CG  
478 C CD  . PRO B 18 ? 0.0839 0.0694 0.1806 -0.0275 -0.0218 0.0232  17 PRO B CD  
486 N N   . GLY B 19 ? 0.0993 0.0820 0.1128 0.0025  0.0127  0.0259  18 GLY B N   
487 C CA  . GLY B 19 ? 0.0953 0.0776 0.1703 -0.0028 -0.0001 0.0044  18 GLY B CA  
488 C C   . GLY B 19 ? 0.1308 0.1001 0.1917 -0.0091 -0.0430 -0.0151 18 GLY B C   
489 O O   . GLY B 19 ? 0.1548 0.1251 0.3098 -0.0287 -0.0314 -0.0344 18 GLY B O   
493 N N   . NH2 B 20 ? 0.1411 0.0876 0.2837 -0.0124 -0.0668 -0.0032 19 NH2 B N   
496 C C   . ACE C 1  ? 0.6510 0.1684 0.5095 0.0014  -0.0261 0.0182  0  ACE C C   
497 O O   . ACE C 1  ? 0.7059 0.2200 0.4176 0.0275  -0.0529 0.0285  0  ACE C O   
498 C CH3 . ACE C 1  ? 0.6239 0.1562 0.6046 -0.0077 -0.0022 -0.0019 0  ACE C CH3 
499 N N   . PRO C 2  ? 0.6438 0.1848 0.4379 -0.0280 -0.0542 0.0386  1  PRO C N   
500 C CA  . PRO C 2  ? 0.5555 0.1713 0.3285 -0.0505 -0.1256 0.0331  1  PRO C CA  
501 C C   . PRO C 2  ? 0.4798 0.1446 0.2497 -0.0296 -0.1528 0.0228  1  PRO C C   
502 O O   . PRO C 2  ? 0.4538 0.1335 0.2426 -0.0182 -0.1342 0.0191  1  PRO C O   
503 C CB  . PRO C 2  ? 0.5798 0.2456 0.3404 -0.0725 -0.1196 0.0336  1  PRO C CB  
504 C CG  . PRO C 2  ? 0.6167 0.3142 0.3788 -0.0547 -0.0867 0.0571  1  PRO C CG  
505 C CD  . PRO C 2  ? 0.6519 0.2604 0.3708 -0.0404 -0.0796 0.0608  1  PRO C CD  
513 N N   . PRO C 3  ? 0.5157 0.1514 0.2596 -0.0270 -0.1067 0.0360  2  PRO C N   
514 C CA  . PRO C 3  ? 0.4702 0.1381 0.2388 -0.0159 -0.0917 0.0257  2  PRO C CA  
515 C C   . PRO C 3  ? 0.4494 0.1374 0.1595 -0.0389 -0.0818 -0.0038 2  PRO C C   
516 O O   . PRO C 3  ? 0.4887 0.1290 0.1691 -0.0345 -0.0477 -0.0017 2  PRO C O   
517 C CB  . PRO C 3  ? 0.4617 0.1692 0.2304 0.0154  -0.0857 0.0592  2  PRO C CB  
518 C CG  . PRO C 3  ? 0.4846 0.2149 0.2962 0.0180  -0.0831 0.1074  2  PRO C CG  
519 C CD  . PRO C 3  ? 0.4792 0.1677 0.3280 -0.0331 -0.1282 0.0556  2  PRO C CD  
527 N N   . GLY C 4  ? 0.4093 0.1193 0.1903 -0.0366 -0.0428 -0.0225 3  GLY C N   
528 C CA  . GLY C 4  ? 0.3492 0.1046 0.2156 -0.0254 -0.0593 -0.0220 3  GLY C CA  
529 C C   . GLY C 4  ? 0.3201 0.0999 0.2116 -0.0021 -0.0509 0.0255  3  GLY C C   
530 O O   . GLY C 4  ? 0.3475 0.0956 0.1863 -0.0074 -0.0668 0.0153  3  GLY C O   
534 N N   . PRO C 5  ? 0.2439 0.1279 0.1333 -0.0514 -0.0750 0.0152  4  PRO C N   
535 C CA  . PRO C 5  ? 0.2657 0.1513 0.1468 -0.0346 -0.0146 0.0315  4  PRO C CA  
536 C C   . PRO C 5  ? 0.2352 0.0838 0.1161 0.0011  -0.0248 0.0332  4  PRO C C   
537 O O   . PRO C 5  ? 0.2053 0.0714 0.1054 -0.0334 -0.0293 0.0255  4  PRO C O   
538 C CB  . PRO C 5  ? 0.2524 0.2314 0.1498 -0.0959 0.0225  0.0251  4  PRO C CB  
539 C CG  . PRO C 5  ? 0.2541 0.2344 0.2388 -0.0973 0.0095  0.0368  4  PRO C CG  
540 C CD  . PRO C 5  ? 0.2811 0.1574 0.1707 -0.0870 -0.0211 0.0456  4  PRO C CD  
548 N N   . PRO C 6  ? 0.2535 0.0959 0.1342 0.0369  -0.0329 0.0267  5  PRO C N   
549 C CA  . PRO C 6  ? 0.2046 0.0806 0.1637 0.0276  -0.0633 -0.0188 5  PRO C CA  
550 C C   . PRO C 6  ? 0.0851 0.0684 0.2108 0.0054  -0.0290 0.0106  5  PRO C C   
551 O O   . PRO C 6  ? 0.1594 0.0664 0.1405 0.0057  -0.0063 0.0249  5  PRO C O   
552 C CB  . PRO C 6  ? 0.2714 0.1136 0.1761 0.0217  -0.1086 -0.0300 5  PRO C CB  
553 C CG  . PRO C 6  ? 0.4182 0.1286 0.1818 -0.0127 -0.0423 -0.0340 5  PRO C CG  
554 C CD  . PRO C 6  ? 0.4004 0.1124 0.1469 0.0134  -0.0418 -0.0145 5  PRO C CD  
562 N N   . GLY C 7  ? 0.0988 0.0623 0.1628 0.0068  0.0072  0.0004  6  GLY C N   
563 C CA  . GLY C 7  ? 0.0825 0.0490 0.1308 0.0202  0.0082  0.0158  6  GLY C CA  
564 C C   . GLY C 7  ? 0.0545 0.0572 0.1220 0.0140  0.0059  0.0258  6  GLY C C   
565 O O   . GLY C 7  ? 0.0874 0.0713 0.1111 0.0116  0.0072  0.0282  6  GLY C O   
569 N N   . PRO C 8  ? 0.0512 0.0736 0.1228 -0.0025 0.0076  0.0147  7  PRO C N   
570 C CA  . PRO C 8  ? 0.0615 0.0819 0.1421 0.0159  0.0266  0.0151  7  PRO C CA  
571 C C   . PRO C 8  ? 0.0584 0.0619 0.1024 0.0168  0.0141  0.0417  7  PRO C C   
572 O O   . PRO C 8  ? 0.0476 0.0545 0.1259 0.0079  0.0093  0.0390  7  PRO C O   
573 C CB  . PRO C 8  ? 0.0586 0.1523 0.2258 0.0107  0.0041  0.0002  7  PRO C CB  
574 C CG  . PRO C 8  ? 0.0922 0.2120 0.2196 0.0545  -0.0149 0.0181  7  PRO C CG  
575 C CD  . PRO C 8  ? 0.0762 0.1146 0.1515 0.0028  -0.0046 0.0204  7  PRO C CD  
583 N N   . THR C 9  ? 0.0738 0.0772 0.0917 0.0023  0.0188  0.0193  8  THR C N   
584 C CA  . THR C 9  ? 0.0893 0.0585 0.0980 -0.0033 0.0142  0.0267  8  THR C CA  
585 C C   . THR C 9  ? 0.0605 0.0352 0.0914 -0.0042 0.0142  0.0049  8  THR C C   
586 O O   . THR C 9  ? 0.0657 0.0632 0.1134 0.0066  0.0250  0.0409  8  THR C O   
587 C CB  . THR C 9  ? 0.1617 0.0772 0.0871 0.0175  0.0188  0.0268  8  THR C CB  
588 O OG1 . THR C 9  ? 0.2607 0.1188 0.1241 -0.0330 -0.0223 0.0254  8  THR C OG1 
589 C CG2 . THR C 9  ? 0.1627 0.0666 0.1017 0.0012  0.0150  0.0165  8  THR C CG2 
597 N N   . GLY C 10 ? 0.0516 0.0454 0.1017 -0.0068 0.0151  0.0164  9  GLY C N   
598 C CA  . GLY C 10 ? 0.0552 0.0454 0.0951 0.0152  0.0288  0.0127  9  GLY C CA  
599 C C   . GLY C 10 ? 0.0362 0.0333 0.0601 -0.0123 0.0158  0.0037  9  GLY C C   
600 O O   . GLY C 10 ? 0.0547 0.0338 0.0699 -0.0097 0.0220  0.0017  9  GLY C O   
604 N N   . PRO C 11 ? 0.0265 0.0348 0.0798 -0.0075 0.0129  -0.0090 10 PRO C N   
605 C CA  . PRO C 11 ? 0.0270 0.0322 0.0944 -0.0015 0.0009  -0.0030 10 PRO C CA  
606 C C   . PRO C 11 ? 0.0359 0.0296 0.0845 -0.0062 0.0066  0.0111  10 PRO C C   
607 O O   . PRO C 11 ? 0.0407 0.0314 0.0828 -0.0132 0.0041  -0.0029 10 PRO C O   
608 C CB  . PRO C 11 ? 0.0539 0.0402 0.1195 -0.0139 -0.0175 0.0048  10 PRO C CB  
609 C CG  . PRO C 11 ? 0.0425 0.0581 0.0798 -0.0027 0.0037  -0.0227 10 PRO C CG  
610 C CD  . PRO C 11 ? 0.0572 0.0405 0.0703 0.0022  0.0020  -0.0001 10 PRO C CD  
618 N N   . ARG C 12 ? 0.0281 0.0525 0.1028 -0.0057 0.0076  0.0037  11 ARG C N   
619 C CA  . ARG C 12 ? 0.0784 0.0316 0.0749 0.0063  0.0245  -0.0040 11 ARG C CA  
620 C C   . ARG C 12 ? 0.0785 0.0277 0.0720 -0.0086 0.0006  -0.0114 11 ARG C C   
621 O O   . ARG C 12 ? 0.0852 0.0333 0.0795 -0.0063 -0.0017 -0.0135 11 ARG C O   
622 C CB  . ARG C 12 ? 0.0902 0.0641 0.1155 0.0117  0.0502  -0.0138 11 ARG C CB  
623 C CG  . ARG C 12 ? 0.1304 0.0679 0.1787 -0.0025 0.0688  -0.0195 11 ARG C CG  
624 C CD  . ARG C 12 ? 0.1628 0.1017 0.2349 -0.0158 0.0888  -0.0207 11 ARG C CD  
625 N NE  . ARG C 12 ? 0.2824 0.1441 0.2863 -0.0078 0.1121  -0.0292 11 ARG C NE  
626 C CZ  . ARG C 12 ? 0.2609 0.2243 0.2482 -0.0220 0.1410  -0.0509 11 ARG C CZ  
627 N NH1 . ARG C 12 ? 0.2654 0.2727 0.2662 0.0308  0.1469  -0.0419 11 ARG C NH1 
628 N NH2 . ARG C 12 ? 0.3327 0.2895 0.3451 -0.0239 0.2023  -0.0249 11 ARG C NH2 
642 N N   . GLY C 13 ? 0.0798 0.0327 0.0549 -0.0052 0.0075  -0.0006 12 GLY C N   
643 C CA  . GLY C 13 ? 0.0846 0.0305 0.0577 -0.0049 0.0239  0.0022  12 GLY C CA  
644 C C   . GLY C 13 ? 0.0847 0.0321 0.0540 -0.0061 0.0052  -0.0014 12 GLY C C   
645 O O   . GLY C 13 ? 0.0908 0.0270 0.0666 -0.0027 0.0025  -0.0027 12 GLY C O   
649 N N   . PRO C 14 ? 0.0901 0.0716 0.0396 -0.0103 -0.0118 0.0115  13 PRO C N   
650 C CA  . PRO C 14 ? 0.1467 0.0930 0.0372 -0.0033 -0.0041 0.0038  13 PRO C CA  
651 C C   . PRO C 14 ? 0.1061 0.0576 0.0373 -0.0187 -0.0029 0.0155  13 PRO C C   
652 O O   . PRO C 14 ? 0.0948 0.0443 0.0561 -0.0207 0.0040  0.0183  13 PRO C O   
653 C CB  . PRO C 14 ? 0.2096 0.0753 0.0575 0.0027  0.0204  0.0047  13 PRO C CB  
654 C CG  . PRO C 14 ? 0.1959 0.1156 0.0757 -0.0018 0.0456  0.0110  13 PRO C CG  
655 C CD  . PRO C 14 ? 0.1233 0.1038 0.0484 -0.0183 0.0157  -0.0025 13 PRO C CD  
663 N N   . PRO C 15 ? 0.1088 0.0791 0.0517 -0.0267 0.0009  0.0200  14 PRO C N   
664 C CA  . PRO C 15 ? 0.1170 0.0705 0.0601 -0.0132 0.0185  0.0090  14 PRO C CA  
665 C C   . PRO C 15 ? 0.1005 0.0531 0.0487 -0.0001 0.0312  0.0121  14 PRO C C   
666 O O   . PRO C 15 ? 0.1042 0.0776 0.0637 -0.0238 0.0338  0.0134  14 PRO C O   
667 C CB  . PRO C 15 ? 0.1139 0.0882 0.0931 0.0067  0.0086  0.0248  14 PRO C CB  
668 C CG  . PRO C 15 ? 0.0907 0.1203 0.0903 0.0093  0.0047  0.0185  14 PRO C CG  
669 C CD  . PRO C 15 ? 0.0917 0.1155 0.0686 -0.0230 -0.0200 0.0034  14 PRO C CD  
677 N N   . GLY C 16 ? 0.1021 0.0527 0.0646 -0.0033 0.0181  0.0160  15 GLY C N   
678 C CA  . GLY C 16 ? 0.1015 0.0599 0.0590 -0.0228 0.0005  0.0100  15 GLY C CA  
679 C C   . GLY C 16 ? 0.1115 0.0740 0.0805 -0.0191 0.0181  0.0183  15 GLY C C   
680 O O   . GLY C 16 ? 0.1401 0.0787 0.0883 -0.0186 0.0110  0.0394  15 GLY C O   
684 N N   . PRO C 17 ? 0.1286 0.0883 0.0698 -0.0151 0.0315  0.0242  16 PRO C N   
685 C CA  . PRO C 17 ? 0.1433 0.0897 0.0771 -0.0179 0.0402  0.0232  16 PRO C CA  
686 C C   . PRO C 17 ? 0.1310 0.0621 0.0805 -0.0314 0.0328  0.0087  16 PRO C C   
687 O O   . PRO C 17 ? 0.1240 0.0870 0.0725 -0.0019 0.0121  0.0218  16 PRO C O   
688 C CB  . PRO C 17 ? 0.1743 0.1257 0.1544 -0.0002 0.0699  0.0558  16 PRO C CB  
689 C CG  . PRO C 17 ? 0.1234 0.1462 0.1788 -0.0040 0.0427  0.0726  16 PRO C CG  
690 C CD  . PRO C 17 ? 0.1014 0.0998 0.1357 -0.0105 0.0241  0.0269  16 PRO C CD  
698 N N   . PRO C 18 ? 0.1789 0.0787 0.0729 -0.0165 0.0256  0.0207  17 PRO C N   
699 C CA  . PRO C 18 ? 0.2057 0.1050 0.0832 -0.0190 -0.0164 0.0321  17 PRO C CA  
700 C C   . PRO C 18 ? 0.2500 0.1286 0.1419 -0.0525 -0.0580 0.0475  17 PRO C C   
701 O O   . PRO C 18 ? 0.2651 0.2077 0.1968 -0.1024 -0.0545 0.0424  17 PRO C O   
702 C CB  . PRO C 18 ? 0.1733 0.1053 0.1122 -0.0276 -0.0517 0.0110  17 PRO C CB  
703 C CG  . PRO C 18 ? 0.2382 0.1535 0.1148 0.0036  0.0032  0.0536  17 PRO C CG  
704 C CD  . PRO C 18 ? 0.2297 0.1287 0.0946 0.0001  0.0432  0.0366  17 PRO C CD  
712 N N   . GLY C 19 ? 0.3250 0.1717 0.1345 -0.0690 -0.0468 -0.0167 18 GLY C N   
713 C CA  . GLY C 19 ? 0.2662 0.1628 0.1804 -0.0414 -0.0659 0.0227  18 GLY C CA  
714 C C   . GLY C 19 ? 0.1723 0.1553 0.1476 0.0115  -0.0701 0.0169  18 GLY C C   
715 O O   . GLY C 19 ? 0.1610 0.1990 0.1700 0.0014  -0.0032 0.0105  18 GLY C O   
716 N N   . NH2 C 20 ? 0.1899 0.1553 0.1363 0.0013  -0.0214 -0.0299 19 NH2 C N   
# 
